data_3OV1
# 
_entry.id   3OV1 
# 
_audit_conform.dict_name       mmcif_pdbx.dic 
_audit_conform.dict_version    5.382 
_audit_conform.dict_location   http://mmcif.pdb.org/dictionaries/ascii/mmcif_pdbx.dic 
# 
loop_
_database_2.database_id 
_database_2.database_code 
_database_2.pdbx_database_accession 
_database_2.pdbx_DOI 
PDB   3OV1         pdb_00003ov1 10.2210/pdb3ov1/pdb 
RCSB  RCSB061608   ?            ?                   
WWPDB D_1000061608 ?            ?                   
# 
loop_
_pdbx_database_related.db_name 
_pdbx_database_related.db_id 
_pdbx_database_related.details 
_pdbx_database_related.content_type 
PDB 3S8L . unspecified 
PDB 3OVE . unspecified 
PDB 3OVF . unspecified 
PDB 3KFJ . unspecified 
PDB 3IMD . unspecified 
PDB 3IMJ . unspecified 
PDB 3IN7 . unspecified 
PDB 3IN8 . unspecified 
PDB 2H5K . unspecified 
PDB 3S8O . unspecified 
PDB 3S8N . unspecified 
# 
_pdbx_database_status.status_code                     REL 
_pdbx_database_status.entry_id                        3OV1 
_pdbx_database_status.recvd_initial_deposition_date   2010-09-15 
_pdbx_database_status.deposit_site                    RCSB 
_pdbx_database_status.process_site                    RCSB 
_pdbx_database_status.status_code_sf                  REL 
_pdbx_database_status.status_code_mr                  ? 
_pdbx_database_status.SG_entry                        ? 
_pdbx_database_status.status_code_cs                  ? 
_pdbx_database_status.pdb_format_compatible           Y 
_pdbx_database_status.status_code_nmr_data            ? 
_pdbx_database_status.methods_development_category    ? 
# 
loop_
_audit_author.name 
_audit_author.pdbx_ordinal 
'Clements, J.H.' 1 
'Martin, S.F.'   2 
# 
_citation.id                        primary 
_citation.title                     
'Protein-ligand interactions: thermodynamic effects associated with increasing nonpolar surface area.' 
_citation.journal_abbrev            J.Am.Chem.Soc. 
_citation.journal_volume            133 
_citation.page_first                18518 
_citation.page_last                 18521 
_citation.year                      2011 
_citation.journal_id_ASTM           JACSAT 
_citation.country                   US 
_citation.journal_id_ISSN           0002-7863 
_citation.journal_id_CSD            0004 
_citation.book_publisher            ? 
_citation.pdbx_database_id_PubMed   22007755 
_citation.pdbx_database_id_DOI      10.1021/ja2068752 
# 
loop_
_citation_author.citation_id 
_citation_author.name 
_citation_author.ordinal 
_citation_author.identifier_ORCID 
primary 'Myslinski, J.M.' 1 ? 
primary 'Delorbe, J.E.'   2 ? 
primary 'Clements, J.H.'  3 ? 
primary 'Martin, S.F.'    4 ? 
# 
_cell.entry_id           3OV1 
_cell.length_a           42.131 
_cell.length_b           42.131 
_cell.length_c           108.983 
_cell.angle_alpha        90.00 
_cell.angle_beta         90.00 
_cell.angle_gamma        90.00 
_cell.Z_PDB              8 
_cell.pdbx_unique_axis   ? 
_cell.length_a_esd       ? 
_cell.length_b_esd       ? 
_cell.length_c_esd       ? 
_cell.angle_alpha_esd    ? 
_cell.angle_beta_esd     ? 
_cell.angle_gamma_esd    ? 
# 
_symmetry.entry_id                         3OV1 
_symmetry.space_group_name_H-M             'P 43 21 2' 
_symmetry.pdbx_full_space_group_name_H-M   ? 
_symmetry.cell_setting                     ? 
_symmetry.Int_Tables_number                96 
_symmetry.space_group_name_Hall            ? 
# 
loop_
_entity.id 
_entity.type 
_entity.src_method 
_entity.pdbx_description 
_entity.formula_weight 
_entity.pdbx_number_of_molecules 
_entity.pdbx_ec 
_entity.pdbx_mutation 
_entity.pdbx_fragment 
_entity.details 
1 polymer     man 'Growth factor receptor-bound protein 2' 13758.543 1   ? ? 'unp residues 53-163' ? 
2 polymer     syn PYAC3CN                                  497.396   1   ? ? ?                     ? 
3 non-polymer syn GLYCEROL                                 92.094    2   ? ? ?                     ? 
4 non-polymer syn 'FORMIC ACID'                            46.025    1   ? ? ?                     ? 
5 non-polymer syn 'SODIUM ION'                             22.990    1   ? ? ?                     ? 
6 water       nat water                                    18.015    108 ? ? ?                     ? 
# 
_entity_name_com.entity_id   1 
_entity_name_com.name        'Adapter protein GRB2, SH2/SH3 adapter GRB2, Protein Ash' 
# 
loop_
_entity_poly.entity_id 
_entity_poly.type 
_entity_poly.nstd_linkage 
_entity_poly.nstd_monomer 
_entity_poly.pdbx_seq_one_letter_code 
_entity_poly.pdbx_seq_one_letter_code_can 
_entity_poly.pdbx_strand_id 
_entity_poly.pdbx_target_identifier 
1 'polypeptide(L)' no no  
;IEMKPHPWFFGKIPRAKAEEMLSKQRHDGAFLIRESESAPGDFSLSVKFGNDVQHFKVLRDGAGKYFLWVVKFNSLNELV
DYHRSTSVSRNQQIFLRDIEQVPQQPTYVQAHHHHHH
;
;IEMKPHPWFFGKIPRAKAEEMLSKQRHDGAFLIRESESAPGDFSLSVKFGNDVQHFKVLRDGAGKYFLWVVKFNSLNELV
DYHRSTSVSRNQQIFLRDIEQVPQQPTYVQAHHHHHH
;
A ? 
2 'polypeptide(L)' no yes '(ACT)(PTR)(1AC)N(NH2)' XYXNX B ? 
# 
loop_
_entity_poly_seq.entity_id 
_entity_poly_seq.num 
_entity_poly_seq.mon_id 
_entity_poly_seq.hetero 
1 1   ILE n 
1 2   GLU n 
1 3   MET n 
1 4   LYS n 
1 5   PRO n 
1 6   HIS n 
1 7   PRO n 
1 8   TRP n 
1 9   PHE n 
1 10  PHE n 
1 11  GLY n 
1 12  LYS n 
1 13  ILE n 
1 14  PRO n 
1 15  ARG n 
1 16  ALA n 
1 17  LYS n 
1 18  ALA n 
1 19  GLU n 
1 20  GLU n 
1 21  MET n 
1 22  LEU n 
1 23  SER n 
1 24  LYS n 
1 25  GLN n 
1 26  ARG n 
1 27  HIS n 
1 28  ASP n 
1 29  GLY n 
1 30  ALA n 
1 31  PHE n 
1 32  LEU n 
1 33  ILE n 
1 34  ARG n 
1 35  GLU n 
1 36  SER n 
1 37  GLU n 
1 38  SER n 
1 39  ALA n 
1 40  PRO n 
1 41  GLY n 
1 42  ASP n 
1 43  PHE n 
1 44  SER n 
1 45  LEU n 
1 46  SER n 
1 47  VAL n 
1 48  LYS n 
1 49  PHE n 
1 50  GLY n 
1 51  ASN n 
1 52  ASP n 
1 53  VAL n 
1 54  GLN n 
1 55  HIS n 
1 56  PHE n 
1 57  LYS n 
1 58  VAL n 
1 59  LEU n 
1 60  ARG n 
1 61  ASP n 
1 62  GLY n 
1 63  ALA n 
1 64  GLY n 
1 65  LYS n 
1 66  TYR n 
1 67  PHE n 
1 68  LEU n 
1 69  TRP n 
1 70  VAL n 
1 71  VAL n 
1 72  LYS n 
1 73  PHE n 
1 74  ASN n 
1 75  SER n 
1 76  LEU n 
1 77  ASN n 
1 78  GLU n 
1 79  LEU n 
1 80  VAL n 
1 81  ASP n 
1 82  TYR n 
1 83  HIS n 
1 84  ARG n 
1 85  SER n 
1 86  THR n 
1 87  SER n 
1 88  VAL n 
1 89  SER n 
1 90  ARG n 
1 91  ASN n 
1 92  GLN n 
1 93  GLN n 
1 94  ILE n 
1 95  PHE n 
1 96  LEU n 
1 97  ARG n 
1 98  ASP n 
1 99  ILE n 
1 100 GLU n 
1 101 GLN n 
1 102 VAL n 
1 103 PRO n 
1 104 GLN n 
1 105 GLN n 
1 106 PRO n 
1 107 THR n 
1 108 TYR n 
1 109 VAL n 
1 110 GLN n 
1 111 ALA n 
1 112 HIS n 
1 113 HIS n 
1 114 HIS n 
1 115 HIS n 
1 116 HIS n 
1 117 HIS n 
2 1   ACT n 
2 2   PTR n 
2 3   1AC n 
2 4   ASN n 
2 5   NH2 n 
# 
_entity_src_gen.entity_id                          1 
_entity_src_gen.pdbx_src_id                        1 
_entity_src_gen.pdbx_alt_source_flag               sample 
_entity_src_gen.pdbx_seq_type                      ? 
_entity_src_gen.pdbx_beg_seq_num                   ? 
_entity_src_gen.pdbx_end_seq_num                   ? 
_entity_src_gen.gene_src_common_name               ? 
_entity_src_gen.gene_src_genus                     ? 
_entity_src_gen.pdbx_gene_src_gene                 'GRB2, ASH' 
_entity_src_gen.gene_src_species                   ? 
_entity_src_gen.gene_src_strain                    SG13009 
_entity_src_gen.gene_src_tissue                    ? 
_entity_src_gen.gene_src_tissue_fraction           ? 
_entity_src_gen.gene_src_details                   ? 
_entity_src_gen.pdbx_gene_src_fragment             ? 
_entity_src_gen.pdbx_gene_src_scientific_name      'Homo sapiens' 
_entity_src_gen.pdbx_gene_src_ncbi_taxonomy_id     9606 
_entity_src_gen.pdbx_gene_src_variant              ? 
_entity_src_gen.pdbx_gene_src_cell_line            ? 
_entity_src_gen.pdbx_gene_src_atcc                 ? 
_entity_src_gen.pdbx_gene_src_organ                ? 
_entity_src_gen.pdbx_gene_src_organelle            ? 
_entity_src_gen.pdbx_gene_src_cell                 ? 
_entity_src_gen.pdbx_gene_src_cellular_location    ? 
_entity_src_gen.host_org_common_name               ? 
_entity_src_gen.pdbx_host_org_scientific_name      'Escherichia coli' 
_entity_src_gen.pdbx_host_org_ncbi_taxonomy_id     562 
_entity_src_gen.host_org_genus                     ? 
_entity_src_gen.pdbx_host_org_gene                 ? 
_entity_src_gen.pdbx_host_org_organ                ? 
_entity_src_gen.host_org_species                   ? 
_entity_src_gen.pdbx_host_org_tissue               ? 
_entity_src_gen.pdbx_host_org_tissue_fraction      ? 
_entity_src_gen.pdbx_host_org_strain               SG13009 
_entity_src_gen.pdbx_host_org_variant              ? 
_entity_src_gen.pdbx_host_org_cell_line            ? 
_entity_src_gen.pdbx_host_org_atcc                 ? 
_entity_src_gen.pdbx_host_org_culture_collection   ? 
_entity_src_gen.pdbx_host_org_cell                 ? 
_entity_src_gen.pdbx_host_org_organelle            ? 
_entity_src_gen.pdbx_host_org_cellular_location    ? 
_entity_src_gen.pdbx_host_org_vector_type          Plasmid 
_entity_src_gen.pdbx_host_org_vector               ? 
_entity_src_gen.host_org_details                   ? 
_entity_src_gen.expression_system_id               ? 
_entity_src_gen.plasmid_name                       pQE-60 
_entity_src_gen.plasmid_details                    ? 
_entity_src_gen.pdbx_description                   ? 
# 
loop_
_struct_ref.id 
_struct_ref.db_name 
_struct_ref.db_code 
_struct_ref.entity_id 
_struct_ref.pdbx_seq_one_letter_code 
_struct_ref.pdbx_align_begin 
_struct_ref.pdbx_db_accession 
_struct_ref.pdbx_db_isoform 
1 UNP GRB2_HUMAN 1 
;IEMKPHPWFFGKIPRAKAEEMLSKQRHDGAFLIRESESAPGDFSLSVKFGNDVQHFKVLRDGAGKYFLWVVKFNSLNELV
DYHRSTSVSRNQQIFLRDIEQVPQQPTYVQA
;
53 P62993 ? 
2 PDB 3OV1       2 ? ?  3OV1   ? 
# 
loop_
_struct_ref_seq.align_id 
_struct_ref_seq.ref_id 
_struct_ref_seq.pdbx_PDB_id_code 
_struct_ref_seq.pdbx_strand_id 
_struct_ref_seq.seq_align_beg 
_struct_ref_seq.pdbx_seq_align_beg_ins_code 
_struct_ref_seq.seq_align_end 
_struct_ref_seq.pdbx_seq_align_end_ins_code 
_struct_ref_seq.pdbx_db_accession 
_struct_ref_seq.db_align_beg 
_struct_ref_seq.pdbx_db_align_beg_ins_code 
_struct_ref_seq.db_align_end 
_struct_ref_seq.pdbx_db_align_end_ins_code 
_struct_ref_seq.pdbx_auth_seq_align_beg 
_struct_ref_seq.pdbx_auth_seq_align_end 
1 1 3OV1 A 1 ? 111 ? P62993 53 ? 163 ? 53 163 
2 2 3OV1 B 1 ? 5   ? 3OV1   1  ? 5   ? 1  5   
# 
loop_
_struct_ref_seq_dif.align_id 
_struct_ref_seq_dif.pdbx_pdb_id_code 
_struct_ref_seq_dif.mon_id 
_struct_ref_seq_dif.pdbx_pdb_strand_id 
_struct_ref_seq_dif.seq_num 
_struct_ref_seq_dif.pdbx_pdb_ins_code 
_struct_ref_seq_dif.pdbx_seq_db_name 
_struct_ref_seq_dif.pdbx_seq_db_accession_code 
_struct_ref_seq_dif.db_mon_id 
_struct_ref_seq_dif.pdbx_seq_db_seq_num 
_struct_ref_seq_dif.details 
_struct_ref_seq_dif.pdbx_auth_seq_num 
_struct_ref_seq_dif.pdbx_ordinal 
1 3OV1 HIS A 112 ? UNP P62993 ? ? 'expression tag' 164 1 
1 3OV1 HIS A 113 ? UNP P62993 ? ? 'expression tag' 165 2 
1 3OV1 HIS A 114 ? UNP P62993 ? ? 'expression tag' 166 3 
1 3OV1 HIS A 115 ? UNP P62993 ? ? 'expression tag' 167 4 
1 3OV1 HIS A 116 ? UNP P62993 ? ? 'expression tag' 168 5 
1 3OV1 HIS A 117 ? UNP P62993 ? ? 'expression tag' 169 6 
# 
loop_
_chem_comp.id 
_chem_comp.type 
_chem_comp.mon_nstd_flag 
_chem_comp.name 
_chem_comp.pdbx_synonyms 
_chem_comp.formula 
_chem_comp.formula_weight 
1AC 'peptide linking'   n '1-AMINOCYCLOPROPANECARBOXYLIC ACID' ?                               'C4 H7 N O2'     101.104 
ACT non-polymer         . 'ACETATE ION'                        ?                               'C2 H3 O2 -1'    59.044  
ALA 'L-peptide linking' y ALANINE                              ?                               'C3 H7 N O2'     89.093  
ARG 'L-peptide linking' y ARGININE                             ?                               'C6 H15 N4 O2 1' 175.209 
ASN 'L-peptide linking' y ASPARAGINE                           ?                               'C4 H8 N2 O3'    132.118 
ASP 'L-peptide linking' y 'ASPARTIC ACID'                      ?                               'C4 H7 N O4'     133.103 
FMT non-polymer         . 'FORMIC ACID'                        ?                               'C H2 O2'        46.025  
GLN 'L-peptide linking' y GLUTAMINE                            ?                               'C5 H10 N2 O3'   146.144 
GLU 'L-peptide linking' y 'GLUTAMIC ACID'                      ?                               'C5 H9 N O4'     147.129 
GLY 'peptide linking'   y GLYCINE                              ?                               'C2 H5 N O2'     75.067  
GOL non-polymer         . GLYCEROL                             'GLYCERIN; PROPANE-1,2,3-TRIOL' 'C3 H8 O3'       92.094  
HIS 'L-peptide linking' y HISTIDINE                            ?                               'C6 H10 N3 O2 1' 156.162 
HOH non-polymer         . WATER                                ?                               'H2 O'           18.015  
ILE 'L-peptide linking' y ISOLEUCINE                           ?                               'C6 H13 N O2'    131.173 
LEU 'L-peptide linking' y LEUCINE                              ?                               'C6 H13 N O2'    131.173 
LYS 'L-peptide linking' y LYSINE                               ?                               'C6 H15 N2 O2 1' 147.195 
MET 'L-peptide linking' y METHIONINE                           ?                               'C5 H11 N O2 S'  149.211 
NA  non-polymer         . 'SODIUM ION'                         ?                               'Na 1'           22.990  
NH2 non-polymer         . 'AMINO GROUP'                        ?                               'H2 N'           16.023  
PHE 'L-peptide linking' y PHENYLALANINE                        ?                               'C9 H11 N O2'    165.189 
PRO 'L-peptide linking' y PROLINE                              ?                               'C5 H9 N O2'     115.130 
PTR 'L-peptide linking' n O-PHOSPHOTYROSINE                    PHOSPHONOTYROSINE               'C9 H12 N O6 P'  261.168 
SER 'L-peptide linking' y SERINE                               ?                               'C3 H7 N O3'     105.093 
THR 'L-peptide linking' y THREONINE                            ?                               'C4 H9 N O3'     119.119 
TRP 'L-peptide linking' y TRYPTOPHAN                           ?                               'C11 H12 N2 O2'  204.225 
TYR 'L-peptide linking' y TYROSINE                             ?                               'C9 H11 N O3'    181.189 
VAL 'L-peptide linking' y VALINE                               ?                               'C5 H11 N O2'    117.146 
# 
_exptl.entry_id          3OV1 
_exptl.method            'X-RAY DIFFRACTION' 
_exptl.crystals_number   1 
# 
_exptl_crystal.id                    1 
_exptl_crystal.density_meas          ? 
_exptl_crystal.density_Matthews      1.78 
_exptl_crystal.density_percent_sol   27.48 
_exptl_crystal.description           ? 
_exptl_crystal.F_000                 ? 
_exptl_crystal.preparation           ? 
# 
_exptl_crystal_grow.crystal_id      1 
_exptl_crystal_grow.method          'VAPOR DIFFUSION, HANGING DROP' 
_exptl_crystal_grow.temp            298 
_exptl_crystal_grow.temp_details    ? 
_exptl_crystal_grow.pH              7.5 
_exptl_crystal_grow.pdbx_details    
'0.1 M HEPES, 20% w/v Polyethylene Glycol 10,000, pH 7.5, VAPOR DIFFUSION, HANGING DROP, temperature 298K' 
_exptl_crystal_grow.pdbx_pH_range   ? 
# 
_diffrn.id                     1 
_diffrn.ambient_temp           100 
_diffrn.ambient_temp_details   ? 
_diffrn.crystal_id             1 
# 
_diffrn_detector.diffrn_id              1 
_diffrn_detector.detector               'IMAGE PLATE' 
_diffrn_detector.type                   'RIGAKU RAXIS IV++' 
_diffrn_detector.pdbx_collection_date   2010-04-10 
_diffrn_detector.details                ? 
# 
_diffrn_radiation.diffrn_id                        1 
_diffrn_radiation.wavelength_id                    1 
_diffrn_radiation.pdbx_monochromatic_or_laue_m_l   M 
_diffrn_radiation.monochromator                    'Blue max-flux confocal' 
_diffrn_radiation.pdbx_diffrn_protocol             'SINGLE WAVELENGTH' 
_diffrn_radiation.pdbx_scattering_type             x-ray 
# 
_diffrn_radiation_wavelength.id           1 
_diffrn_radiation_wavelength.wavelength   1.5418 
_diffrn_radiation_wavelength.wt           1.0 
# 
_diffrn_source.diffrn_id                   1 
_diffrn_source.source                      'ROTATING ANODE' 
_diffrn_source.type                        'RIGAKU RU200' 
_diffrn_source.pdbx_synchrotron_site       ? 
_diffrn_source.pdbx_synchrotron_beamline   ? 
_diffrn_source.pdbx_wavelength             ? 
_diffrn_source.pdbx_wavelength_list        1.5418 
# 
_reflns.entry_id                     3OV1 
_reflns.observed_criterion_sigma_I   0 
_reflns.observed_criterion_sigma_F   0 
_reflns.d_resolution_low             50.00 
_reflns.d_resolution_high            1.60 
_reflns.number_obs                   12936 
_reflns.number_all                   ? 
_reflns.percent_possible_obs         94.0 
_reflns.pdbx_Rmerge_I_obs            ? 
_reflns.pdbx_Rsym_value              0.063 
_reflns.pdbx_netI_over_sigmaI        22.3 
_reflns.B_iso_Wilson_estimate        ? 
_reflns.pdbx_redundancy              13.7 
_reflns.R_free_details               ? 
_reflns.limit_h_max                  ? 
_reflns.limit_h_min                  ? 
_reflns.limit_k_max                  ? 
_reflns.limit_k_min                  ? 
_reflns.limit_l_max                  ? 
_reflns.limit_l_min                  ? 
_reflns.observed_criterion_F_max     ? 
_reflns.observed_criterion_F_min     ? 
_reflns.pdbx_chi_squared             ? 
_reflns.pdbx_scaling_rejects         ? 
_reflns.pdbx_ordinal                 1 
_reflns.pdbx_diffrn_id               1 
# 
_reflns_shell.d_res_high             1.60 
_reflns_shell.d_res_low              1.66 
_reflns_shell.percent_possible_all   88.3 
_reflns_shell.pdbx_Rsym_value        0.130 
_reflns_shell.meanI_over_sigI_obs    17.5 
_reflns_shell.pdbx_redundancy        13.9 
_reflns_shell.percent_possible_obs   ? 
_reflns_shell.number_unique_all      1181 
_reflns_shell.number_measured_all    ? 
_reflns_shell.number_measured_obs    ? 
_reflns_shell.number_unique_obs      ? 
_reflns_shell.pdbx_chi_squared       ? 
_reflns_shell.Rmerge_I_obs           ? 
_reflns_shell.pdbx_ordinal           1 
_reflns_shell.pdbx_diffrn_id         1 
# 
_refine.entry_id                                 3OV1 
_refine.ls_number_reflns_obs                     12381 
_refine.ls_number_reflns_all                     ? 
_refine.pdbx_ls_sigma_I                          . 
_refine.pdbx_ls_sigma_F                          . 
_refine.pdbx_data_cutoff_high_absF               ? 
_refine.pdbx_data_cutoff_low_absF                ? 
_refine.pdbx_data_cutoff_high_rms_absF           ? 
_refine.ls_d_res_low                             23.04 
_refine.ls_d_res_high                            1.60 
_refine.ls_percent_reflns_obs                    95.88 
_refine.ls_R_factor_obs                          0.16381 
_refine.ls_R_factor_all                          ? 
_refine.ls_R_factor_R_work                       0.16145 
_refine.ls_R_factor_R_free                       0.21383 
_refine.ls_R_factor_R_free_error                 ? 
_refine.ls_R_factor_R_free_error_details         ? 
_refine.ls_percent_reflns_R_free                 5.0 
_refine.ls_number_reflns_R_free                  645 
_refine.ls_number_parameters                     ? 
_refine.ls_number_restraints                     ? 
_refine.occupancy_min                            ? 
_refine.occupancy_max                            ? 
_refine.correlation_coeff_Fo_to_Fc               0.963 
_refine.correlation_coeff_Fo_to_Fc_free          0.930 
_refine.B_iso_mean                               15.784 
_refine.aniso_B[1][1]                            -0.03 
_refine.aniso_B[2][2]                            -0.03 
_refine.aniso_B[3][3]                            0.05 
_refine.aniso_B[1][2]                            0.00 
_refine.aniso_B[1][3]                            0.00 
_refine.aniso_B[2][3]                            0.00 
_refine.solvent_model_details                    'BABINET MODEL WITH MASK' 
_refine.solvent_model_param_ksol                 ? 
_refine.solvent_model_param_bsol                 ? 
_refine.pdbx_solvent_vdw_probe_radii             1.40 
_refine.pdbx_solvent_ion_probe_radii             0.80 
_refine.pdbx_solvent_shrinkage_radii             0.80 
_refine.pdbx_ls_cross_valid_method               THROUGHOUT 
_refine.details                                  ? 
_refine.pdbx_starting_model                      'PDB entry 3C71' 
_refine.pdbx_method_to_determine_struct          'MOLECULAR REPLACEMENT' 
_refine.pdbx_isotropic_thermal_model             ? 
_refine.pdbx_stereochemistry_target_values       'MAXIMUM LIKELIHOOD' 
_refine.pdbx_stereochem_target_val_spec_case     ? 
_refine.pdbx_R_Free_selection_details            RANDOM 
_refine.pdbx_overall_ESU_R_Free                  0.103 
_refine.overall_SU_ML                            0.044 
_refine.overall_SU_B                             1.199 
_refine.overall_SU_R_Cruickshank_DPI             ? 
_refine.ls_redundancy_reflns_obs                 ? 
_refine.B_iso_min                                ? 
_refine.B_iso_max                                ? 
_refine.overall_SU_R_free                        ? 
_refine.ls_wR_factor_R_free                      ? 
_refine.ls_wR_factor_R_work                      ? 
_refine.overall_FOM_free_R_set                   ? 
_refine.overall_FOM_work_R_set                   ? 
_refine.pdbx_overall_phase_error                 ? 
_refine.pdbx_refine_id                           'X-RAY DIFFRACTION' 
_refine.pdbx_diffrn_id                           1 
_refine.pdbx_overall_ESU_R                       ? 
_refine.pdbx_TLS_residual_ADP_flag               ? 
_refine.pdbx_overall_SU_R_free_Cruickshank_DPI   ? 
_refine.pdbx_overall_SU_R_Blow_DPI               ? 
_refine.pdbx_overall_SU_R_free_Blow_DPI          ? 
# 
_refine_hist.pdbx_refine_id                   'X-RAY DIFFRACTION' 
_refine_hist.cycle_id                         LAST 
_refine_hist.pdbx_number_atoms_protein        867 
_refine_hist.pdbx_number_atoms_nucleic_acid   0 
_refine_hist.pdbx_number_atoms_ligand         16 
_refine_hist.number_atoms_solvent             108 
_refine_hist.number_atoms_total               991 
_refine_hist.d_res_high                       1.60 
_refine_hist.d_res_low                        23.04 
# 
loop_
_refine_ls_restr.type 
_refine_ls_restr.dev_ideal 
_refine_ls_restr.dev_ideal_target 
_refine_ls_restr.weight 
_refine_ls_restr.number 
_refine_ls_restr.pdbx_refine_id 
_refine_ls_restr.pdbx_restraint_function 
r_bond_refined_d       0.030  0.022  ? 963  'X-RAY DIFFRACTION' ? 
r_angle_refined_deg    2.553  1.976  ? 1307 'X-RAY DIFFRACTION' ? 
r_dihedral_angle_1_deg 6.967  5.000  ? 115  'X-RAY DIFFRACTION' ? 
r_dihedral_angle_2_deg 29.897 23.191 ? 47   'X-RAY DIFFRACTION' ? 
r_dihedral_angle_3_deg 11.424 15.000 ? 162  'X-RAY DIFFRACTION' ? 
r_dihedral_angle_4_deg 15.725 15.000 ? 7    'X-RAY DIFFRACTION' ? 
r_chiral_restr         0.488  0.200  ? 130  'X-RAY DIFFRACTION' ? 
r_gen_planes_refined   0.016  0.021  ? 760  'X-RAY DIFFRACTION' ? 
r_mcbond_it            1.478  1.500  ? 551  'X-RAY DIFFRACTION' ? 
r_mcangle_it           2.345  2.000  ? 895  'X-RAY DIFFRACTION' ? 
r_scbond_it            3.249  3.000  ? 412  'X-RAY DIFFRACTION' ? 
r_scangle_it           4.668  4.500  ? 408  'X-RAY DIFFRACTION' ? 
# 
_refine_ls_shell.pdbx_total_number_of_bins_used   20 
_refine_ls_shell.d_res_high                       1.603 
_refine_ls_shell.d_res_low                        1.645 
_refine_ls_shell.number_reflns_R_work             866 
_refine_ls_shell.R_factor_R_work                  0.283 
_refine_ls_shell.percent_reflns_obs               95.40 
_refine_ls_shell.R_factor_R_free                  0.370 
_refine_ls_shell.R_factor_R_free_error            ? 
_refine_ls_shell.percent_reflns_R_free            ? 
_refine_ls_shell.number_reflns_R_free             46 
_refine_ls_shell.number_reflns_all                ? 
_refine_ls_shell.R_factor_all                     ? 
_refine_ls_shell.number_reflns_obs                ? 
_refine_ls_shell.redundancy_reflns_obs            ? 
_refine_ls_shell.pdbx_refine_id                   'X-RAY DIFFRACTION' 
# 
_struct.entry_id                  3OV1 
_struct.title                     'Crystal Structure of the Grb2 SH2 Domain in Complex with a pYXN-Derived Tripeptide' 
_struct.pdbx_model_details        ? 
_struct.pdbx_CASP_flag            ? 
_struct.pdbx_model_type_details   ? 
# 
_struct_keywords.entry_id        3OV1 
_struct_keywords.pdbx_keywords   'SIGNALING PROTEIN/ANTAGONIST' 
_struct_keywords.text            
'Grb2 SH2 Domain, Phosphotyrosine Binding, SIGNALING PROTEIN, SIGNALING PROTEIN-ANTAGONIST complex' 
# 
loop_
_struct_asym.id 
_struct_asym.pdbx_blank_PDB_chainid_flag 
_struct_asym.pdbx_modified 
_struct_asym.entity_id 
_struct_asym.details 
A N N 1 ? 
B N N 2 ? 
C N N 3 ? 
D N N 3 ? 
E N N 4 ? 
F N N 5 ? 
G N N 6 ? 
H N N 6 ? 
# 
_struct_biol.id        1 
_struct_biol.details   ? 
# 
loop_
_struct_conf.conf_type_id 
_struct_conf.id 
_struct_conf.pdbx_PDB_helix_id 
_struct_conf.beg_label_comp_id 
_struct_conf.beg_label_asym_id 
_struct_conf.beg_label_seq_id 
_struct_conf.pdbx_beg_PDB_ins_code 
_struct_conf.end_label_comp_id 
_struct_conf.end_label_asym_id 
_struct_conf.end_label_seq_id 
_struct_conf.pdbx_end_PDB_ins_code 
_struct_conf.beg_auth_comp_id 
_struct_conf.beg_auth_asym_id 
_struct_conf.beg_auth_seq_id 
_struct_conf.end_auth_comp_id 
_struct_conf.end_auth_asym_id 
_struct_conf.end_auth_seq_id 
_struct_conf.pdbx_PDB_helix_class 
_struct_conf.details 
_struct_conf.pdbx_PDB_helix_length 
HELX_P HELX_P1 1 PRO A 14 ? LYS A 24 ? PRO A 66  LYS A 76  1 ? 11 
HELX_P HELX_P2 2 SER A 75 ? HIS A 83 ? SER A 127 HIS A 135 1 ? 9  
# 
_struct_conf_type.id          HELX_P 
_struct_conf_type.criteria    ? 
_struct_conf_type.reference   ? 
# 
loop_
_struct_conn.id 
_struct_conn.conn_type_id 
_struct_conn.pdbx_leaving_atom_flag 
_struct_conn.pdbx_PDB_id 
_struct_conn.ptnr1_label_asym_id 
_struct_conn.ptnr1_label_comp_id 
_struct_conn.ptnr1_label_seq_id 
_struct_conn.ptnr1_label_atom_id 
_struct_conn.pdbx_ptnr1_label_alt_id 
_struct_conn.pdbx_ptnr1_PDB_ins_code 
_struct_conn.pdbx_ptnr1_standard_comp_id 
_struct_conn.ptnr1_symmetry 
_struct_conn.ptnr2_label_asym_id 
_struct_conn.ptnr2_label_comp_id 
_struct_conn.ptnr2_label_seq_id 
_struct_conn.ptnr2_label_atom_id 
_struct_conn.pdbx_ptnr2_label_alt_id 
_struct_conn.pdbx_ptnr2_PDB_ins_code 
_struct_conn.ptnr1_auth_asym_id 
_struct_conn.ptnr1_auth_comp_id 
_struct_conn.ptnr1_auth_seq_id 
_struct_conn.ptnr2_auth_asym_id 
_struct_conn.ptnr2_auth_comp_id 
_struct_conn.ptnr2_auth_seq_id 
_struct_conn.ptnr2_symmetry 
_struct_conn.pdbx_ptnr3_label_atom_id 
_struct_conn.pdbx_ptnr3_label_seq_id 
_struct_conn.pdbx_ptnr3_label_comp_id 
_struct_conn.pdbx_ptnr3_label_asym_id 
_struct_conn.pdbx_ptnr3_label_alt_id 
_struct_conn.pdbx_ptnr3_PDB_ins_code 
_struct_conn.details 
_struct_conn.pdbx_dist_value 
_struct_conn.pdbx_value_order 
_struct_conn.pdbx_role 
covale1 covale both ? B PTR 2 C  ? ? ? 1_555 B 1AC 3  N ? ? B PTR 2 B 1AC 3   1_555 ? ? ? ? ? ? ? 1.360 ? ? 
covale2 covale both ? B 1AC 3 C  ? ? ? 1_555 B ASN 4  N ? ? B 1AC 3 B ASN 4   1_555 ? ? ? ? ? ? ? 1.343 ? ? 
covale3 covale both ? B ASN 4 C  ? ? ? 1_555 B NH2 5  N ? ? B ASN 4 B NH2 5   1_555 ? ? ? ? ? ? ? 1.342 ? ? 
metalc1 metalc ?    ? F NA  . NA ? ? ? 1_555 A VAL 58 O ? ? A NA  8 A VAL 110 1_555 ? ? ? ? ? ? ? 2.753 ? ? 
metalc2 metalc ?    ? F NA  . NA ? ? ? 1_555 G HOH .  O ? ? A NA  8 A HOH 203 1_555 ? ? ? ? ? ? ? 2.876 ? ? 
# 
loop_
_struct_conn_type.id 
_struct_conn_type.criteria 
_struct_conn_type.reference 
covale ? ? 
metalc ? ? 
# 
loop_
_struct_sheet.id 
_struct_sheet.type 
_struct_sheet.number_strands 
_struct_sheet.details 
A ? 3 ? 
B ? 3 ? 
# 
loop_
_struct_sheet_order.sheet_id 
_struct_sheet_order.range_id_1 
_struct_sheet_order.range_id_2 
_struct_sheet_order.offset 
_struct_sheet_order.sense 
A 1 2 ? anti-parallel 
A 2 3 ? anti-parallel 
B 1 2 ? anti-parallel 
B 2 3 ? anti-parallel 
# 
loop_
_struct_sheet_range.sheet_id 
_struct_sheet_range.id 
_struct_sheet_range.beg_label_comp_id 
_struct_sheet_range.beg_label_asym_id 
_struct_sheet_range.beg_label_seq_id 
_struct_sheet_range.pdbx_beg_PDB_ins_code 
_struct_sheet_range.end_label_comp_id 
_struct_sheet_range.end_label_asym_id 
_struct_sheet_range.end_label_seq_id 
_struct_sheet_range.pdbx_end_PDB_ins_code 
_struct_sheet_range.beg_auth_comp_id 
_struct_sheet_range.beg_auth_asym_id 
_struct_sheet_range.beg_auth_seq_id 
_struct_sheet_range.end_auth_comp_id 
_struct_sheet_range.end_auth_asym_id 
_struct_sheet_range.end_auth_seq_id 
A 1 PHE A 31 ? GLU A 35 ? PHE A 83  GLU A 87  
A 2 PHE A 43 ? PHE A 49 ? PHE A 95  PHE A 101 
A 3 ASP A 52 ? LYS A 57 ? ASP A 104 LYS A 109 
B 1 LEU A 59 ? ARG A 60 ? LEU A 111 ARG A 112 
B 2 TYR A 66 ? PHE A 67 ? TYR A 118 PHE A 119 
B 3 LYS A 72 ? PHE A 73 ? LYS A 124 PHE A 125 
# 
loop_
_pdbx_struct_sheet_hbond.sheet_id 
_pdbx_struct_sheet_hbond.range_id_1 
_pdbx_struct_sheet_hbond.range_id_2 
_pdbx_struct_sheet_hbond.range_1_label_atom_id 
_pdbx_struct_sheet_hbond.range_1_label_comp_id 
_pdbx_struct_sheet_hbond.range_1_label_asym_id 
_pdbx_struct_sheet_hbond.range_1_label_seq_id 
_pdbx_struct_sheet_hbond.range_1_PDB_ins_code 
_pdbx_struct_sheet_hbond.range_1_auth_atom_id 
_pdbx_struct_sheet_hbond.range_1_auth_comp_id 
_pdbx_struct_sheet_hbond.range_1_auth_asym_id 
_pdbx_struct_sheet_hbond.range_1_auth_seq_id 
_pdbx_struct_sheet_hbond.range_2_label_atom_id 
_pdbx_struct_sheet_hbond.range_2_label_comp_id 
_pdbx_struct_sheet_hbond.range_2_label_asym_id 
_pdbx_struct_sheet_hbond.range_2_label_seq_id 
_pdbx_struct_sheet_hbond.range_2_PDB_ins_code 
_pdbx_struct_sheet_hbond.range_2_auth_atom_id 
_pdbx_struct_sheet_hbond.range_2_auth_comp_id 
_pdbx_struct_sheet_hbond.range_2_auth_asym_id 
_pdbx_struct_sheet_hbond.range_2_auth_seq_id 
A 1 2 N LEU A 32 ? N LEU A 84  O SER A 46 ? O SER A 98  
A 2 3 N VAL A 47 ? N VAL A 99  O GLN A 54 ? O GLN A 106 
B 1 2 N LEU A 59 ? N LEU A 111 O PHE A 67 ? O PHE A 119 
B 2 3 N TYR A 66 ? N TYR A 118 O PHE A 73 ? O PHE A 125 
# 
loop_
_struct_site.id 
_struct_site.pdbx_evidence_code 
_struct_site.pdbx_auth_asym_id 
_struct_site.pdbx_auth_comp_id 
_struct_site.pdbx_auth_seq_id 
_struct_site.pdbx_auth_ins_code 
_struct_site.pdbx_num_residues 
_struct_site.details 
AC1 Software A GOL 174 ? 10 'BINDING SITE FOR RESIDUE GOL A 174' 
AC2 Software A GOL 6   ? 11 'BINDING SITE FOR RESIDUE GOL A 6'   
AC3 Software A FMT 7   ? 7  'BINDING SITE FOR RESIDUE FMT A 7'   
AC4 Software A NA  8   ? 4  'BINDING SITE FOR RESIDUE NA A 8'    
# 
loop_
_struct_site_gen.id 
_struct_site_gen.site_id 
_struct_site_gen.pdbx_num_res 
_struct_site_gen.label_comp_id 
_struct_site_gen.label_asym_id 
_struct_site_gen.label_seq_id 
_struct_site_gen.pdbx_auth_ins_code 
_struct_site_gen.auth_comp_id 
_struct_site_gen.auth_asym_id 
_struct_site_gen.auth_seq_id 
_struct_site_gen.label_atom_id 
_struct_site_gen.label_alt_id 
_struct_site_gen.symmetry 
_struct_site_gen.details 
1  AC1 10 SER A 23  ? SER A 75  . ? 7_565 ? 
2  AC1 10 GLN A 25  ? GLN A 77  . ? 7_565 ? 
3  AC1 10 ARG A 26  ? ARG A 78  . ? 7_565 ? 
4  AC1 10 ASP A 42  ? ASP A 94  . ? 1_555 ? 
5  AC1 10 LYS A 48  ? LYS A 100 . ? 7_565 ? 
6  AC1 10 LEU A 59  ? LEU A 111 . ? 1_555 ? 
7  AC1 10 ARG A 60  ? ARG A 112 . ? 1_555 ? 
8  AC1 10 HOH G .   ? HOH A 192 . ? 1_555 ? 
9  AC1 10 HOH G .   ? HOH A 197 . ? 7_565 ? 
10 AC1 10 HOH G .   ? HOH A 201 . ? 7_565 ? 
11 AC2 11 HOH G .   ? HOH A 35  . ? 6_455 ? 
12 AC2 11 ASP A 61  ? ASP A 113 . ? 6_455 ? 
13 AC2 11 TRP A 69  ? TRP A 121 . ? 1_555 ? 
14 AC2 11 LYS A 72  ? LYS A 124 . ? 6_455 ? 
15 AC2 11 HIS A 83  ? HIS A 135 . ? 1_555 ? 
16 AC2 11 THR A 86  ? THR A 138 . ? 1_555 ? 
17 AC2 11 SER A 87  ? SER A 139 . ? 1_555 ? 
18 AC2 11 SER A 89  ? SER A 141 . ? 1_555 ? 
19 AC2 11 ARG A 90  ? ARG A 142 . ? 1_555 ? 
20 AC2 11 HOH G .   ? HOH A 204 . ? 6_455 ? 
21 AC2 11 HOH G .   ? HOH A 233 . ? 1_555 ? 
22 AC3 7  HOH G .   ? HOH A 19  . ? 1_555 ? 
23 AC3 7  GLN A 25  ? GLN A 77  . ? 1_555 ? 
24 AC3 7  ARG A 26  ? ARG A 78  . ? 1_555 ? 
25 AC3 7  HIS A 27  ? HIS A 79  . ? 1_555 ? 
26 AC3 7  LYS A 57  ? LYS A 109 . ? 7_455 ? 
27 AC3 7  GLU A 100 ? GLU A 152 . ? 1_555 ? 
28 AC3 7  HOH G .   ? HOH A 208 . ? 1_555 ? 
29 AC4 4  ASP A 42  ? ASP A 94  . ? 1_555 ? 
30 AC4 4  PHE A 43  ? PHE A 95  . ? 1_555 ? 
31 AC4 4  VAL A 58  ? VAL A 110 . ? 1_555 ? 
32 AC4 4  HOH G .   ? HOH A 203 . ? 1_555 ? 
# 
_atom_sites.entry_id                    3OV1 
_atom_sites.fract_transf_matrix[1][1]   -0.00333267 
_atom_sites.fract_transf_matrix[1][2]   -0.02077539 
_atom_sites.fract_transf_matrix[1][3]   -0.01098301 
_atom_sites.fract_transf_matrix[2][1]   -0.00277761 
_atom_sites.fract_transf_matrix[2][2]   0.01136339 
_atom_sites.fract_transf_matrix[2][3]   -0.02065208 
_atom_sites.fract_transf_matrix[3][1]   0.00902141 
_atom_sites.fract_transf_matrix[3][2]   -0.00062417 
_atom_sites.fract_transf_matrix[3][3]   -0.00155677 
_atom_sites.fract_transf_vector[1]      -0.303817 
_atom_sites.fract_transf_vector[2]      0.054592 
_atom_sites.fract_transf_vector[3]      0.028140 
# 
loop_
_atom_type.symbol 
C  
N  
NA 
O  
P  
S  
# 
loop_
_atom_site.group_PDB 
_atom_site.id 
_atom_site.type_symbol 
_atom_site.label_atom_id 
_atom_site.label_alt_id 
_atom_site.label_comp_id 
_atom_site.label_asym_id 
_atom_site.label_entity_id 
_atom_site.label_seq_id 
_atom_site.pdbx_PDB_ins_code 
_atom_site.Cartn_x 
_atom_site.Cartn_y 
_atom_site.Cartn_z 
_atom_site.occupancy 
_atom_site.B_iso_or_equiv 
_atom_site.pdbx_formal_charge 
_atom_site.auth_seq_id 
_atom_site.auth_comp_id 
_atom_site.auth_asym_id 
_atom_site.auth_atom_id 
_atom_site.pdbx_PDB_model_num 
ATOM   1    N  N   . MET A 1 3   ? 6.172   -16.253 13.335  1.00 38.39 ? 55  MET A N   1 
ATOM   2    C  CA  . MET A 1 3   ? 6.550   -14.826 13.584  1.00 37.85 ? 55  MET A CA  1 
ATOM   3    C  C   . MET A 1 3   ? 5.348   -14.002 14.114  1.00 35.87 ? 55  MET A C   1 
ATOM   4    O  O   . MET A 1 3   ? 4.594   -14.452 15.017  1.00 35.10 ? 55  MET A O   1 
ATOM   5    C  CB  . MET A 1 3   ? 6.768   -14.294 12.107  0.00 26.77 ? 55  MET A CB  1 
ATOM   6    C  CG  . MET A 1 3   ? 7.660   -13.024 12.087  0.00 24.75 ? 55  MET A CG  1 
ATOM   7    S  SD  . MET A 1 3   ? 9.358   -13.528 11.784  0.00 23.28 ? 55  MET A SD  1 
ATOM   8    C  CE  . MET A 1 3   ? 9.050   -14.843 10.610  0.00 21.41 ? 55  MET A CE  1 
ATOM   9    N  N   . LYS A 1 4   ? 5.204   -12.782 13.578  1.00 34.25 ? 56  LYS A N   1 
ATOM   10   C  CA  . LYS A 1 4   ? 4.071   -11.878 13.921  1.00 31.37 ? 56  LYS A CA  1 
ATOM   11   C  C   . LYS A 1 4   ? 3.188   -11.640 12.687  1.00 26.15 ? 56  LYS A C   1 
ATOM   12   O  O   . LYS A 1 4   ? 3.699   -11.727 11.537  1.00 28.17 ? 56  LYS A O   1 
ATOM   13   C  CB  . LYS A 1 4   ? 4.557   -10.531 14.442  1.00 30.76 ? 56  LYS A CB  1 
ATOM   14   C  CG  . LYS A 1 4   ? 5.328   -10.633 15.852  1.00 34.44 ? 56  LYS A CG  1 
ATOM   15   C  CD  . LYS A 1 4   ? 5.770   -9.227  16.229  0.00 24.15 ? 56  LYS A CD  1 
ATOM   16   C  CE  . LYS A 1 4   ? 7.244   -8.867  16.358  0.00 23.06 ? 56  LYS A CE  1 
ATOM   17   N  NZ  . LYS A 1 4   ? 7.887   -8.465  15.069  0.00 21.58 ? 56  LYS A NZ  1 
ATOM   18   N  N   . PRO A 1 5   ? 1.895   -11.334 12.885  1.00 22.45 ? 57  PRO A N   1 
ATOM   19   C  CA  . PRO A 1 5   ? 1.107   -10.955 11.680  1.00 19.47 ? 57  PRO A CA  1 
ATOM   20   C  C   . PRO A 1 5   ? 1.660   -9.618  11.189  1.00 18.31 ? 57  PRO A C   1 
ATOM   21   O  O   . PRO A 1 5   ? 2.293   -8.873  11.956  1.00 20.42 ? 57  PRO A O   1 
ATOM   22   C  CB  . PRO A 1 5   ? -0.345  -10.867 12.175  1.00 19.05 ? 57  PRO A CB  1 
ATOM   23   C  CG  . PRO A 1 5   ? -0.193  -10.686 13.671  1.00 23.52 ? 57  PRO A CG  1 
ATOM   24   C  CD  . PRO A 1 5   ? 1.087   -11.297 14.104  1.00 23.54 ? 57  PRO A CD  1 
ATOM   25   N  N   . HIS A 1 6   ? 1.484   -9.322  9.913   1.00 15.55 ? 58  HIS A N   1 
ATOM   26   C  CA  . HIS A 1 6   ? 2.008   -7.999  9.431   1.00 15.71 ? 58  HIS A CA  1 
ATOM   27   C  C   . HIS A 1 6   ? 1.073   -6.874  9.796   1.00 18.23 ? 58  HIS A C   1 
ATOM   28   O  O   . HIS A 1 6   ? -0.186  -6.982  9.557   1.00 22.51 ? 58  HIS A O   1 
ATOM   29   C  CB  . HIS A 1 6   ? 2.045   -8.127  7.915   1.00 12.86 ? 58  HIS A CB  1 
ATOM   30   C  CG  . HIS A 1 6   ? 3.134   -9.004  7.429   1.00 14.37 ? 58  HIS A CG  1 
ATOM   31   N  ND1 . HIS A 1 6   ? 4.466   -8.785  7.758   1.00 18.04 ? 58  HIS A ND1 1 
ATOM   32   C  CD2 . HIS A 1 6   ? 3.113   -10.140 6.665   1.00 15.78 ? 58  HIS A CD2 1 
ATOM   33   C  CE1 . HIS A 1 6   ? 5.213   -9.697  7.144   1.00 17.09 ? 58  HIS A CE1 1 
ATOM   34   N  NE2 . HIS A 1 6   ? 4.417   -10.562 6.548   1.00 13.89 ? 58  HIS A NE2 1 
ATOM   35   N  N   . PRO A 1 7   ? 1.643   -5.716  10.156  1.00 15.79 ? 59  PRO A N   1 
ATOM   36   C  CA  . PRO A 1 7   ? 0.863   -4.582  10.602  1.00 15.11 ? 59  PRO A CA  1 
ATOM   37   C  C   . PRO A 1 7   ? 0.292   -3.796  9.467   1.00 15.73 ? 59  PRO A C   1 
ATOM   38   O  O   . PRO A 1 7   ? -0.396  -2.759  9.723   1.00 18.44 ? 59  PRO A O   1 
ATOM   39   C  CB  . PRO A 1 7   ? 1.965   -3.725  11.326  1.00 18.72 ? 59  PRO A CB  1 
ATOM   40   C  CG  . PRO A 1 7   ? 3.229   -3.982  10.559  1.00 20.02 ? 59  PRO A CG  1 
ATOM   41   C  CD  . PRO A 1 7   ? 3.136   -5.504  10.208  1.00 17.24 ? 59  PRO A CD  1 
ATOM   42   N  N   . TRP A 1 8   ? 0.460   -4.320  8.264   1.00 13.33 ? 60  TRP A N   1 
ATOM   43   C  CA  . TRP A 1 8   ? 0.047   -3.533  7.129   1.00 11.19 ? 60  TRP A CA  1 
ATOM   44   C  C   . TRP A 1 8   ? -1.136  -4.135  6.379   1.00 11.41 ? 60  TRP A C   1 
ATOM   45   O  O   . TRP A 1 8   ? -1.644  -3.504  5.458   1.00 12.04 ? 60  TRP A O   1 
ATOM   46   C  CB  . TRP A 1 8   ? 1.246   -3.301  6.147   1.00 13.56 ? 60  TRP A CB  1 
ATOM   47   C  CG  . TRP A 1 8   ? 2.088   -4.487  5.804   1.00 10.76 ? 60  TRP A CG  1 
ATOM   48   C  CD1 . TRP A 1 8   ? 3.332   -4.750  6.294   1.00 11.23 ? 60  TRP A CD1 1 
ATOM   49   C  CD2 . TRP A 1 8   ? 1.790   -5.552  4.901   1.00 11.49 ? 60  TRP A CD2 1 
ATOM   50   N  NE1 . TRP A 1 8   ? 3.855   -5.866  5.759   1.00 11.53 ? 60  TRP A NE1 1 
ATOM   51   C  CE2 . TRP A 1 8   ? 2.956   -6.385  4.877   1.00 12.38 ? 60  TRP A CE2 1 
ATOM   52   C  CE3 . TRP A 1 8   ? 0.714   -5.865  4.037   1.00 10.66 ? 60  TRP A CE3 1 
ATOM   53   C  CZ2 . TRP A 1 8   ? 3.072   -7.540  4.104   1.00 11.08 ? 60  TRP A CZ2 1 
ATOM   54   C  CZ3 . TRP A 1 8   ? 0.860   -7.053  3.207   1.00 11.56 ? 60  TRP A CZ3 1 
ATOM   55   C  CH2 . TRP A 1 8   ? 2.024   -7.853  3.254   1.00 10.53 ? 60  TRP A CH2 1 
ATOM   56   N  N   . PHE A 1 9   ? -1.623  -5.310  6.792   1.00 12.98 ? 61  PHE A N   1 
ATOM   57   C  CA  . PHE A 1 9   ? -2.740  -5.906  6.044   1.00 12.38 ? 61  PHE A CA  1 
ATOM   58   C  C   . PHE A 1 9   ? -4.081  -5.624  6.719   1.00 11.85 ? 61  PHE A C   1 
ATOM   59   O  O   . PHE A 1 9   ? -4.321  -6.102  7.885   1.00 13.19 ? 61  PHE A O   1 
ATOM   60   C  CB  . PHE A 1 9   ? -2.550  -7.456  5.907   1.00 12.17 ? 61  PHE A CB  1 
ATOM   61   C  CG  . PHE A 1 9   ? -3.584  -8.020  5.003   1.00 13.88 ? 61  PHE A CG  1 
ATOM   62   C  CD1 . PHE A 1 9   ? -3.347  -8.008  3.605   1.00 13.93 ? 61  PHE A CD1 1 
ATOM   63   C  CD2 . PHE A 1 9   ? -4.786  -8.555  5.506   1.00 14.91 ? 61  PHE A CD2 1 
ATOM   64   C  CE1 . PHE A 1 9   ? -4.289  -8.469  2.673   1.00 17.06 ? 61  PHE A CE1 1 
ATOM   65   C  CE2 . PHE A 1 9   ? -5.745  -9.018  4.603   1.00 13.80 ? 61  PHE A CE2 1 
ATOM   66   C  CZ  . PHE A 1 9   ? -5.507  -9.004  3.211   1.00 15.25 ? 61  PHE A CZ  1 
ATOM   67   N  N   . PHE A 1 10  ? -4.923  -4.792  6.034   1.00 11.33 ? 62  PHE A N   1 
ATOM   68   C  CA  . PHE A 1 10  ? -6.174  -4.315  6.615   1.00 11.42 ? 62  PHE A CA  1 
ATOM   69   C  C   . PHE A 1 10  ? -7.376  -4.977  6.032   1.00 11.64 ? 62  PHE A C   1 
ATOM   70   O  O   . PHE A 1 10  ? -8.520  -4.639  6.445   1.00 13.72 ? 62  PHE A O   1 
ATOM   71   C  CB  . PHE A 1 10  ? -6.279  -2.790  6.534   1.00 11.26 ? 62  PHE A CB  1 
ATOM   72   C  CG  . PHE A 1 10  ? -5.537  -2.109  7.663   1.00 12.90 ? 62  PHE A CG  1 
ATOM   73   C  CD1 . PHE A 1 10  ? -6.242  -1.379  8.610   1.00 17.32 ? 62  PHE A CD1 1 
ATOM   74   C  CD2 . PHE A 1 10  ? -4.109  -2.115  7.664   1.00 13.34 ? 62  PHE A CD2 1 
ATOM   75   C  CE1 . PHE A 1 10  ? -5.523  -0.710  9.631   1.00 18.82 ? 62  PHE A CE1 1 
ATOM   76   C  CE2 . PHE A 1 10  ? -3.409  -1.437  8.681   1.00 14.64 ? 62  PHE A CE2 1 
ATOM   77   C  CZ  . PHE A 1 10  ? -4.114  -0.784  9.667   1.00 15.76 ? 62  PHE A CZ  1 
ATOM   78   N  N   . GLY A 1 11  ? -7.202  -5.958  5.129   1.00 9.61  ? 63  GLY A N   1 
ATOM   79   C  CA  . GLY A 1 11  ? -8.418  -6.592  4.648   1.00 10.47 ? 63  GLY A CA  1 
ATOM   80   C  C   . GLY A 1 11  ? -9.276  -5.651  3.796   1.00 9.89  ? 63  GLY A C   1 
ATOM   81   O  O   . GLY A 1 11  ? -8.784  -4.746  3.115   1.00 10.28 ? 63  GLY A O   1 
ATOM   82   N  N   . LYS A 1 12  ? -10.582 -5.863  3.855   1.00 10.92 ? 64  LYS A N   1 
ATOM   83   C  CA  . LYS A 1 12  ? -11.557 -5.079  3.075   1.00 12.23 ? 64  LYS A CA  1 
ATOM   84   C  C   . LYS A 1 12  ? -11.950 -3.772  3.771   1.00 16.01 ? 64  LYS A C   1 
ATOM   85   O  O   . LYS A 1 12  ? -13.055 -3.640  4.207   1.00 22.74 ? 64  LYS A O   1 
ATOM   86   C  CB  . LYS A 1 12  ? -12.775 -5.961  2.809   1.00 12.92 ? 64  LYS A CB  1 
ATOM   87   C  CG  . LYS A 1 12  ? -13.578 -5.322  1.635   1.00 17.13 ? 64  LYS A CG  1 
ATOM   88   C  CD  . LYS A 1 12  ? -14.796 -6.221  1.464   1.00 22.86 ? 64  LYS A CD  1 
ATOM   89   C  CE  . LYS A 1 12  ? -15.662 -5.775  0.325   1.00 31.68 ? 64  LYS A CE  1 
ATOM   90   N  NZ  . LYS A 1 12  ? -16.705 -4.925  1.074   1.00 36.25 ? 64  LYS A NZ  1 
ATOM   91   N  N   A ILE A 1 13  ? -10.959 -2.947  4.159   0.50 14.84 ? 65  ILE A N   1 
ATOM   92   N  N   B ILE A 1 13  ? -11.061 -2.836  3.817   0.50 17.27 ? 65  ILE A N   1 
ATOM   93   C  CA  A ILE A 1 13  ? -11.203 -1.519  4.684   0.50 13.67 ? 65  ILE A CA  1 
ATOM   94   C  CA  B ILE A 1 13  ? -11.512 -1.570  4.290   0.50 18.06 ? 65  ILE A CA  1 
ATOM   95   C  C   A ILE A 1 13  ? -11.557 -0.621  3.449   0.50 14.44 ? 65  ILE A C   1 
ATOM   96   C  C   B ILE A 1 13  ? -11.926 -0.744  3.113   0.50 17.09 ? 65  ILE A C   1 
ATOM   97   O  O   A ILE A 1 13  ? -10.695 -0.706  2.492   0.50 9.98  ? 65  ILE A O   1 
ATOM   98   O  O   B ILE A 1 13  ? -11.516 -0.911  1.942   0.50 17.49 ? 65  ILE A O   1 
ATOM   99   C  CB  A ILE A 1 13  ? -9.961  -1.031  5.480   0.50 13.92 ? 65  ILE A CB  1 
ATOM   100  C  CB  B ILE A 1 13  ? -10.560 -0.899  5.257   0.50 17.24 ? 65  ILE A CB  1 
ATOM   101  C  CG1 A ILE A 1 13  ? -10.214 0.384   6.016   0.50 10.86 ? 65  ILE A CG1 1 
ATOM   102  C  CG1 B ILE A 1 13  ? -9.208  -0.647  4.603   0.50 18.52 ? 65  ILE A CG1 1 
ATOM   103  C  CG2 A ILE A 1 13  ? -8.635  -1.198  4.645   0.50 14.18 ? 65  ILE A CG2 1 
ATOM   104  C  CG2 B ILE A 1 13  ? -10.425 -1.724  6.559   0.50 17.96 ? 65  ILE A CG2 1 
ATOM   105  C  CD1 A ILE A 1 13  ? -9.083  0.800   6.984   0.50 12.75 ? 65  ILE A CD1 1 
ATOM   106  C  CD1 B ILE A 1 13  ? -8.403  0.291   5.396   0.50 17.31 ? 65  ILE A CD1 1 
ATOM   107  N  N   . PRO A 1 14  ? -12.753 0.178   3.394   1.00 15.18 ? 66  PRO A N   1 
ATOM   108  C  CA  . PRO A 1 14  ? -13.035 1.095   2.276   1.00 15.27 ? 66  PRO A CA  1 
ATOM   109  C  C   . PRO A 1 14  ? -11.817 2.054   1.968   1.00 12.33 ? 66  PRO A C   1 
ATOM   110  O  O   . PRO A 1 14  ? -11.052 2.412   2.908   1.00 13.48 ? 66  PRO A O   1 
ATOM   111  C  CB  . PRO A 1 14  ? -14.260 1.910   2.747   1.00 17.55 ? 66  PRO A CB  1 
ATOM   112  C  CG  . PRO A 1 14  ? -14.826 0.908   3.800   1.00 17.12 ? 66  PRO A CG  1 
ATOM   113  C  CD  . PRO A 1 14  ? -13.781 0.297   4.449   1.00 17.03 ? 66  PRO A CD  1 
ATOM   114  N  N   . ARG A 1 15  ? -11.702 2.402   0.692   1.00 13.53 ? 67  ARG A N   1 
ATOM   115  C  CA  . ARG A 1 15  ? -10.689 3.359   0.271   1.00 10.64 ? 67  ARG A CA  1 
ATOM   116  C  C   . ARG A 1 15  ? -10.737 4.627   1.148   1.00 10.20 ? 67  ARG A C   1 
ATOM   117  O  O   . ARG A 1 15  ? -9.690  5.103   1.600   1.00 11.53 ? 67  ARG A O   1 
ATOM   118  C  CB  . ARG A 1 15  ? -11.033 3.711   -1.145  1.00 10.91 ? 67  ARG A CB  1 
ATOM   119  C  CG  . ARG A 1 15  ? -10.139 4.791   -1.735  1.00 11.84 ? 67  ARG A CG  1 
ATOM   120  C  CD  . ARG A 1 15  ? -10.613 5.135   -3.142  1.00 12.51 ? 67  ARG A CD  1 
ATOM   121  N  NE  . ARG A 1 15  ? -9.888  6.289   -3.712  1.00 13.16 ? 67  ARG A NE  1 
ATOM   122  C  CZ  . ARG A 1 15  ? -8.901  6.227   -4.649  1.00 13.09 ? 67  ARG A CZ  1 
ATOM   123  N  NH1 . ARG A 1 15  ? -8.537  5.058   -5.141  1.00 14.11 ? 67  ARG A NH1 1 
ATOM   124  N  NH2 . ARG A 1 15  ? -8.399  7.365   -5.157  1.00 15.21 ? 67  ARG A NH2 1 
ATOM   125  N  N   . ALA A 1 16  ? -11.969 5.103   1.442   1.00 11.50 ? 68  ALA A N   1 
ATOM   126  C  CA  . ALA A 1 16  ? -12.064 6.325   2.247   1.00 11.10 ? 68  ALA A CA  1 
ATOM   127  C  C   . ALA A 1 16  ? -11.605 6.080   3.651   1.00 10.49 ? 68  ALA A C   1 
ATOM   128  O  O   . ALA A 1 16  ? -11.005 7.016   4.289   1.00 11.67 ? 68  ALA A O   1 
ATOM   129  C  CB  . ALA A 1 16  ? -13.549 6.791   2.336   1.00 13.67 ? 68  ALA A CB  1 
ATOM   130  N  N   A LYS A 1 17  ? -11.852 4.879   4.216   0.50 11.45 ? 69  LYS A N   1 
ATOM   131  N  N   B LYS A 1 17  ? -11.841 4.863   4.180   0.50 11.47 ? 69  LYS A N   1 
ATOM   132  C  CA  A LYS A 1 17  ? -11.386 4.634   5.615   0.50 11.36 ? 69  LYS A CA  1 
ATOM   133  C  CA  B LYS A 1 17  ? -11.433 4.531   5.530   0.50 12.52 ? 69  LYS A CA  1 
ATOM   134  C  C   A LYS A 1 17  ? -9.840  4.485   5.655   0.50 11.30 ? 69  LYS A C   1 
ATOM   135  C  C   B LYS A 1 17  ? -9.883  4.454   5.633   0.50 11.94 ? 69  LYS A C   1 
ATOM   136  O  O   A LYS A 1 17  ? -9.199  4.890   6.638   0.50 11.70 ? 69  LYS A O   1 
ATOM   137  O  O   B LYS A 1 17  ? -9.280  4.898   6.616   0.50 12.88 ? 69  LYS A O   1 
ATOM   138  C  CB  A LYS A 1 17  ? -12.090 3.405   6.269   0.50 11.41 ? 69  LYS A CB  1 
ATOM   139  C  CB  B LYS A 1 17  ? -12.075 3.197   5.889   0.50 12.03 ? 69  LYS A CB  1 
ATOM   140  C  CG  A LYS A 1 17  ? -13.543 3.699   6.633   0.50 9.06  ? 69  LYS A CG  1 
ATOM   141  C  CG  B LYS A 1 17  ? -11.643 2.796   7.224   0.50 15.19 ? 69  LYS A CG  1 
ATOM   142  C  CD  A LYS A 1 17  ? -13.553 4.416   7.952   0.50 9.25  ? 69  LYS A CD  1 
ATOM   143  C  CD  B LYS A 1 17  ? -12.010 3.849   8.279   0.50 23.26 ? 69  LYS A CD  1 
ATOM   144  C  CE  A LYS A 1 17  ? -14.928 4.804   8.313   0.50 12.74 ? 69  LYS A CE  1 
ATOM   145  C  CE  B LYS A 1 17  ? -13.520 3.837   8.686   0.50 19.87 ? 69  LYS A CE  1 
ATOM   146  N  NZ  A LYS A 1 17  ? -14.904 5.718   9.603   0.50 12.57 ? 69  LYS A NZ  1 
ATOM   147  N  NZ  B LYS A 1 17  ? -13.872 4.842   9.787   0.50 23.98 ? 69  LYS A NZ  1 
ATOM   148  N  N   . ALA A 1 18  ? -9.251  3.931   4.582   1.00 11.44 ? 70  ALA A N   1 
ATOM   149  C  CA  . ALA A 1 18  ? -7.761  3.951   4.486   1.00 12.24 ? 70  ALA A CA  1 
ATOM   150  C  C   . ALA A 1 18  ? -7.236  5.378   4.477   1.00 11.34 ? 70  ALA A C   1 
ATOM   151  O  O   . ALA A 1 18  ? -6.273  5.692   5.200   1.00 12.36 ? 70  ALA A O   1 
ATOM   152  C  CB  . ALA A 1 18  ? -7.357  3.183   3.234   1.00 12.25 ? 70  ALA A CB  1 
ATOM   153  N  N   . GLU A 1 19  ? -7.932  6.291   3.775   1.00 12.47 ? 71  GLU A N   1 
ATOM   154  C  CA  . GLU A 1 19  ? -7.540  7.715   3.774   1.00 10.98 ? 71  GLU A CA  1 
ATOM   155  C  C   . GLU A 1 19  ? -7.699  8.304   5.158   1.00 13.80 ? 71  GLU A C   1 
ATOM   156  O  O   . GLU A 1 19  ? -6.782  9.000   5.652   1.00 12.72 ? 71  GLU A O   1 
ATOM   157  C  CB  . GLU A 1 19  ? -8.314  8.545   2.764   1.00 10.71 ? 71  GLU A CB  1 
ATOM   158  C  CG  . GLU A 1 19  ? -7.995  8.110   1.337   1.00 12.34 ? 71  GLU A CG  1 
ATOM   159  C  CD  . GLU A 1 19  ? -8.642  8.913   0.282   1.00 20.58 ? 71  GLU A CD  1 
ATOM   160  O  OE1 . GLU A 1 19  ? -9.554  9.699   0.537   1.00 27.25 ? 71  GLU A OE1 1 
ATOM   161  O  OE2 . GLU A 1 19  ? -8.256  8.871   -0.902  1.00 17.21 ? 71  GLU A OE2 1 
ATOM   162  N  N   . GLU A 1 20  ? -8.803  7.993   5.828   1.00 12.15 ? 72  GLU A N   1 
ATOM   163  C  CA  . GLU A 1 20  ? -9.032  8.486   7.194   1.00 13.29 ? 72  GLU A CA  1 
ATOM   164  C  C   . GLU A 1 20  ? -7.935  8.041   8.125   1.00 12.42 ? 72  GLU A C   1 
ATOM   165  O  O   . GLU A 1 20  ? -7.359  8.909   8.865   1.00 14.44 ? 72  GLU A O   1 
ATOM   166  C  CB  . GLU A 1 20  ? -10.407 8.034   7.673   1.00 12.58 ? 72  GLU A CB  1 
ATOM   167  C  CG  . GLU A 1 20  ? -10.658 8.454   9.135   1.00 12.92 ? 72  GLU A CG  1 
ATOM   168  C  CD  . GLU A 1 20  ? -11.929 7.920   9.706   1.00 14.83 ? 72  GLU A CD  1 
ATOM   169  O  OE1 . GLU A 1 20  ? -12.814 7.437   8.960   1.00 16.25 ? 72  GLU A OE1 1 
ATOM   170  O  OE2 . GLU A 1 20  ? -12.103 7.933   10.951  1.00 16.39 ? 72  GLU A OE2 1 
ATOM   171  N  N   A MET A 1 21  ? -7.578  6.766   8.076   0.50 11.65 ? 73  MET A N   1 
ATOM   172  N  N   B MET A 1 21  ? -7.578  6.767   8.094   0.50 12.65 ? 73  MET A N   1 
ATOM   173  C  CA  A MET A 1 21  ? -6.599  6.237   8.987   0.50 12.01 ? 73  MET A CA  1 
ATOM   174  C  CA  B MET A 1 21  ? -6.599  6.287   9.027   0.50 13.79 ? 73  MET A CA  1 
ATOM   175  C  C   A MET A 1 21  ? -5.228  6.833   8.682   0.50 11.29 ? 73  MET A C   1 
ATOM   176  C  C   B MET A 1 21  ? -5.231  6.871   8.683   0.50 12.41 ? 73  MET A C   1 
ATOM   177  O  O   A MET A 1 21  ? -4.550  7.377   9.598   0.50 11.93 ? 73  MET A O   1 
ATOM   178  O  O   B MET A 1 21  ? -4.555  7.435   9.579   0.50 12.88 ? 73  MET A O   1 
ATOM   179  C  CB  A MET A 1 21  ? -6.588  4.692   8.994   0.50 12.15 ? 73  MET A CB  1 
ATOM   180  C  CB  B MET A 1 21  ? -6.575  4.753   9.106   0.50 14.74 ? 73  MET A CB  1 
ATOM   181  C  CG  A MET A 1 21  ? -5.602  4.013   9.990   0.50 16.48 ? 73  MET A CG  1 
ATOM   182  C  CG  B MET A 1 21  ? -5.968  4.146   10.398  0.50 22.14 ? 73  MET A CG  1 
ATOM   183  S  SD  A MET A 1 21  ? -3.993  3.989   9.284   0.50 19.76 ? 73  MET A SD  1 
ATOM   184  S  SD  B MET A 1 21  ? -5.484  2.477   9.976   0.50 33.64 ? 73  MET A SD  1 
ATOM   185  C  CE  A MET A 1 21  ? -3.097  3.086   10.548  0.50 21.54 ? 73  MET A CE  1 
ATOM   186  C  CE  B MET A 1 21  ? -4.300  2.297   11.350  0.50 28.21 ? 73  MET A CE  1 
ATOM   187  N  N   . LEU A 1 22  ? -4.827  6.809   7.408   1.00 11.82 ? 74  LEU A N   1 
ATOM   188  C  CA  . LEU A 1 22  ? -3.466  7.265   7.070   1.00 11.01 ? 74  LEU A CA  1 
ATOM   189  C  C   . LEU A 1 22  ? -3.282  8.747   7.266   1.00 13.18 ? 74  LEU A C   1 
ATOM   190  O  O   . LEU A 1 22  ? -2.108  9.188   7.461   1.00 12.78 ? 74  LEU A O   1 
ATOM   191  C  CB  . LEU A 1 22  ? -3.071  6.789   5.638   1.00 11.85 ? 74  LEU A CB  1 
ATOM   192  C  CG  . LEU A 1 22  ? -2.968  5.310   5.575   1.00 12.33 ? 74  LEU A CG  1 
ATOM   193  C  CD1 . LEU A 1 22  ? -2.785  4.941   4.124   1.00 15.15 ? 74  LEU A CD1 1 
ATOM   194  C  CD2 . LEU A 1 22  ? -1.693  4.764   6.402   1.00 13.21 ? 74  LEU A CD2 1 
ATOM   195  N  N   . SER A 1 23  ? -4.360  9.559   7.178   1.00 12.18 ? 75  SER A N   1 
ATOM   196  C  CA  . SER A 1 23  ? -4.240  11.006  7.329   1.00 14.59 ? 75  SER A CA  1 
ATOM   197  C  C   . SER A 1 23  ? -3.836  11.356  8.742   1.00 14.55 ? 75  SER A C   1 
ATOM   198  O  O   . SER A 1 23  ? -3.260  12.456  8.874   1.00 17.77 ? 75  SER A O   1 
ATOM   199  C  CB  . SER A 1 23  ? -5.607  11.661  7.188   1.00 15.75 ? 75  SER A CB  1 
ATOM   200  O  OG  . SER A 1 23  ? -5.864  11.652  5.768   1.00 23.13 ? 75  SER A OG  1 
ATOM   201  N  N   . LYS A 1 24  ? -3.941  10.467  9.716   1.00 13.35 ? 76  LYS A N   1 
ATOM   202  C  CA  . LYS A 1 24  ? -3.535  10.727  11.124  1.00 14.56 ? 76  LYS A CA  1 
ATOM   203  C  C   . LYS A 1 24  ? -2.126  10.263  11.353  1.00 15.19 ? 76  LYS A C   1 
ATOM   204  O  O   . LYS A 1 24  ? -1.567  10.457  12.418  1.00 15.85 ? 76  LYS A O   1 
ATOM   205  C  CB  . LYS A 1 24  ? -4.409  10.019  12.103  1.00 13.60 ? 76  LYS A CB  1 
ATOM   206  C  CG  . LYS A 1 24  ? -5.823  10.579  12.077  1.00 12.74 ? 76  LYS A CG  1 
ATOM   207  C  CD  . LYS A 1 24  ? -6.753  9.883   13.011  1.00 13.30 ? 76  LYS A CD  1 
ATOM   208  C  CE  . LYS A 1 24  ? -7.043  8.448   12.517  1.00 19.56 ? 76  LYS A CE  1 
ATOM   209  N  NZ  . LYS A 1 24  ? -8.049  7.824   13.419  1.00 23.70 ? 76  LYS A NZ  1 
ATOM   210  N  N   . GLN A 1 25  ? -1.542  9.587   10.361  1.00 11.90 ? 77  GLN A N   1 
ATOM   211  C  CA  . GLN A 1 25  ? -0.149  9.166   10.479  1.00 11.25 ? 77  GLN A CA  1 
ATOM   212  C  C   . GLN A 1 25  ? 0.775   10.357  10.274  1.00 11.35 ? 77  GLN A C   1 
ATOM   213  O  O   . GLN A 1 25  ? 0.594   11.183  9.443   1.00 13.58 ? 77  GLN A O   1 
ATOM   214  C  CB  . GLN A 1 25  ? 0.213   8.014   9.523   1.00 9.67  ? 77  GLN A CB  1 
ATOM   215  C  CG  . GLN A 1 25  ? -0.525  6.736   9.846   1.00 11.73 ? 77  GLN A CG  1 
ATOM   216  C  CD  . GLN A 1 25  ? 0.065   6.111   11.140  1.00 13.98 ? 77  GLN A CD  1 
ATOM   217  O  OE1 . GLN A 1 25  ? 1.268   5.747   11.157  1.00 12.86 ? 77  GLN A OE1 1 
ATOM   218  N  NE2 . GLN A 1 25  ? -0.777  5.885   12.158  1.00 17.18 ? 77  GLN A NE2 1 
ATOM   219  N  N   . ARG A 1 26  ? 1.851   10.391  11.054  1.00 11.39 ? 78  ARG A N   1 
ATOM   220  C  CA  . ARG A 1 26  ? 2.840   11.477  10.960  1.00 13.57 ? 78  ARG A CA  1 
ATOM   221  C  C   . ARG A 1 26  ? 3.843   11.314  9.853   1.00 13.44 ? 78  ARG A C   1 
ATOM   222  O  O   . ARG A 1 26  ? 4.314   12.381  9.385   1.00 15.07 ? 78  ARG A O   1 
ATOM   223  C  CB  . ARG A 1 26  ? 3.632   11.639  12.301  1.00 12.82 ? 78  ARG A CB  1 
ATOM   224  C  CG  . ARG A 1 26  ? 2.752   12.163  13.450  1.00 14.22 ? 78  ARG A CG  1 
ATOM   225  C  CD  . ARG A 1 26  ? 3.523   12.113  14.751  1.00 10.86 ? 78  ARG A CD  1 
ATOM   226  N  NE  . ARG A 1 26  ? 2.961   13.125  15.717  1.00 12.75 ? 78  ARG A NE  1 
ATOM   227  C  CZ  . ARG A 1 26  ? 3.539   13.375  16.892  1.00 13.80 ? 78  ARG A CZ  1 
ATOM   228  N  NH1 . ARG A 1 26  ? 4.673   12.736  17.243  1.00 11.81 ? 78  ARG A NH1 1 
ATOM   229  N  NH2 . ARG A 1 26  ? 3.008   14.327  17.659  1.00 12.46 ? 78  ARG A NH2 1 
ATOM   230  N  N   . HIS A 1 27  ? 4.220   10.061  9.507   1.00 12.46 ? 79  HIS A N   1 
ATOM   231  C  CA  . HIS A 1 27  ? 5.430   9.890   8.710   1.00 12.04 ? 79  HIS A CA  1 
ATOM   232  C  C   . HIS A 1 27  ? 5.067   9.506   7.268   1.00 11.82 ? 79  HIS A C   1 
ATOM   233  O  O   . HIS A 1 27  ? 4.371   8.492   7.021   1.00 13.66 ? 79  HIS A O   1 
ATOM   234  C  CB  . HIS A 1 27  ? 6.342   8.882   9.437   1.00 14.95 ? 79  HIS A CB  1 
ATOM   235  C  CG  . HIS A 1 27  ? 6.829   9.482   10.720  1.00 15.90 ? 79  HIS A CG  1 
ATOM   236  N  ND1 . HIS A 1 27  ? 6.483   9.050   11.986  1.00 23.74 ? 79  HIS A ND1 1 
ATOM   237  C  CD2 . HIS A 1 27  ? 7.536   10.603  10.875  1.00 15.28 ? 79  HIS A CD2 1 
ATOM   238  C  CE1 . HIS A 1 27  ? 6.997   9.902   12.869  1.00 18.09 ? 79  HIS A CE1 1 
ATOM   239  N  NE2 . HIS A 1 27  ? 7.623   10.852  12.222  1.00 23.99 ? 79  HIS A NE2 1 
ATOM   240  N  N   . ASP A 1 28  ? 5.643   10.255  6.309   1.00 12.62 ? 80  ASP A N   1 
ATOM   241  C  CA  . ASP A 1 28  ? 5.428   9.882   4.918   1.00 13.31 ? 80  ASP A CA  1 
ATOM   242  C  C   . ASP A 1 28  ? 5.891   8.465   4.641   1.00 11.11 ? 80  ASP A C   1 
ATOM   243  O  O   . ASP A 1 28  ? 6.939   8.044   5.119   1.00 13.38 ? 80  ASP A O   1 
ATOM   244  C  CB  . ASP A 1 28  ? 6.234   10.832  4.061   1.00 13.77 ? 80  ASP A CB  1 
ATOM   245  C  CG  . ASP A 1 28  ? 5.632   12.226  4.040   1.00 16.42 ? 80  ASP A CG  1 
ATOM   246  O  OD1 . ASP A 1 28  ? 6.350   13.164  3.577   1.00 21.28 ? 80  ASP A OD1 1 
ATOM   247  O  OD2 . ASP A 1 28  ? 4.480   12.474  4.441   1.00 14.78 ? 80  ASP A OD2 1 
ATOM   248  N  N   . GLY A 1 29  ? 5.102   7.749   3.800   1.00 10.06 ? 81  GLY A N   1 
ATOM   249  C  CA  . GLY A 1 29  ? 5.387   6.341   3.552   1.00 10.95 ? 81  GLY A CA  1 
ATOM   250  C  C   . GLY A 1 29  ? 4.579   5.379   4.426   1.00 10.50 ? 81  GLY A C   1 
ATOM   251  O  O   . GLY A 1 29  ? 4.485   4.180   4.110   1.00 10.18 ? 81  GLY A O   1 
ATOM   252  N  N   . ALA A 1 30  ? 3.989   5.855   5.549   1.00 10.02 ? 82  ALA A N   1 
ATOM   253  C  CA  . ALA A 1 30  ? 3.095   4.929   6.340   1.00 10.29 ? 82  ALA A CA  1 
ATOM   254  C  C   . ALA A 1 30  ? 2.010   4.404   5.365   1.00 9.85  ? 82  ALA A C   1 
ATOM   255  O  O   . ALA A 1 30  ? 1.448   5.168   4.543   1.00 10.04 ? 82  ALA A O   1 
ATOM   256  C  CB  . ALA A 1 30  ? 2.396   5.783   7.450   1.00 10.64 ? 82  ALA A CB  1 
ATOM   257  N  N   . PHE A 1 31  ? 1.767   3.114   5.456   1.00 9.50  ? 83  PHE A N   1 
ATOM   258  C  CA  . PHE A 1 31  ? 0.952   2.509   4.368   1.00 9.29  ? 83  PHE A CA  1 
ATOM   259  C  C   . PHE A 1 31  ? 0.115   1.334   4.850   1.00 9.63  ? 83  PHE A C   1 
ATOM   260  O  O   . PHE A 1 31  ? 0.353   0.798   5.957   1.00 8.23  ? 83  PHE A O   1 
ATOM   261  C  CB  . PHE A 1 31  ? 1.949   1.986   3.252   1.00 9.76  ? 83  PHE A CB  1 
ATOM   262  C  CG  . PHE A 1 31  ? 2.632   0.710   3.614   1.00 10.08 ? 83  PHE A CG  1 
ATOM   263  C  CD1 . PHE A 1 31  ? 2.141   -0.580  3.174   1.00 11.85 ? 83  PHE A CD1 1 
ATOM   264  C  CD2 . PHE A 1 31  ? 3.741   0.718   4.482   1.00 9.42  ? 83  PHE A CD2 1 
ATOM   265  C  CE1 . PHE A 1 31  ? 2.803   -1.762  3.607   1.00 10.19 ? 83  PHE A CE1 1 
ATOM   266  C  CE2 . PHE A 1 31  ? 4.387   -0.475  4.868   1.00 8.27  ? 83  PHE A CE2 1 
ATOM   267  C  CZ  . PHE A 1 31  ? 3.913   -1.719  4.423   1.00 10.29 ? 83  PHE A CZ  1 
ATOM   268  N  N   . LEU A 1 32  ? -0.783  0.886   4.005   1.00 9.34  ? 84  LEU A N   1 
ATOM   269  C  CA  . LEU A 1 32  ? -1.464  -0.344  4.227   1.00 9.02  ? 84  LEU A CA  1 
ATOM   270  C  C   . LEU A 1 32  ? -1.772  -1.001  2.882   1.00 9.83  ? 84  LEU A C   1 
ATOM   271  O  O   . LEU A 1 32  ? -1.843  -0.291  1.812   1.00 9.48  ? 84  LEU A O   1 
ATOM   272  C  CB  . LEU A 1 32  ? -2.750  -0.117  5.051   1.00 9.11  ? 84  LEU A CB  1 
ATOM   273  C  CG  . LEU A 1 32  ? -3.788  0.844   4.467   1.00 9.43  ? 84  LEU A CG  1 
ATOM   274  C  CD1 . LEU A 1 32  ? -4.775  0.156   3.484   1.00 12.73 ? 84  LEU A CD1 1 
ATOM   275  C  CD2 . LEU A 1 32  ? -4.606  1.417   5.679   1.00 12.21 ? 84  LEU A CD2 1 
ATOM   276  N  N   . ILE A 1 33  ? -2.018  -2.311  2.899   1.00 9.37  ? 85  ILE A N   1 
ATOM   277  C  CA  . ILE A 1 33  ? -2.601  -3.072  1.779   1.00 8.26  ? 85  ILE A CA  1 
ATOM   278  C  C   . ILE A 1 33  ? -4.030  -3.337  2.180   1.00 9.74  ? 85  ILE A C   1 
ATOM   279  O  O   . ILE A 1 33  ? -4.290  -3.811  3.334   1.00 10.63 ? 85  ILE A O   1 
ATOM   280  C  CB  . ILE A 1 33  ? -1.853  -4.405  1.600   1.00 11.02 ? 85  ILE A CB  1 
ATOM   281  C  CG1 . ILE A 1 33  ? -0.421  -4.057  1.109   1.00 10.69 ? 85  ILE A CG1 1 
ATOM   282  C  CG2 . ILE A 1 33  ? -2.599  -5.308  0.603   1.00 12.52 ? 85  ILE A CG2 1 
ATOM   283  C  CD1 . ILE A 1 33  ? -0.348  -3.657  -0.397  1.00 12.02 ? 85  ILE A CD1 1 
ATOM   284  N  N   . ARG A 1 34  ? -4.900  -3.129  1.207   1.00 9.30  ? 86  ARG A N   1 
ATOM   285  C  CA  . ARG A 1 34  ? -6.333  -3.430  1.440   1.00 8.53  ? 86  ARG A CA  1 
ATOM   286  C  C   . ARG A 1 34  ? -6.838  -4.216  0.251   1.00 10.01 ? 86  ARG A C   1 
ATOM   287  O  O   . ARG A 1 34  ? -6.273  -4.275  -0.868  1.00 10.95 ? 86  ARG A O   1 
ATOM   288  C  CB  . ARG A 1 34  ? -7.187  -2.175  1.642   1.00 9.21  ? 86  ARG A CB  1 
ATOM   289  C  CG  . ARG A 1 34  ? -7.021  -1.147  0.483   1.00 7.74  ? 86  ARG A CG  1 
ATOM   290  C  CD  . ARG A 1 34  ? -7.670  0.166   0.870   1.00 8.37  ? 86  ARG A CD  1 
ATOM   291  N  NE  . ARG A 1 34  ? -7.381  1.173   -0.126  1.00 10.80 ? 86  ARG A NE  1 
ATOM   292  C  CZ  . ARG A 1 34  ? -7.971  1.268   -1.315  1.00 11.72 ? 86  ARG A CZ  1 
ATOM   293  N  NH1 . ARG A 1 34  ? -9.016  0.533   -1.628  1.00 12.14 ? 86  ARG A NH1 1 
ATOM   294  N  NH2 . ARG A 1 34  ? -7.535  2.169   -2.196  1.00 9.85  ? 86  ARG A NH2 1 
ATOM   295  N  N   . GLU A 1 35  ? -8.032  -4.816  0.453   1.00 8.89  ? 87  GLU A N   1 
ATOM   296  C  CA  . GLU A 1 35  ? -8.684  -5.585  -0.637  1.00 9.03  ? 87  GLU A CA  1 
ATOM   297  C  C   . GLU A 1 35  ? -9.704  -4.593  -1.246  1.00 10.03 ? 87  GLU A C   1 
ATOM   298  O  O   . GLU A 1 35  ? -10.635 -4.074  -0.548  1.00 11.83 ? 87  GLU A O   1 
ATOM   299  C  CB  . GLU A 1 35  ? -9.376  -6.793  0.029   1.00 10.11 ? 87  GLU A CB  1 
ATOM   300  C  CG  . GLU A 1 35  ? -8.314  -7.717  0.682   1.00 9.75  ? 87  GLU A CG  1 
ATOM   301  C  CD  . GLU A 1 35  ? -8.933  -9.059  1.089   1.00 10.91 ? 87  GLU A CD  1 
ATOM   302  O  OE1 . GLU A 1 35  ? -9.035  -9.883  0.158   1.00 12.93 ? 87  GLU A OE1 1 
ATOM   303  O  OE2 . GLU A 1 35  ? -9.311  -9.196  2.326   1.00 10.87 ? 87  GLU A OE2 1 
ATOM   304  N  N   . SER A 1 36  ? -9.487  -4.280  -2.532  1.00 9.39  ? 88  SER A N   1 
ATOM   305  C  CA  . SER A 1 36  ? -10.292 -3.321  -3.243  1.00 10.09 ? 88  SER A CA  1 
ATOM   306  C  C   . SER A 1 36  ? -11.775 -3.717  -3.208  1.00 10.81 ? 88  SER A C   1 
ATOM   307  O  O   . SER A 1 36  ? -12.101 -4.874  -3.353  1.00 11.94 ? 88  SER A O   1 
ATOM   308  C  CB  . SER A 1 36  ? -9.898  -3.289  -4.715  1.00 9.76  ? 88  SER A CB  1 
ATOM   309  O  OG  . SER A 1 36  ? -10.655 -2.247  -5.333  1.00 12.28 ? 88  SER A OG  1 
ATOM   310  N  N   . GLU A 1 37  ? -12.579 -2.716  -2.987  1.00 10.91 ? 89  GLU A N   1 
ATOM   311  C  CA  . GLU A 1 37  ? -14.047 -2.869  -3.098  1.00 12.20 ? 89  GLU A CA  1 
ATOM   312  C  C   . GLU A 1 37  ? -14.516 -2.642  -4.524  1.00 12.10 ? 89  GLU A C   1 
ATOM   313  O  O   . GLU A 1 37  ? -15.550 -3.282  -4.912  1.00 15.51 ? 89  GLU A O   1 
ATOM   314  C  CB  . GLU A 1 37  ? -14.765 -1.948  -2.099  1.00 11.99 ? 89  GLU A CB  1 
ATOM   315  C  CG  . GLU A 1 37  ? -14.433 -2.249  -0.677  1.00 12.47 ? 89  GLU A CG  1 
ATOM   316  C  CD  . GLU A 1 37  ? -15.322 -1.465  0.260   1.00 17.35 ? 89  GLU A CD  1 
ATOM   317  O  OE1 . GLU A 1 37  ? -15.903 -2.113  1.134   1.00 21.20 ? 89  GLU A OE1 1 
ATOM   318  O  OE2 . GLU A 1 37  ? -15.368 -0.222  0.105   1.00 15.86 ? 89  GLU A OE2 1 
ATOM   319  N  N   . SER A 1 38  ? -13.886 -1.710  -5.229  1.00 12.19 ? 90  SER A N   1 
ATOM   320  C  CA  . SER A 1 38  ? -14.292 -1.433  -6.607  1.00 12.09 ? 90  SER A CA  1 
ATOM   321  C  C   . SER A 1 38  ? -13.873 -2.508  -7.574  1.00 15.16 ? 90  SER A C   1 
ATOM   322  O  O   . SER A 1 38  ? -14.467 -2.698  -8.687  1.00 15.62 ? 90  SER A O   1 
ATOM   323  C  CB  . SER A 1 38  ? -13.720 -0.078  -7.070  1.00 11.96 ? 90  SER A CB  1 
ATOM   324  O  OG  . SER A 1 38  ? -12.303 -0.076  -7.118  1.00 13.90 ? 90  SER A OG  1 
ATOM   325  N  N   . ALA A 1 39  ? -12.799 -3.221  -7.241  1.00 13.73 ? 91  ALA A N   1 
ATOM   326  C  CA  . ALA A 1 39  ? -12.276 -4.333  -8.032  1.00 13.22 ? 91  ALA A CA  1 
ATOM   327  C  C   . ALA A 1 39  ? -12.078 -5.555  -7.200  1.00 14.23 ? 91  ALA A C   1 
ATOM   328  O  O   . ALA A 1 39  ? -10.964 -5.880  -6.776  1.00 12.83 ? 91  ALA A O   1 
ATOM   329  C  CB  . ALA A 1 39  ? -10.905 -3.946  -8.677  1.00 14.20 ? 91  ALA A CB  1 
ATOM   330  N  N   . PRO A 1 40  ? -13.150 -6.255  -6.856  1.00 15.45 ? 92  PRO A N   1 
ATOM   331  C  CA  . PRO A 1 40  ? -13.012 -7.419  -5.989  1.00 14.77 ? 92  PRO A CA  1 
ATOM   332  C  C   . PRO A 1 40  ? -12.095 -8.465  -6.506  1.00 12.96 ? 92  PRO A C   1 
ATOM   333  O  O   . PRO A 1 40  ? -12.075 -8.745  -7.725  1.00 15.80 ? 92  PRO A O   1 
ATOM   334  C  CB  . PRO A 1 40  ? -14.441 -7.929  -5.764  1.00 15.87 ? 92  PRO A CB  1 
ATOM   335  C  CG  . PRO A 1 40  ? -15.290 -6.977  -6.471  1.00 17.96 ? 92  PRO A CG  1 
ATOM   336  C  CD  . PRO A 1 40  ? -14.554 -5.901  -7.191  1.00 16.48 ? 92  PRO A CD  1 
ATOM   337  N  N   . GLY A 1 41  ? -11.231 -8.921  -5.568  1.00 14.12 ? 93  GLY A N   1 
ATOM   338  C  CA  . GLY A 1 41  ? -10.184 -9.915  -5.875  1.00 13.97 ? 93  GLY A CA  1 
ATOM   339  C  C   . GLY A 1 41  ? -8.865  -9.234  -6.185  1.00 13.87 ? 93  GLY A C   1 
ATOM   340  O  O   . GLY A 1 41  ? -7.849  -9.926  -6.328  1.00 14.69 ? 93  GLY A O   1 
ATOM   341  N  N   . ASP A 1 42  ? -8.890  -7.900  -6.256  1.00 11.28 ? 94  ASP A N   1 
ATOM   342  C  CA  . ASP A 1 42  ? -7.649  -7.093  -6.425  1.00 11.38 ? 94  ASP A CA  1 
ATOM   343  C  C   . ASP A 1 42  ? -7.253  -6.398  -5.126  1.00 9.64  ? 94  ASP A C   1 
ATOM   344  O  O   . ASP A 1 42  ? -8.111  -5.998  -4.326  1.00 12.28 ? 94  ASP A O   1 
ATOM   345  C  CB  . ASP A 1 42  ? -7.704  -6.044  -7.589  1.00 11.85 ? 94  ASP A CB  1 
ATOM   346  C  CG  . ASP A 1 42  ? -7.547  -6.661  -8.943  1.00 18.59 ? 94  ASP A CG  1 
ATOM   347  O  OD1 . ASP A 1 42  ? -7.800  -7.894  -9.115  1.00 21.50 ? 94  ASP A OD1 1 
ATOM   348  O  OD2 . ASP A 1 42  ? -7.230  -5.897  -9.841  1.00 20.98 ? 94  ASP A OD2 1 
ATOM   349  N  N   . PHE A 1 43  ? -5.946  -6.231  -4.964  1.00 10.18 ? 95  PHE A N   1 
ATOM   350  C  CA  . PHE A 1 43  ? -5.421  -5.435  -3.832  1.00 9.10  ? 95  PHE A CA  1 
ATOM   351  C  C   . PHE A 1 43  ? -5.060  -4.033  -4.225  1.00 8.77  ? 95  PHE A C   1 
ATOM   352  O  O   . PHE A 1 43  ? -4.719  -3.762  -5.372  1.00 10.36 ? 95  PHE A O   1 
ATOM   353  C  CB  . PHE A 1 43  ? -4.180  -6.146  -3.217  1.00 10.04 ? 95  PHE A CB  1 
ATOM   354  C  CG  . PHE A 1 43  ? -4.474  -7.541  -2.733  1.00 8.22  ? 95  PHE A CG  1 
ATOM   355  C  CD1 . PHE A 1 43  ? -4.254  -8.657  -3.556  1.00 12.37 ? 95  PHE A CD1 1 
ATOM   356  C  CD2 . PHE A 1 43  ? -5.041  -7.704  -1.445  1.00 10.02 ? 95  PHE A CD2 1 
ATOM   357  C  CE1 . PHE A 1 43  ? -4.624  -9.969  -3.066  1.00 12.36 ? 95  PHE A CE1 1 
ATOM   358  C  CE2 . PHE A 1 43  ? -5.366  -9.048  -1.035  1.00 10.78 ? 95  PHE A CE2 1 
ATOM   359  C  CZ  . PHE A 1 43  ? -5.129  -10.123 -1.793  1.00 10.45 ? 95  PHE A CZ  1 
ATOM   360  N  N   . SER A 1 44  ? -5.081  -3.169  -3.208  1.00 8.54  ? 96  SER A N   1 
ATOM   361  C  CA  . SER A 1 44  ? -4.652  -1.771  -3.439  1.00 8.95  ? 96  SER A CA  1 
ATOM   362  C  C   . SER A 1 44  ? -3.705  -1.385  -2.328  1.00 9.25  ? 96  SER A C   1 
ATOM   363  O  O   . SER A 1 44  ? -3.887  -1.858  -1.171  1.00 10.34 ? 96  SER A O   1 
ATOM   364  C  CB  . SER A 1 44  ? -5.859  -0.804  -3.419  1.00 10.10 ? 96  SER A CB  1 
ATOM   365  O  OG  . SER A 1 44  ? -6.771  -1.133  -4.513  1.00 10.21 ? 96  SER A OG  1 
ATOM   366  N  N   . LEU A 1 45  ? -2.744  -0.510  -2.641  1.00 9.43  ? 97  LEU A N   1 
ATOM   367  C  CA  . LEU A 1 45  ? -1.799  -0.062  -1.615  1.00 8.48  ? 97  LEU A CA  1 
ATOM   368  C  C   . LEU A 1 45  ? -2.137  1.415   -1.385  1.00 10.06 ? 97  LEU A C   1 
ATOM   369  O  O   . LEU A 1 45  ? -2.326  2.211   -2.351  1.00 10.85 ? 97  LEU A O   1 
ATOM   370  C  CB  . LEU A 1 45  ? -0.391  -0.195  -2.260  1.00 9.13  ? 97  LEU A CB  1 
ATOM   371  C  CG  . LEU A 1 45  ? 0.714   0.520   -1.556  1.00 10.97 ? 97  LEU A CG  1 
ATOM   372  C  CD1 . LEU A 1 45  ? 1.009   -0.019  -0.219  1.00 14.29 ? 97  LEU A CD1 1 
ATOM   373  C  CD2 . LEU A 1 45  ? 1.948   0.382   -2.442  1.00 15.40 ? 97  LEU A CD2 1 
ATOM   374  N  N   . SER A 1 46  ? -2.314  1.787   -0.119  1.00 10.22 ? 98  SER A N   1 
ATOM   375  C  CA  . SER A 1 46  ? -2.606  3.241   0.197   1.00 8.35  ? 98  SER A CA  1 
ATOM   376  C  C   . SER A 1 46  ? -1.451  3.721   1.093   1.00 9.31  ? 98  SER A C   1 
ATOM   377  O  O   . SER A 1 46  ? -0.965  3.006   1.991   1.00 9.04  ? 98  SER A O   1 
ATOM   378  C  CB  . SER A 1 46  ? -3.938  3.330   0.987   1.00 9.02  ? 98  SER A CB  1 
ATOM   379  O  OG  . SER A 1 46  ? -4.975  2.847   0.142   1.00 10.89 ? 98  SER A OG  1 
ATOM   380  N  N   . VAL A 1 47  ? -0.987  4.958   0.776   1.00 9.84  ? 99  VAL A N   1 
ATOM   381  C  CA  . VAL A 1 47  ? 0.261   5.495   1.373   1.00 9.56  ? 99  VAL A CA  1 
ATOM   382  C  C   . VAL A 1 47  ? 0.140   6.951   1.712   1.00 10.30 ? 99  VAL A C   1 
ATOM   383  O  O   . VAL A 1 47  ? -0.328  7.725   0.890   1.00 10.70 ? 99  VAL A O   1 
ATOM   384  C  CB  . VAL A 1 47  ? 1.409   5.288   0.377   1.00 9.98  ? 99  VAL A CB  1 
ATOM   385  C  CG1 . VAL A 1 47  ? 2.761   5.568   1.102   1.00 11.72 ? 99  VAL A CG1 1 
ATOM   386  C  CG2 . VAL A 1 47  ? 1.494   3.848   -0.273  1.00 15.84 ? 99  VAL A CG2 1 
ATOM   387  N  N   A LYS A 1 48  ? 0.530   7.292   2.939   0.50 10.49 ? 100 LYS A N   1 
ATOM   388  N  N   B LYS A 1 48  ? 0.526   7.296   2.961   0.50 10.58 ? 100 LYS A N   1 
ATOM   389  C  CA  A LYS A 1 48  ? 0.587   8.718   3.290   0.50 11.52 ? 100 LYS A CA  1 
ATOM   390  C  CA  B LYS A 1 48  ? 0.614   8.732   3.433   0.50 11.87 ? 100 LYS A CA  1 
ATOM   391  C  C   A LYS A 1 48  ? 1.705   9.472   2.583   0.50 12.48 ? 100 LYS A C   1 
ATOM   392  C  C   B LYS A 1 48  ? 1.718   9.500   2.712   0.50 12.81 ? 100 LYS A C   1 
ATOM   393  O  O   A LYS A 1 48  ? 2.818   9.022   2.502   0.50 12.15 ? 100 LYS A O   1 
ATOM   394  O  O   B LYS A 1 48  ? 2.867   9.033   2.747   0.50 13.48 ? 100 LYS A O   1 
ATOM   395  C  CB  A LYS A 1 48  ? 0.770   8.842   4.781   0.50 11.75 ? 100 LYS A CB  1 
ATOM   396  C  CB  B LYS A 1 48  ? 0.912   8.741   4.956   0.50 11.65 ? 100 LYS A CB  1 
ATOM   397  C  CG  A LYS A 1 48  ? 0.822   10.307  5.155   0.50 11.37 ? 100 LYS A CG  1 
ATOM   398  C  CG  B LYS A 1 48  ? 0.987   10.195  5.649   0.50 13.00 ? 100 LYS A CG  1 
ATOM   399  C  CD  A LYS A 1 48  ? 1.374   10.487  6.495   0.50 16.57 ? 100 LYS A CD  1 
ATOM   400  C  CD  B LYS A 1 48  ? -0.307  11.049  5.459   0.50 12.73 ? 100 LYS A CD  1 
ATOM   401  C  CE  A LYS A 1 48  ? 1.571   12.004  6.764   0.50 17.86 ? 100 LYS A CE  1 
ATOM   402  C  CE  B LYS A 1 48  ? -0.699  11.987  6.702   0.50 18.07 ? 100 LYS A CE  1 
ATOM   403  N  NZ  A LYS A 1 48  ? 0.415   12.899  6.558   0.50 22.73 ? 100 LYS A NZ  1 
ATOM   404  N  NZ  B LYS A 1 48  ? 0.554   12.691  7.115   0.50 19.73 ? 100 LYS A NZ  1 
ATOM   405  N  N   . PHE A 1 49  ? 1.391   10.642  2.076   1.00 13.85 ? 101 PHE A N   1 
ATOM   406  C  CA  . PHE A 1 49  ? 2.443   11.544  1.604   1.00 13.87 ? 101 PHE A CA  1 
ATOM   407  C  C   . PHE A 1 49  ? 1.976   12.960  1.853   1.00 16.02 ? 101 PHE A C   1 
ATOM   408  O  O   . PHE A 1 49  ? 1.013   13.471  1.216   1.00 14.64 ? 101 PHE A O   1 
ATOM   409  C  CB  . PHE A 1 49  ? 2.740   11.346  0.118   1.00 16.69 ? 101 PHE A CB  1 
ATOM   410  C  CG  . PHE A 1 49  ? 3.827   12.277  -0.321  1.00 15.39 ? 101 PHE A CG  1 
ATOM   411  C  CD1 . PHE A 1 49  ? 3.551   13.400  -1.090  1.00 18.29 ? 101 PHE A CD1 1 
ATOM   412  C  CD2 . PHE A 1 49  ? 5.122   12.089  0.201   1.00 19.39 ? 101 PHE A CD2 1 
ATOM   413  C  CE1 . PHE A 1 49  ? 4.555   14.348  -1.421  1.00 18.92 ? 101 PHE A CE1 1 
ATOM   414  C  CE2 . PHE A 1 49  ? 6.125   12.927  -0.173  1.00 19.49 ? 101 PHE A CE2 1 
ATOM   415  C  CZ  . PHE A 1 49  ? 5.873   14.083  -1.005  1.00 16.91 ? 101 PHE A CZ  1 
ATOM   416  N  N   . GLY A 1 50  ? 2.646   13.632  2.795   1.00 17.44 ? 102 GLY A N   1 
ATOM   417  C  CA  . GLY A 1 50  ? 2.216   15.025  3.092   1.00 19.13 ? 102 GLY A CA  1 
ATOM   418  C  C   . GLY A 1 50  ? 0.738   15.085  3.536   1.00 20.10 ? 102 GLY A C   1 
ATOM   419  O  O   . GLY A 1 50  ? 0.217   14.238  4.357   1.00 23.37 ? 102 GLY A O   1 
ATOM   420  N  N   . ASN A 1 51  ? 0.000   16.015  2.920   1.00 19.88 ? 103 ASN A N   1 
ATOM   421  C  CA  . ASN A 1 51  ? -1.388  16.182  3.319   1.00 22.45 ? 103 ASN A CA  1 
ATOM   422  C  C   . ASN A 1 51  ? -2.288  15.327  2.450   1.00 21.12 ? 103 ASN A C   1 
ATOM   423  O  O   . ASN A 1 51  ? -3.494  15.481  2.437   1.00 23.93 ? 103 ASN A O   1 
ATOM   424  C  CB  . ASN A 1 51  ? -1.819  17.653  3.140   1.00 24.57 ? 103 ASN A CB  1 
ATOM   425  C  CG  . ASN A 1 51  ? -0.854  18.604  3.837   1.00 32.39 ? 103 ASN A CG  1 
ATOM   426  O  OD1 . ASN A 1 51  ? -0.127  19.367  3.176   1.00 39.27 ? 103 ASN A OD1 1 
ATOM   427  N  ND2 . ASN A 1 51  ? -0.709  18.413  5.164   1.00 39.87 ? 103 ASN A ND2 1 
ATOM   428  N  N   A ASP A 1 52  ? -1.690  14.360  1.771   0.50 17.17 ? 104 ASP A N   1 
ATOM   429  N  N   B ASP A 1 52  ? -1.695  14.395  1.701   0.50 17.38 ? 104 ASP A N   1 
ATOM   430  C  CA  A ASP A 1 52  ? -2.440  13.515  0.892   0.50 16.44 ? 104 ASP A CA  1 
ATOM   431  C  CA  B ASP A 1 52  ? -2.438  13.560  0.765   0.50 16.76 ? 104 ASP A CA  1 
ATOM   432  C  C   A ASP A 1 52  ? -2.326  12.040  1.292   0.50 13.31 ? 104 ASP A C   1 
ATOM   433  C  C   B ASP A 1 52  ? -2.261  12.088  1.161   0.50 14.16 ? 104 ASP A C   1 
ATOM   434  O  O   A ASP A 1 52  ? -1.503  11.625  2.127   0.50 14.29 ? 104 ASP A O   1 
ATOM   435  O  O   B ASP A 1 52  ? -1.331  11.725  1.874   0.50 14.87 ? 104 ASP A O   1 
ATOM   436  C  CB  A ASP A 1 52  ? -1.906  13.662  -0.554  0.50 16.41 ? 104 ASP A CB  1 
ATOM   437  C  CB  B ASP A 1 52  ? -1.874  13.737  -0.675  0.50 16.48 ? 104 ASP A CB  1 
ATOM   438  C  CG  A ASP A 1 52  ? -2.108  15.042  -1.110  0.50 21.68 ? 104 ASP A CG  1 
ATOM   439  C  CG  B ASP A 1 52  ? -2.820  13.198  -1.762  0.50 19.98 ? 104 ASP A CG  1 
ATOM   440  O  OD1 A ASP A 1 52  ? -3.124  15.677  -0.755  0.50 23.23 ? 104 ASP A OD1 1 
ATOM   441  O  OD1 B ASP A 1 52  ? -4.002  12.859  -1.457  0.50 21.31 ? 104 ASP A OD1 1 
ATOM   442  O  OD2 A ASP A 1 52  ? -1.259  15.447  -1.913  0.50 25.42 ? 104 ASP A OD2 1 
ATOM   443  O  OD2 B ASP A 1 52  ? -2.385  13.114  -2.935  0.50 28.23 ? 104 ASP A OD2 1 
ATOM   444  N  N   . VAL A 1 53  ? -3.135  11.245  0.605   1.00 13.14 ? 105 VAL A N   1 
ATOM   445  C  CA  . VAL A 1 53  ? -2.958  9.768   0.674   1.00 12.27 ? 105 VAL A CA  1 
ATOM   446  C  C   . VAL A 1 53  ? -3.002  9.293   -0.767  1.00 13.14 ? 105 VAL A C   1 
ATOM   447  O  O   . VAL A 1 53  ? -3.999  9.609   -1.510  1.00 16.71 ? 105 VAL A O   1 
ATOM   448  C  CB  . VAL A 1 53  ? -4.068  9.070   1.529   1.00 11.03 ? 105 VAL A CB  1 
ATOM   449  C  CG1 . VAL A 1 53  ? -3.984  7.525   1.375   1.00 12.87 ? 105 VAL A CG1 1 
ATOM   450  C  CG2 . VAL A 1 53  ? -3.938  9.467   3.031   1.00 13.25 ? 105 VAL A CG2 1 
ATOM   451  N  N   . GLN A 1 54  ? -1.961  8.584   -1.219  1.00 10.09 ? 106 GLN A N   1 
ATOM   452  C  CA  . GLN A 1 54  ? -1.861  8.146   -2.618  1.00 11.40 ? 106 GLN A CA  1 
ATOM   453  C  C   . GLN A 1 54  ? -2.318  6.654   -2.568  1.00 11.46 ? 106 GLN A C   1 
ATOM   454  O  O   . GLN A 1 54  ? -2.060  5.897   -1.618  1.00 12.24 ? 106 GLN A O   1 
ATOM   455  C  CB  . GLN A 1 54  ? -0.432  8.216   -3.141  1.00 12.62 ? 106 GLN A CB  1 
ATOM   456  C  CG  . GLN A 1 54  ? 0.085   9.665   -3.103  1.00 14.64 ? 106 GLN A CG  1 
ATOM   457  C  CD  . GLN A 1 54  ? 1.409   9.883   -3.860  1.00 17.22 ? 106 GLN A CD  1 
ATOM   458  O  OE1 . GLN A 1 54  ? 2.006   11.020  -3.759  1.00 18.79 ? 106 GLN A OE1 1 
ATOM   459  N  NE2 . GLN A 1 54  ? 1.989   8.826   -4.427  1.00 14.04 ? 106 GLN A NE2 1 
ATOM   460  N  N   . HIS A 1 55  ? -2.925  6.277   -3.657  1.00 11.40 ? 107 HIS A N   1 
ATOM   461  C  CA  . HIS A 1 55  ? -3.312  4.874   -3.835  1.00 9.40  ? 107 HIS A CA  1 
ATOM   462  C  C   . HIS A 1 55  ? -2.716  4.255   -5.112  1.00 10.85 ? 107 HIS A C   1 
ATOM   463  O  O   . HIS A 1 55  ? -2.577  4.938   -6.136  1.00 11.48 ? 107 HIS A O   1 
ATOM   464  C  CB  . HIS A 1 55  ? -4.832  4.746   -4.000  1.00 10.80 ? 107 HIS A CB  1 
ATOM   465  C  CG  . HIS A 1 55  ? -5.597  5.361   -2.868  1.00 9.79  ? 107 HIS A CG  1 
ATOM   466  N  ND1 . HIS A 1 55  ? -5.840  4.716   -1.688  1.00 10.75 ? 107 HIS A ND1 1 
ATOM   467  C  CD2 . HIS A 1 55  ? -6.087  6.619   -2.726  1.00 11.03 ? 107 HIS A CD2 1 
ATOM   468  C  CE1 . HIS A 1 55  ? -6.524  5.516   -0.872  1.00 10.86 ? 107 HIS A CE1 1 
ATOM   469  N  NE2 . HIS A 1 55  ? -6.697  6.672   -1.500  1.00 12.99 ? 107 HIS A NE2 1 
ATOM   470  N  N   . PHE A 1 56  ? -2.297  2.980   -5.023  1.00 10.36 ? 108 PHE A N   1 
ATOM   471  C  CA  . PHE A 1 56  ? -1.752  2.285   -6.196  1.00 9.52  ? 108 PHE A CA  1 
ATOM   472  C  C   . PHE A 1 56  ? -2.444  0.942   -6.344  1.00 11.03 ? 108 PHE A C   1 
ATOM   473  O  O   . PHE A 1 56  ? -2.792  0.254   -5.372  1.00 10.48 ? 108 PHE A O   1 
ATOM   474  C  CB  . PHE A 1 56  ? -0.238  1.995   -6.007  1.00 9.46  ? 108 PHE A CB  1 
ATOM   475  C  CG  . PHE A 1 56  ? 0.579   3.251   -5.792  1.00 10.09 ? 108 PHE A CG  1 
ATOM   476  C  CD1 . PHE A 1 56  ? 0.654   3.838   -4.536  1.00 12.23 ? 108 PHE A CD1 1 
ATOM   477  C  CD2 . PHE A 1 56  ? 1.192   3.824   -6.850  1.00 13.06 ? 108 PHE A CD2 1 
ATOM   478  C  CE1 . PHE A 1 56  ? 1.348   5.083   -4.352  1.00 13.80 ? 108 PHE A CE1 1 
ATOM   479  C  CE2 . PHE A 1 56  ? 1.860   5.052   -6.690  1.00 13.24 ? 108 PHE A CE2 1 
ATOM   480  C  CZ  . PHE A 1 56  ? 1.918   5.659   -5.440  1.00 14.24 ? 108 PHE A CZ  1 
ATOM   481  N  N   . LYS A 1 57  ? -2.717  0.576   -7.581  1.00 9.86  ? 109 LYS A N   1 
ATOM   482  C  CA  . LYS A 1 57  ? -3.261  -0.801  -7.835  1.00 10.67 ? 109 LYS A CA  1 
ATOM   483  C  C   . LYS A 1 57  ? -2.146  -1.812  -7.676  1.00 10.44 ? 109 LYS A C   1 
ATOM   484  O  O   . LYS A 1 57  ? -0.991  -1.560  -8.149  1.00 12.69 ? 109 LYS A O   1 
ATOM   485  C  CB  . LYS A 1 57  ? -3.664  -0.915  -9.325  1.00 11.79 ? 109 LYS A CB  1 
ATOM   486  C  CG  . LYS A 1 57  ? -4.715  0.062   -9.689  1.00 13.27 ? 109 LYS A CG  1 
ATOM   487  C  CD  . LYS A 1 57  ? -5.145  -0.243  -11.151 1.00 12.31 ? 109 LYS A CD  1 
ATOM   488  C  CE  . LYS A 1 57  ? -4.197  0.446   -12.110 1.00 12.24 ? 109 LYS A CE  1 
ATOM   489  N  NZ  . LYS A 1 57  ? -4.714  0.226   -13.594 1.00 15.07 ? 109 LYS A NZ  1 
ATOM   490  N  N   . VAL A 1 58  ? -2.412  -2.914  -6.977  1.00 9.20  ? 110 VAL A N   1 
ATOM   491  C  CA  . VAL A 1 58  ? -1.469  -4.056  -7.083  1.00 9.70  ? 110 VAL A CA  1 
ATOM   492  C  C   . VAL A 1 58  ? -1.869  -4.872  -8.297  1.00 10.10 ? 110 VAL A C   1 
ATOM   493  O  O   . VAL A 1 58  ? -2.936  -5.460  -8.379  1.00 12.61 ? 110 VAL A O   1 
ATOM   494  C  CB  . VAL A 1 58  ? -1.505  -4.916  -5.775  1.00 9.23  ? 110 VAL A CB  1 
ATOM   495  C  CG1 . VAL A 1 58  ? -0.560  -6.092  -5.899  1.00 11.47 ? 110 VAL A CG1 1 
ATOM   496  C  CG2 . VAL A 1 58  ? -1.142  -4.048  -4.533  1.00 10.57 ? 110 VAL A CG2 1 
ATOM   497  N  N   . LEU A 1 59  ? -0.984  -4.803  -9.261  1.00 10.96 ? 111 LEU A N   1 
ATOM   498  C  CA  . LEU A 1 59  ? -1.218  -5.448  -10.565 1.00 11.86 ? 111 LEU A CA  1 
ATOM   499  C  C   . LEU A 1 59  ? -0.710  -6.862  -10.569 1.00 12.71 ? 111 LEU A C   1 
ATOM   500  O  O   . LEU A 1 59  ? 0.174   -7.202  -9.760  1.00 11.16 ? 111 LEU A O   1 
ATOM   501  C  CB  . LEU A 1 59  ? -0.536  -4.643  -11.702 1.00 10.23 ? 111 LEU A CB  1 
ATOM   502  C  CG  . LEU A 1 59  ? -1.088  -3.222  -11.769 1.00 13.96 ? 111 LEU A CG  1 
ATOM   503  C  CD1 . LEU A 1 59  ? -0.188  -2.363  -12.674 1.00 16.37 ? 111 LEU A CD1 1 
ATOM   504  C  CD2 . LEU A 1 59  ? -2.585  -3.142  -12.153 1.00 13.44 ? 111 LEU A CD2 1 
ATOM   505  N  N   . ARG A 1 60  ? -1.318  -7.712  -11.428 1.00 12.60 ? 112 ARG A N   1 
ATOM   506  C  CA  . ARG A 1 60  ? -0.845  -9.122  -11.536 1.00 12.22 ? 112 ARG A CA  1 
ATOM   507  C  C   . ARG A 1 60  ? -0.397  -9.385  -12.952 1.00 13.24 ? 112 ARG A C   1 
ATOM   508  O  O   . ARG A 1 60  ? -0.990  -8.871  -13.903 1.00 15.58 ? 112 ARG A O   1 
ATOM   509  C  CB  . ARG A 1 60  ? -2.008  -10.125 -11.170 1.00 14.30 ? 112 ARG A CB  1 
ATOM   510  C  CG  . ARG A 1 60  ? -2.644  -9.896  -9.850  1.00 18.07 ? 112 ARG A CG  1 
ATOM   511  C  CD  . ARG A 1 60  ? -1.735  -9.989  -8.779  1.00 19.97 ? 112 ARG A CD  1 
ATOM   512  N  NE  . ARG A 1 60  ? -1.446  -11.393 -8.489  1.00 20.91 ? 112 ARG A NE  1 
ATOM   513  C  CZ  . ARG A 1 60  ? -2.280  -12.224 -7.852  1.00 23.51 ? 112 ARG A CZ  1 
ATOM   514  N  NH1 . ARG A 1 60  ? -3.520  -11.786 -7.630  1.00 22.36 ? 112 ARG A NH1 1 
ATOM   515  N  NH2 . ARG A 1 60  ? -1.885  -13.518 -7.602  1.00 17.93 ? 112 ARG A NH2 1 
ATOM   516  N  N   . ASP A 1 61  ? 0.614   -10.261 -13.060 1.00 12.64 ? 113 ASP A N   1 
ATOM   517  C  CA  . ASP A 1 61  ? 0.986   -10.681 -14.440 1.00 13.77 ? 113 ASP A CA  1 
ATOM   518  C  C   . ASP A 1 61  ? 0.139   -11.891 -14.806 1.00 16.75 ? 113 ASP A C   1 
ATOM   519  O  O   . ASP A 1 61  ? -0.744  -12.334 -14.038 1.00 16.66 ? 113 ASP A O   1 
ATOM   520  C  CB  . ASP A 1 61  ? 2.534   -10.863 -14.570 1.00 15.18 ? 113 ASP A CB  1 
ATOM   521  C  CG  . ASP A 1 61  ? 3.031   -12.123 -13.909 1.00 14.29 ? 113 ASP A CG  1 
ATOM   522  O  OD1 . ASP A 1 61  ? 2.231   -12.843 -13.224 1.00 15.84 ? 113 ASP A OD1 1 
ATOM   523  O  OD2 . ASP A 1 61  ? 4.258   -12.432 -14.035 1.00 18.28 ? 113 ASP A OD2 1 
ATOM   524  N  N   . GLY A 1 62  ? 0.476   -12.462 -15.959 1.00 18.48 ? 114 GLY A N   1 
ATOM   525  C  CA  . GLY A 1 62  ? -0.318  -13.664 -16.355 1.00 20.72 ? 114 GLY A CA  1 
ATOM   526  C  C   . GLY A 1 62  ? -0.181  -14.893 -15.428 1.00 20.18 ? 114 GLY A C   1 
ATOM   527  O  O   . GLY A 1 62  ? -0.998  -15.833 -15.524 1.00 24.01 ? 114 GLY A O   1 
ATOM   528  N  N   . ALA A 1 63  ? 0.857   -14.969 -14.593 1.00 17.68 ? 115 ALA A N   1 
ATOM   529  C  CA  . ALA A 1 63  ? 1.243   -16.097 -13.804 1.00 18.36 ? 115 ALA A CA  1 
ATOM   530  C  C   . ALA A 1 63  ? 0.826   -15.853 -12.378 1.00 20.45 ? 115 ALA A C   1 
ATOM   531  O  O   . ALA A 1 63  ? 0.981   -16.739 -11.541 1.00 23.99 ? 115 ALA A O   1 
ATOM   532  C  CB  . ALA A 1 63  ? 2.761   -16.343 -13.870 1.00 21.60 ? 115 ALA A CB  1 
ATOM   533  N  N   . GLY A 1 64  ? 0.268   -14.685 -12.085 1.00 17.78 ? 116 GLY A N   1 
ATOM   534  C  CA  . GLY A 1 64  ? -0.169  -14.332 -10.683 1.00 18.88 ? 116 GLY A CA  1 
ATOM   535  C  C   . GLY A 1 64  ? 0.883   -13.640 -9.820  1.00 18.23 ? 116 GLY A C   1 
ATOM   536  O  O   . GLY A 1 64  ? 0.718   -13.528 -8.607  1.00 20.33 ? 116 GLY A O   1 
ATOM   537  N  N   . LYS A 1 65  ? 1.989   -13.233 -10.407 1.00 15.84 ? 117 LYS A N   1 
ATOM   538  C  CA  . LYS A 1 65  ? 2.945   -12.426 -9.628  1.00 13.41 ? 117 LYS A CA  1 
ATOM   539  C  C   . LYS A 1 65  ? 2.326   -11.042 -9.430  1.00 14.05 ? 117 LYS A C   1 
ATOM   540  O  O   . LYS A 1 65  ? 1.398   -10.616 -10.154 1.00 16.58 ? 117 LYS A O   1 
ATOM   541  C  CB  . LYS A 1 65  ? 4.258   -12.308 -10.374 1.00 15.61 ? 117 LYS A CB  1 
ATOM   542  C  CG  . LYS A 1 65  ? 4.893   -13.749 -10.393 1.00 20.24 ? 117 LYS A CG  1 
ATOM   543  C  CD  . LYS A 1 65  ? 6.361   -13.758 -10.585 1.00 22.62 ? 117 LYS A CD  1 
ATOM   544  C  CE  . LYS A 1 65  ? 6.994   -15.095 -10.745 1.00 27.96 ? 117 LYS A CE  1 
ATOM   545  N  NZ  . LYS A 1 65  ? 8.403   -14.778 -10.158 1.00 30.85 ? 117 LYS A NZ  1 
ATOM   546  N  N   . TYR A 1 66  ? 2.832   -10.312 -8.441  1.00 10.72 ? 118 TYR A N   1 
ATOM   547  C  CA  . TYR A 1 66  ? 2.286   -8.987  -8.074  1.00 11.02 ? 118 TYR A CA  1 
ATOM   548  C  C   . TYR A 1 66  ? 3.305   -7.894  -8.384  1.00 9.56  ? 118 TYR A C   1 
ATOM   549  O  O   . TYR A 1 66  ? 4.523   -8.075  -8.197  1.00 9.12  ? 118 TYR A O   1 
ATOM   550  C  CB  . TYR A 1 66  ? 2.128   -8.980  -6.539  1.00 12.29 ? 118 TYR A CB  1 
ATOM   551  C  CG  . TYR A 1 66  ? 1.174   -10.033 -5.997  1.00 9.64  ? 118 TYR A CG  1 
ATOM   552  C  CD1 . TYR A 1 66  ? 1.693   -11.230 -5.514  1.00 10.05 ? 118 TYR A CD1 1 
ATOM   553  C  CD2 . TYR A 1 66  ? -0.212  -9.754  -5.930  1.00 12.07 ? 118 TYR A CD2 1 
ATOM   554  C  CE1 . TYR A 1 66  ? 0.866   -12.219 -4.976  1.00 13.42 ? 118 TYR A CE1 1 
ATOM   555  C  CE2 . TYR A 1 66  ? -1.071  -10.695 -5.307  1.00 11.32 ? 118 TYR A CE2 1 
ATOM   556  C  CZ  . TYR A 1 66  ? -0.516  -11.885 -4.834  1.00 11.05 ? 118 TYR A CZ  1 
ATOM   557  O  OH  . TYR A 1 66  ? -1.432  -12.848 -4.295  1.00 14.82 ? 118 TYR A OH  1 
ATOM   558  N  N   . PHE A 1 67  ? 2.814   -6.738  -8.816  1.00 9.02  ? 119 PHE A N   1 
ATOM   559  C  CA  . PHE A 1 67  ? 3.727   -5.584  -9.055  1.00 10.88 ? 119 PHE A CA  1 
ATOM   560  C  C   . PHE A 1 67  ? 2.987   -4.277  -9.007  1.00 11.83 ? 119 PHE A C   1 
ATOM   561  O  O   . PHE A 1 67  ? 1.761   -4.223  -9.153  1.00 11.36 ? 119 PHE A O   1 
ATOM   562  C  CB  . PHE A 1 67  ? 4.466   -5.745  -10.432 1.00 11.48 ? 119 PHE A CB  1 
ATOM   563  C  CG  . PHE A 1 67  ? 3.566   -5.696  -11.619 1.00 10.41 ? 119 PHE A CG  1 
ATOM   564  C  CD1 . PHE A 1 67  ? 3.496   -4.510  -12.426 1.00 12.40 ? 119 PHE A CD1 1 
ATOM   565  C  CD2 . PHE A 1 67  ? 2.872   -6.840  -12.071 1.00 12.00 ? 119 PHE A CD2 1 
ATOM   566  C  CE1 . PHE A 1 67  ? 2.665   -4.453  -13.622 1.00 12.07 ? 119 PHE A CE1 1 
ATOM   567  C  CE2 . PHE A 1 67  ? 2.096   -6.793  -13.225 1.00 12.62 ? 119 PHE A CE2 1 
ATOM   568  C  CZ  . PHE A 1 67  ? 2.014   -5.601  -13.975 1.00 12.58 ? 119 PHE A CZ  1 
ATOM   569  N  N   . LEU A 1 68  ? 3.777   -3.208  -8.809  1.00 10.84 ? 120 LEU A N   1 
ATOM   570  C  CA  . LEU A 1 68  ? 3.180   -1.827  -8.944  1.00 10.42 ? 120 LEU A CA  1 
ATOM   571  C  C   . LEU A 1 68  ? 3.506   -1.229  -10.310 1.00 10.96 ? 120 LEU A C   1 
ATOM   572  O  O   . LEU A 1 68  ? 2.624   -0.620  -10.961 1.00 12.43 ? 120 LEU A O   1 
ATOM   573  C  CB  . LEU A 1 68  ? 3.766   -0.890  -7.876  1.00 11.43 ? 120 LEU A CB  1 
ATOM   574  C  CG  . LEU A 1 68  ? 3.460   -1.293  -6.409  1.00 10.65 ? 120 LEU A CG  1 
ATOM   575  C  CD1 . LEU A 1 68  ? 4.044   -0.218  -5.470  1.00 11.31 ? 120 LEU A CD1 1 
ATOM   576  C  CD2 . LEU A 1 68  ? 1.873   -1.550  -6.184  1.00 12.84 ? 120 LEU A CD2 1 
ATOM   577  N  N   . TRP A 1 69  ? 4.767   -1.401  -10.721 1.00 11.71 ? 121 TRP A N   1 
ATOM   578  C  CA  . TRP A 1 69  ? 5.254   -0.727  -11.954 1.00 13.00 ? 121 TRP A CA  1 
ATOM   579  C  C   . TRP A 1 69  ? 5.881   -1.713  -12.941 1.00 12.21 ? 121 TRP A C   1 
ATOM   580  O  O   . TRP A 1 69  ? 5.258   -1.995  -13.988 1.00 13.95 ? 121 TRP A O   1 
ATOM   581  C  CB  . TRP A 1 69  ? 6.217   0.411   -11.644 1.00 12.73 ? 121 TRP A CB  1 
ATOM   582  C  CG  . TRP A 1 69  ? 5.615   1.538   -10.874 1.00 14.06 ? 121 TRP A CG  1 
ATOM   583  C  CD1 . TRP A 1 69  ? 5.726   1.764   -9.513  1.00 16.64 ? 121 TRP A CD1 1 
ATOM   584  C  CD2 . TRP A 1 69  ? 4.779   2.576   -11.393 1.00 12.83 ? 121 TRP A CD2 1 
ATOM   585  N  NE1 . TRP A 1 69  ? 5.006   2.925   -9.195  1.00 13.46 ? 121 TRP A NE1 1 
ATOM   586  C  CE2 . TRP A 1 69  ? 4.440   3.433   -10.292 1.00 12.23 ? 121 TRP A CE2 1 
ATOM   587  C  CE3 . TRP A 1 69  ? 4.233   2.854   -12.641 1.00 14.23 ? 121 TRP A CE3 1 
ATOM   588  C  CZ2 . TRP A 1 69  ? 3.630   4.609   -10.484 1.00 13.00 ? 121 TRP A CZ2 1 
ATOM   589  C  CZ3 . TRP A 1 69  ? 3.410   4.060   -12.818 1.00 15.93 ? 121 TRP A CZ3 1 
ATOM   590  C  CH2 . TRP A 1 69  ? 3.142   4.867   -11.720 1.00 14.65 ? 121 TRP A CH2 1 
ATOM   591  N  N   . VAL A 1 70  ? 7.087   -2.235  -12.569 1.00 12.56 ? 122 VAL A N   1 
ATOM   592  C  CA  . VAL A 1 70  ? 7.810   -3.145  -13.483 1.00 13.20 ? 122 VAL A CA  1 
ATOM   593  C  C   . VAL A 1 70  ? 8.364   -4.362  -12.791 1.00 12.33 ? 122 VAL A C   1 
ATOM   594  O  O   . VAL A 1 70  ? 8.222   -5.508  -13.262 1.00 12.86 ? 122 VAL A O   1 
ATOM   595  C  CB  . VAL A 1 70  ? 8.954   -2.325  -14.176 1.00 16.17 ? 122 VAL A CB  1 
ATOM   596  C  CG1 . VAL A 1 70  ? 9.776   -3.302  -15.000 1.00 17.55 ? 122 VAL A CG1 1 
ATOM   597  C  CG2 . VAL A 1 70  ? 8.309   -1.302  -15.152 1.00 20.78 ? 122 VAL A CG2 1 
ATOM   598  N  N   . VAL A 1 71  ? 8.886   -4.194  -11.586 1.00 12.99 ? 123 VAL A N   1 
ATOM   599  C  CA  . VAL A 1 71  ? 9.492   -5.339  -10.895 1.00 12.27 ? 123 VAL A CA  1 
ATOM   600  C  C   . VAL A 1 71  ? 8.390   -6.119  -10.153 1.00 14.29 ? 123 VAL A C   1 
ATOM   601  O  O   . VAL A 1 71  ? 7.531   -5.489  -9.506  1.00 14.40 ? 123 VAL A O   1 
ATOM   602  C  CB  . VAL A 1 71  ? 10.541  -4.812  -9.897  1.00 12.47 ? 123 VAL A CB  1 
ATOM   603  C  CG1 . VAL A 1 71  ? 11.182  -5.961  -9.167  1.00 12.83 ? 123 VAL A CG1 1 
ATOM   604  C  CG2 . VAL A 1 71  ? 11.609  -4.017  -10.657 1.00 16.32 ? 123 VAL A CG2 1 
ATOM   605  N  N   . LYS A 1 72  ? 8.400   -7.445  -10.222 1.00 12.62 ? 124 LYS A N   1 
ATOM   606  C  CA  . LYS A 1 72  ? 7.251   -8.254  -9.766  1.00 12.55 ? 124 LYS A CA  1 
ATOM   607  C  C   . LYS A 1 72  ? 7.730   -9.337  -8.881  1.00 11.90 ? 124 LYS A C   1 
ATOM   608  O  O   . LYS A 1 72  ? 8.942   -9.724  -8.863  1.00 12.33 ? 124 LYS A O   1 
ATOM   609  C  CB  . LYS A 1 72  ? 6.497   -8.814  -10.952 1.00 10.97 ? 124 LYS A CB  1 
ATOM   610  C  CG  . LYS A 1 72  ? 7.235   -9.796  -11.830 1.00 11.50 ? 124 LYS A CG  1 
ATOM   611  C  CD  . LYS A 1 72  ? 6.398   -10.079 -13.106 1.00 12.46 ? 124 LYS A CD  1 
ATOM   612  C  CE  . LYS A 1 72  ? 7.150   -11.080 -13.946 1.00 13.06 ? 124 LYS A CE  1 
ATOM   613  N  NZ  . LYS A 1 72  ? 6.296   -11.381 -15.168 1.00 11.80 ? 124 LYS A NZ  1 
ATOM   614  N  N   A PHE A 1 73  ? 6.796   -9.805  -8.049  0.50 10.68 ? 125 PHE A N   1 
ATOM   615  N  N   B PHE A 1 73  ? 6.754   -9.839  -8.112  0.50 11.30 ? 125 PHE A N   1 
ATOM   616  C  CA  A PHE A 1 73  ? 7.177   -10.689 -6.960  0.50 9.77  ? 125 PHE A CA  1 
ATOM   617  C  CA  B PHE A 1 73  ? 7.041   -10.521 -6.860  0.50 11.39 ? 125 PHE A CA  1 
ATOM   618  C  C   A PHE A 1 73  ? 6.191   -11.764 -6.718  0.50 11.98 ? 125 PHE A C   1 
ATOM   619  C  C   B PHE A 1 73  ? 6.152   -11.725 -6.661  0.50 12.65 ? 125 PHE A C   1 
ATOM   620  O  O   A PHE A 1 73  ? 5.020   -11.668 -7.102  0.50 11.23 ? 125 PHE A O   1 
ATOM   621  O  O   B PHE A 1 73  ? 4.995   -11.694 -7.077  0.50 12.02 ? 125 PHE A O   1 
ATOM   622  C  CB  A PHE A 1 73  ? 7.352   -9.920  -5.626  0.50 9.85  ? 125 PHE A CB  1 
ATOM   623  C  CB  B PHE A 1 73  ? 6.812   -9.507  -5.670  0.50 11.72 ? 125 PHE A CB  1 
ATOM   624  C  CG  A PHE A 1 73  ? 8.476   -8.968  -5.653  0.50 8.65  ? 125 PHE A CG  1 
ATOM   625  C  CG  B PHE A 1 73  ? 7.593   -8.238  -5.831  0.50 11.57 ? 125 PHE A CG  1 
ATOM   626  C  CD1 A PHE A 1 73  ? 9.750   -9.368  -5.298  0.50 11.09 ? 125 PHE A CD1 1 
ATOM   627  C  CD1 B PHE A 1 73  ? 8.952   -8.183  -5.568  0.50 10.60 ? 125 PHE A CD1 1 
ATOM   628  C  CD2 A PHE A 1 73  ? 8.255   -7.672  -6.137  0.50 9.99  ? 125 PHE A CD2 1 
ATOM   629  C  CD2 B PHE A 1 73  ? 6.981   -7.139  -6.377  0.50 8.58  ? 125 PHE A CD2 1 
ATOM   630  C  CE1 A PHE A 1 73  ? 10.815  -8.443  -5.469  0.50 10.32 ? 125 PHE A CE1 1 
ATOM   631  C  CE1 B PHE A 1 73  ? 9.669   -6.965  -5.783  0.50 12.12 ? 125 PHE A CE1 1 
ATOM   632  C  CE2 A PHE A 1 73  ? 9.292   -6.759  -6.249  0.50 12.53 ? 125 PHE A CE2 1 
ATOM   633  C  CE2 B PHE A 1 73  ? 7.680   -5.962  -6.575  0.50 12.94 ? 125 PHE A CE2 1 
ATOM   634  C  CZ  A PHE A 1 73  ? 10.553  -7.171  -5.904  0.50 12.80 ? 125 PHE A CZ  1 
ATOM   635  C  CZ  B PHE A 1 73  ? 8.991   -5.887  -6.319  0.50 12.60 ? 125 PHE A CZ  1 
ATOM   636  N  N   . ASN A 1 74  ? 6.656   -12.783 -6.005  1.00 11.34 ? 126 ASN A N   1 
ATOM   637  C  CA  . ASN A 1 74  ? 5.800   -13.958 -5.782  1.00 12.35 ? 126 ASN A CA  1 
ATOM   638  C  C   . ASN A 1 74  ? 4.845   -13.764 -4.638  1.00 13.14 ? 126 ASN A C   1 
ATOM   639  O  O   . ASN A 1 74  ? 3.989   -14.683 -4.402  1.00 15.43 ? 126 ASN A O   1 
ATOM   640  C  CB  . ASN A 1 74  ? 6.642   -15.190 -5.383  1.00 12.79 ? 126 ASN A CB  1 
ATOM   641  C  CG  . ASN A 1 74  ? 7.424   -15.702 -6.566  1.00 17.93 ? 126 ASN A CG  1 
ATOM   642  O  OD1 . ASN A 1 74  ? 6.939   -15.660 -7.696  1.00 21.55 ? 126 ASN A OD1 1 
ATOM   643  N  ND2 . ASN A 1 74  ? 8.694   -16.056 -6.318  1.00 23.83 ? 126 ASN A ND2 1 
ATOM   644  N  N   . SER A 1 75  ? 4.835   -12.626 -3.929  1.00 10.45 ? 127 SER A N   1 
ATOM   645  C  CA  . SER A 1 75  ? 3.896   -12.411 -2.804  1.00 10.98 ? 127 SER A CA  1 
ATOM   646  C  C   . SER A 1 75  ? 3.706   -10.930 -2.645  1.00 9.70  ? 127 SER A C   1 
ATOM   647  O  O   . SER A 1 75  ? 4.590   -10.126 -3.013  1.00 10.36 ? 127 SER A O   1 
ATOM   648  C  CB  . SER A 1 75  ? 4.369   -13.006 -1.469  1.00 11.68 ? 127 SER A CB  1 
ATOM   649  O  OG  . SER A 1 75  ? 5.698   -12.475 -1.162  1.00 11.62 ? 127 SER A OG  1 
ATOM   650  N  N   . LEU A 1 76  ? 2.554   -10.565 -2.091  1.00 10.11 ? 128 LEU A N   1 
ATOM   651  C  CA  . LEU A 1 76  ? 2.405   -9.208  -1.590  1.00 10.35 ? 128 LEU A CA  1 
ATOM   652  C  C   . LEU A 1 76  ? 3.486   -8.852  -0.620  1.00 10.13 ? 128 LEU A C   1 
ATOM   653  O  O   . LEU A 1 76  ? 4.016   -7.729  -0.614  1.00 11.08 ? 128 LEU A O   1 
ATOM   654  C  CB  . LEU A 1 76  ? 1.044   -9.122  -0.887  1.00 10.51 ? 128 LEU A CB  1 
ATOM   655  C  CG  . LEU A 1 76  ? -0.222  -9.214  -1.683  1.00 11.41 ? 128 LEU A CG  1 
ATOM   656  C  CD1 . LEU A 1 76  ? -1.483  -9.354  -0.773  1.00 13.22 ? 128 LEU A CD1 1 
ATOM   657  C  CD2 . LEU A 1 76  ? -0.364  -7.969  -2.626  1.00 12.43 ? 128 LEU A CD2 1 
ATOM   658  N  N   . ASN A 1 77  ? 3.886   -9.820  0.247   1.00 11.01 ? 129 ASN A N   1 
ATOM   659  C  CA  . ASN A 1 77  ? 4.869   -9.530  1.277   1.00 10.64 ? 129 ASN A CA  1 
ATOM   660  C  C   . ASN A 1 77  ? 6.216   -9.113  0.633   1.00 11.23 ? 129 ASN A C   1 
ATOM   661  O  O   . ASN A 1 77  ? 6.805   -8.133  1.154   1.00 10.48 ? 129 ASN A O   1 
ATOM   662  C  CB  . ASN A 1 77  ? 5.014   -10.831 2.042   1.00 10.83 ? 129 ASN A CB  1 
ATOM   663  C  CG  . ASN A 1 77  ? 5.762   -10.669 3.375   1.00 14.17 ? 129 ASN A CG  1 
ATOM   664  O  OD1 . ASN A 1 77  ? 6.515   -9.643  3.680   1.00 16.46 ? 129 ASN A OD1 1 
ATOM   665  N  ND2 . ASN A 1 77  ? 5.699   -11.728 4.139   1.00 9.43  ? 129 ASN A ND2 1 
ATOM   666  N  N   . GLU A 1 78  ? 6.616   -9.762  -0.449  1.00 10.77 ? 130 GLU A N   1 
ATOM   667  C  CA  . GLU A 1 78  ? 7.899   -9.409  -1.092  1.00 11.85 ? 130 GLU A CA  1 
ATOM   668  C  C   . GLU A 1 78  ? 7.717   -8.062  -1.826  1.00 11.38 ? 130 GLU A C   1 
ATOM   669  O  O   . GLU A 1 78  ? 8.675   -7.252  -1.831  1.00 11.35 ? 130 GLU A O   1 
ATOM   670  C  CB  . GLU A 1 78  ? 8.299   -10.501 -2.052  1.00 10.90 ? 130 GLU A CB  1 
ATOM   671  C  CG  . GLU A 1 78  ? 8.835   -11.706 -1.290  1.00 10.98 ? 130 GLU A CG  1 
ATOM   672  C  CD  . GLU A 1 78  ? 8.831   -12.942 -2.211  1.00 16.33 ? 130 GLU A CD  1 
ATOM   673  O  OE1 . GLU A 1 78  ? 9.943   -13.358 -2.642  1.00 18.95 ? 130 GLU A OE1 1 
ATOM   674  O  OE2 . GLU A 1 78  ? 7.757   -13.427 -2.574  1.00 14.63 ? 130 GLU A OE2 1 
ATOM   675  N  N   A LEU A 1 79  ? 6.565   -7.795  -2.429  0.50 9.87  ? 131 LEU A N   1 
ATOM   676  N  N   B LEU A 1 79  ? 6.551   -7.807  -2.422  0.50 10.38 ? 131 LEU A N   1 
ATOM   677  C  CA  A LEU A 1 79  ? 6.389   -6.506  -3.135  0.50 9.41  ? 131 LEU A CA  1 
ATOM   678  C  CA  B LEU A 1 79  ? 6.287   -6.510  -3.095  0.50 10.34 ? 131 LEU A CA  1 
ATOM   679  C  C   A LEU A 1 79  ? 6.449   -5.355  -2.101  0.50 10.04 ? 131 LEU A C   1 
ATOM   680  C  C   B LEU A 1 79  ? 6.450   -5.380  -2.100  0.50 10.60 ? 131 LEU A C   1 
ATOM   681  O  O   A LEU A 1 79  ? 7.073   -4.312  -2.312  0.50 10.14 ? 131 LEU A O   1 
ATOM   682  O  O   B LEU A 1 79  ? 7.105   -4.373  -2.354  0.50 11.05 ? 131 LEU A O   1 
ATOM   683  C  CB  A LEU A 1 79  ? 5.055   -6.557  -3.930  0.50 9.33  ? 131 LEU A CB  1 
ATOM   684  C  CB  B LEU A 1 79  ? 4.834   -6.515  -3.628  0.50 10.81 ? 131 LEU A CB  1 
ATOM   685  C  CG  A LEU A 1 79  ? 4.690   -5.198  -4.499  0.50 9.17  ? 131 LEU A CG  1 
ATOM   686  C  CG  B LEU A 1 79  ? 4.413   -5.209  -4.328  0.50 9.74  ? 131 LEU A CG  1 
ATOM   687  C  CD1 A LEU A 1 79  ? 5.693   -4.925  -5.661  0.50 9.48  ? 131 LEU A CD1 1 
ATOM   688  C  CD1 B LEU A 1 79  ? 3.375   -5.615  -5.406  0.50 10.90 ? 131 LEU A CD1 1 
ATOM   689  C  CD2 A LEU A 1 79  ? 3.170   -5.183  -4.940  0.50 10.14 ? 131 LEU A CD2 1 
ATOM   690  C  CD2 B LEU A 1 79  ? 3.893   -4.055  -3.474  0.50 11.45 ? 131 LEU A CD2 1 
ATOM   691  N  N   . VAL A 1 80  ? 5.788   -5.514  -0.950  1.00 9.88  ? 132 VAL A N   1 
ATOM   692  C  CA  . VAL A 1 80  ? 5.802   -4.480  0.103   1.00 9.93  ? 132 VAL A CA  1 
ATOM   693  C  C   . VAL A 1 80  ? 7.248   -4.293  0.522   1.00 10.04 ? 132 VAL A C   1 
ATOM   694  O  O   . VAL A 1 80  ? 7.755   -3.142  0.645   1.00 10.76 ? 132 VAL A O   1 
ATOM   695  C  CB  . VAL A 1 80  ? 4.926   -4.942  1.305   1.00 9.62  ? 132 VAL A CB  1 
ATOM   696  C  CG1 . VAL A 1 80  ? 5.293   -4.174  2.565   1.00 8.11  ? 132 VAL A CG1 1 
ATOM   697  C  CG2 . VAL A 1 80  ? 3.466   -4.750  0.977   1.00 12.21 ? 132 VAL A CG2 1 
ATOM   698  N  N   . ASP A 1 81  ? 7.940   -5.381  0.845   1.00 9.66  ? 133 ASP A N   1 
ATOM   699  C  CA  . ASP A 1 81  ? 9.324   -5.221  1.341   1.00 10.20 ? 133 ASP A CA  1 
ATOM   700  C  C   . ASP A 1 81  ? 10.292  -4.563  0.348   1.00 11.63 ? 133 ASP A C   1 
ATOM   701  O  O   . ASP A 1 81  ? 11.132  -3.694  0.740   1.00 11.76 ? 133 ASP A O   1 
ATOM   702  C  CB  . ASP A 1 81  ? 9.881   -6.529  1.887   1.00 11.87 ? 133 ASP A CB  1 
ATOM   703  C  CG  . ASP A 1 81  ? 9.180   -6.959  3.164   1.00 11.97 ? 133 ASP A CG  1 
ATOM   704  O  OD1 . ASP A 1 81  ? 8.543   -6.160  3.865   1.00 15.96 ? 133 ASP A OD1 1 
ATOM   705  O  OD2 . ASP A 1 81  ? 9.305   -8.191  3.524   1.00 15.86 ? 133 ASP A OD2 1 
ATOM   706  N  N   . TYR A 1 82  ? 10.121  -4.890  -0.937  1.00 11.08 ? 134 TYR A N   1 
ATOM   707  C  CA  . TYR A 1 82  ? 10.895  -4.270  -1.994  1.00 10.24 ? 134 TYR A CA  1 
ATOM   708  C  C   . TYR A 1 82  ? 10.688  -2.726  -1.960  1.00 11.12 ? 134 TYR A C   1 
ATOM   709  O  O   . TYR A 1 82  ? 11.635  -1.942  -2.058  1.00 11.65 ? 134 TYR A O   1 
ATOM   710  C  CB  . TYR A 1 82  ? 10.510  -4.850  -3.342  1.00 11.40 ? 134 TYR A CB  1 
ATOM   711  C  CG  . TYR A 1 82  ? 11.204  -4.178  -4.508  1.00 11.07 ? 134 TYR A CG  1 
ATOM   712  C  CD1 . TYR A 1 82  ? 12.526  -4.461  -4.779  1.00 15.03 ? 134 TYR A CD1 1 
ATOM   713  C  CD2 . TYR A 1 82  ? 10.480  -3.227  -5.286  1.00 14.85 ? 134 TYR A CD2 1 
ATOM   714  C  CE1 . TYR A 1 82  ? 13.141  -3.863  -5.935  1.00 15.59 ? 134 TYR A CE1 1 
ATOM   715  C  CE2 . TYR A 1 82  ? 11.064  -2.646  -6.453  1.00 13.45 ? 134 TYR A CE2 1 
ATOM   716  C  CZ  . TYR A 1 82  ? 12.403  -2.981  -6.709  1.00 14.85 ? 134 TYR A CZ  1 
ATOM   717  O  OH  . TYR A 1 82  ? 12.986  -2.326  -7.810  1.00 18.74 ? 134 TYR A OH  1 
ATOM   718  N  N   . HIS A 1 83  ? 9.424   -2.311  -1.775  1.00 10.94 ? 135 HIS A N   1 
ATOM   719  C  CA  . HIS A 1 83  ? 9.139   -0.901  -1.816  1.00 10.15 ? 135 HIS A CA  1 
ATOM   720  C  C   . HIS A 1 83  ? 9.352   -0.156  -0.505  1.00 8.76  ? 135 HIS A C   1 
ATOM   721  O  O   . HIS A 1 83  ? 9.031   1.057   -0.426  1.00 11.28 ? 135 HIS A O   1 
ATOM   722  C  CB  . HIS A 1 83  ? 7.684   -0.713  -2.358  1.00 11.19 ? 135 HIS A CB  1 
ATOM   723  C  CG  . HIS A 1 83  ? 7.608   -0.953  -3.844  1.00 9.96  ? 135 HIS A CG  1 
ATOM   724  N  ND1 . HIS A 1 83  ? 8.160   -0.105  -4.812  1.00 12.84 ? 135 HIS A ND1 1 
ATOM   725  C  CD2 . HIS A 1 83  ? 7.059   -1.992  -4.517  1.00 10.18 ? 135 HIS A CD2 1 
ATOM   726  C  CE1 . HIS A 1 83  ? 7.934   -0.632  -6.007  1.00 12.50 ? 135 HIS A CE1 1 
ATOM   727  N  NE2 . HIS A 1 83  ? 7.259   -1.734  -5.860  1.00 12.55 ? 135 HIS A NE2 1 
ATOM   728  N  N   . ARG A 1 84  ? 9.958   -0.828  0.451   1.00 9.56  ? 136 ARG A N   1 
ATOM   729  C  CA  . ARG A 1 84  ? 10.538  -0.092  1.612   1.00 10.20 ? 136 ARG A CA  1 
ATOM   730  C  C   . ARG A 1 84  ? 11.786  0.665   1.215   1.00 11.44 ? 136 ARG A C   1 
ATOM   731  O  O   . ARG A 1 84  ? 12.180  1.572   1.932   1.00 11.91 ? 136 ARG A O   1 
ATOM   732  C  CB  . ARG A 1 84  ? 10.862  -1.100  2.787   1.00 9.49  ? 136 ARG A CB  1 
ATOM   733  C  CG  . ARG A 1 84  ? 9.604   -1.739  3.294   1.00 9.24  ? 136 ARG A CG  1 
ATOM   734  C  CD  . ARG A 1 84  ? 9.897   -2.708  4.363   1.00 10.79 ? 136 ARG A CD  1 
ATOM   735  N  NE  . ARG A 1 84  ? 8.724   -3.423  4.873   1.00 11.52 ? 136 ARG A NE  1 
ATOM   736  C  CZ  . ARG A 1 84  ? 7.955   -2.952  5.840   1.00 12.72 ? 136 ARG A CZ  1 
ATOM   737  N  NH1 . ARG A 1 84  ? 8.149   -1.703  6.349   1.00 14.01 ? 136 ARG A NH1 1 
ATOM   738  N  NH2 . ARG A 1 84  ? 6.920   -3.687  6.259   1.00 14.75 ? 136 ARG A NH2 1 
ATOM   739  N  N   . SER A 1 85  ? 12.450  0.259   0.103   1.00 11.29 ? 137 SER A N   1 
ATOM   740  C  CA  . SER A 1 85  ? 13.684  1.013   -0.353  1.00 12.50 ? 137 SER A CA  1 
ATOM   741  C  C   . SER A 1 85  ? 13.753  1.321   -1.789  1.00 11.18 ? 137 SER A C   1 
ATOM   742  O  O   . SER A 1 85  ? 14.789  1.908   -2.200  1.00 13.54 ? 137 SER A O   1 
ATOM   743  C  CB  . SER A 1 85  ? 14.923  0.302   0.145   1.00 11.72 ? 137 SER A CB  1 
ATOM   744  O  OG  . SER A 1 85  ? 15.057  -0.963  -0.423  1.00 14.15 ? 137 SER A OG  1 
ATOM   745  N  N   . THR A 1 86  ? 12.644  1.098   -2.525  1.00 11.53 ? 138 THR A N   1 
ATOM   746  C  CA  . THR A 1 86  ? 12.532  1.559   -3.900  1.00 11.12 ? 138 THR A CA  1 
ATOM   747  C  C   . THR A 1 86  ? 11.180  2.267   -3.891  1.00 10.96 ? 138 THR A C   1 
ATOM   748  O  O   . THR A 1 86  ? 10.159  1.740   -3.408  1.00 11.70 ? 138 THR A O   1 
ATOM   749  C  CB  . THR A 1 86  ? 12.529  0.429   -4.887  1.00 10.73 ? 138 THR A CB  1 
ATOM   750  O  OG1 . THR A 1 86  ? 13.854  -0.108  -4.899  1.00 13.96 ? 138 THR A OG1 1 
ATOM   751  C  CG2 . THR A 1 86  ? 12.160  0.941   -6.273  1.00 14.95 ? 138 THR A CG2 1 
ATOM   752  N  N   . SER A 1 87  ? 11.184  3.526   -4.358  1.00 10.84 ? 139 SER A N   1 
ATOM   753  C  CA  . SER A 1 87  ? 9.934   4.340   -4.223  1.00 10.66 ? 139 SER A CA  1 
ATOM   754  C  C   . SER A 1 87  ? 8.723   3.712   -4.925  1.00 10.58 ? 139 SER A C   1 
ATOM   755  O  O   . SER A 1 87  ? 8.813   3.047   -5.972  1.00 12.45 ? 139 SER A O   1 
ATOM   756  C  CB  . SER A 1 87  ? 10.206  5.725   -4.869  1.00 12.03 ? 139 SER A CB  1 
ATOM   757  O  OG  . SER A 1 87  ? 9.076   6.559   -4.646  1.00 11.47 ? 139 SER A OG  1 
ATOM   758  N  N   . VAL A 1 88  ? 7.590   3.861   -4.231  1.00 11.16 ? 140 VAL A N   1 
ATOM   759  C  CA  . VAL A 1 88  ? 6.302   3.471   -4.885  1.00 11.23 ? 140 VAL A CA  1 
ATOM   760  C  C   . VAL A 1 88  ? 5.785   4.468   -5.942  1.00 11.06 ? 140 VAL A C   1 
ATOM   761  O  O   . VAL A 1 88  ? 4.933   4.163   -6.747  1.00 12.01 ? 140 VAL A O   1 
ATOM   762  C  CB  . VAL A 1 88  ? 5.189   3.256   -3.810  1.00 11.16 ? 140 VAL A CB  1 
ATOM   763  C  CG1 . VAL A 1 88  ? 5.581   2.047   -2.916  1.00 12.76 ? 140 VAL A CG1 1 
ATOM   764  C  CG2 . VAL A 1 88  ? 4.889   4.551   -2.989  1.00 13.20 ? 140 VAL A CG2 1 
ATOM   765  N  N   . SER A 1 89  ? 6.357   5.712   -5.927  1.00 11.21 ? 141 SER A N   1 
ATOM   766  C  CA  . SER A 1 89  ? 5.862   6.808   -6.725  1.00 10.83 ? 141 SER A CA  1 
ATOM   767  C  C   . SER A 1 89  ? 6.917   7.147   -7.755  1.00 12.11 ? 141 SER A C   1 
ATOM   768  O  O   . SER A 1 89  ? 8.154   7.130   -7.440  1.00 12.94 ? 141 SER A O   1 
ATOM   769  C  CB  . SER A 1 89  ? 5.603   7.954   -5.776  1.00 12.45 ? 141 SER A CB  1 
ATOM   770  O  OG  . SER A 1 89  ? 5.379   9.162   -6.510  1.00 12.80 ? 141 SER A OG  1 
ATOM   771  N  N   . ARG A 1 90  ? 6.412   7.577   -8.905  1.00 12.03 ? 142 ARG A N   1 
ATOM   772  C  CA  . ARG A 1 90  ? 7.275   8.192   -9.985  1.00 12.85 ? 142 ARG A CA  1 
ATOM   773  C  C   . ARG A 1 90  ? 7.359   9.684   -9.864  1.00 13.98 ? 142 ARG A C   1 
ATOM   774  O  O   . ARG A 1 90  ? 8.139   10.287  -10.603 1.00 15.47 ? 142 ARG A O   1 
ATOM   775  C  CB  . ARG A 1 90  ? 6.799   7.781   -11.385 1.00 13.80 ? 142 ARG A CB  1 
ATOM   776  C  CG  . ARG A 1 90  ? 6.912   6.271   -11.500 1.00 15.58 ? 142 ARG A CG  1 
ATOM   777  C  CD  . ARG A 1 90  ? 6.686   5.823   -12.946 1.00 20.63 ? 142 ARG A CD  1 
ATOM   778  N  NE  . ARG A 1 90  ? 7.272   4.461   -13.183 1.00 26.46 ? 142 ARG A NE  1 
ATOM   779  C  CZ  . ARG A 1 90  ? 7.093   3.744   -14.309 1.00 28.60 ? 142 ARG A CZ  1 
ATOM   780  N  NH1 . ARG A 1 90  ? 6.318   4.238   -15.267 1.00 27.16 ? 142 ARG A NH1 1 
ATOM   781  N  NH2 . ARG A 1 90  ? 7.603   2.519   -14.452 1.00 23.47 ? 142 ARG A NH2 1 
ATOM   782  N  N   . ASN A 1 91  ? 6.641   10.283  -8.923  1.00 13.30 ? 143 ASN A N   1 
ATOM   783  C  CA  . ASN A 1 91  ? 6.698   11.752  -8.811  1.00 13.21 ? 143 ASN A CA  1 
ATOM   784  C  C   . ASN A 1 91  ? 7.427   12.215  -7.502  1.00 11.34 ? 143 ASN A C   1 
ATOM   785  O  O   . ASN A 1 91  ? 7.836   13.421  -7.433  1.00 12.07 ? 143 ASN A O   1 
ATOM   786  C  CB  . ASN A 1 91  ? 5.268   12.311  -8.776  1.00 16.53 ? 143 ASN A CB  1 
ATOM   787  C  CG  . ASN A 1 91  ? 4.554   12.044  -9.999  1.00 19.00 ? 143 ASN A CG  1 
ATOM   788  O  OD1 . ASN A 1 91  ? 5.124   12.082  -11.046 1.00 23.05 ? 143 ASN A OD1 1 
ATOM   789  N  ND2 . ASN A 1 91  ? 3.258   11.735  -9.879  1.00 21.97 ? 143 ASN A ND2 1 
ATOM   790  N  N   . GLN A 1 92  ? 7.579   11.292  -6.514  1.00 11.02 ? 144 GLN A N   1 
ATOM   791  C  CA  . GLN A 1 92  ? 8.273   11.649  -5.245  1.00 12.12 ? 144 GLN A CA  1 
ATOM   792  C  C   . GLN A 1 92  ? 8.958   10.378  -4.799  1.00 13.69 ? 144 GLN A C   1 
ATOM   793  O  O   . GLN A 1 92  ? 8.632   9.289   -5.226  1.00 13.56 ? 144 GLN A O   1 
ATOM   794  C  CB  . GLN A 1 92  ? 7.260   12.022  -4.167  1.00 12.17 ? 144 GLN A CB  1 
ATOM   795  C  CG  . GLN A 1 92  ? 6.335   13.262  -4.493  1.00 15.75 ? 144 GLN A CG  1 
ATOM   796  C  CD  . GLN A 1 92  ? 4.974   12.876  -5.099  1.00 17.95 ? 144 GLN A CD  1 
ATOM   797  O  OE1 . GLN A 1 92  ? 4.175   13.769  -5.536  1.00 25.93 ? 144 GLN A OE1 1 
ATOM   798  N  NE2 . GLN A 1 92  ? 4.657   11.618  -5.129  1.00 15.11 ? 144 GLN A NE2 1 
ATOM   799  N  N   . GLN A 1 93  ? 9.934   10.569  -3.952  1.00 10.63 ? 145 GLN A N   1 
ATOM   800  C  CA  . GLN A 1 93  ? 10.590  9.460   -3.295  1.00 11.23 ? 145 GLN A CA  1 
ATOM   801  C  C   . GLN A 1 93  ? 9.735   9.124   -2.035  1.00 12.12 ? 145 GLN A C   1 
ATOM   802  O  O   . GLN A 1 93  ? 9.806   9.813   -1.008  1.00 14.03 ? 145 GLN A O   1 
ATOM   803  C  CB  . GLN A 1 93  ? 12.006  9.855   -2.869  1.00 10.75 ? 145 GLN A CB  1 
ATOM   804  C  CG  . GLN A 1 93  ? 12.968  10.055  -4.051  1.00 12.41 ? 145 GLN A CG  1 
ATOM   805  C  CD  . GLN A 1 93  ? 13.242  8.728   -4.750  1.00 13.78 ? 145 GLN A CD  1 
ATOM   806  O  OE1 . GLN A 1 93  ? 12.393  8.238   -5.516  1.00 13.72 ? 145 GLN A OE1 1 
ATOM   807  N  NE2 . GLN A 1 93  ? 14.438  8.206   -4.546  1.00 15.62 ? 145 GLN A NE2 1 
ATOM   808  N  N   . ILE A 1 94  ? 8.980   8.024   -2.150  1.00 11.68 ? 146 ILE A N   1 
ATOM   809  C  CA  . ILE A 1 94  ? 8.082   7.609   -1.084  1.00 12.50 ? 146 ILE A CA  1 
ATOM   810  C  C   . ILE A 1 94  ? 8.403   6.172   -0.812  1.00 10.95 ? 146 ILE A C   1 
ATOM   811  O  O   . ILE A 1 94  ? 8.184   5.300   -1.680  1.00 11.19 ? 146 ILE A O   1 
ATOM   812  C  CB  . ILE A 1 94  ? 6.612   7.751   -1.492  1.00 14.93 ? 146 ILE A CB  1 
ATOM   813  C  CG1 . ILE A 1 94  ? 6.308   9.207   -1.872  1.00 14.80 ? 146 ILE A CG1 1 
ATOM   814  C  CG2 . ILE A 1 94  ? 5.764   7.293   -0.168  1.00 14.56 ? 146 ILE A CG2 1 
ATOM   815  C  CD1 . ILE A 1 94  ? 4.796   9.406   -2.206  1.00 17.36 ? 146 ILE A CD1 1 
ATOM   816  N  N   . PHE A 1 95  ? 8.915   5.924   0.410   1.00 11.23 ? 147 PHE A N   1 
ATOM   817  C  CA  . PHE A 1 95  ? 9.354   4.546   0.799   1.00 10.08 ? 147 PHE A CA  1 
ATOM   818  C  C   . PHE A 1 95  ? 8.399   4.046   1.848   1.00 11.21 ? 147 PHE A C   1 
ATOM   819  O  O   . PHE A 1 95  ? 8.136   4.730   2.850   1.00 12.55 ? 147 PHE A O   1 
ATOM   820  C  CB  . PHE A 1 95  ? 10.804  4.604   1.335   1.00 12.65 ? 147 PHE A CB  1 
ATOM   821  C  CG  . PHE A 1 95  ? 11.784  5.107   0.311   1.00 11.13 ? 147 PHE A CG  1 
ATOM   822  C  CD1 . PHE A 1 95  ? 12.210  6.442   0.375   1.00 13.32 ? 147 PHE A CD1 1 
ATOM   823  C  CD2 . PHE A 1 95  ? 12.150  4.307   -0.757  1.00 14.21 ? 147 PHE A CD2 1 
ATOM   824  C  CE1 . PHE A 1 95  ? 13.064  6.980   -0.636  1.00 12.35 ? 147 PHE A CE1 1 
ATOM   825  C  CE2 . PHE A 1 95  ? 13.072  4.834   -1.774  1.00 11.76 ? 147 PHE A CE2 1 
ATOM   826  C  CZ  . PHE A 1 95  ? 13.520  6.145   -1.663  1.00 12.62 ? 147 PHE A CZ  1 
ATOM   827  N  N   . LEU A 1 96  ? 7.910   2.849   1.593   1.00 11.54 ? 148 LEU A N   1 
ATOM   828  C  CA  . LEU A 1 96  ? 6.973   2.254   2.571   1.00 10.08 ? 148 LEU A CA  1 
ATOM   829  C  C   . LEU A 1 96  ? 7.627   2.092   3.964   1.00 11.53 ? 148 LEU A C   1 
ATOM   830  O  O   . LEU A 1 96  ? 8.748   1.550   4.123   1.00 12.33 ? 148 LEU A O   1 
ATOM   831  C  CB  . LEU A 1 96  ? 6.472   0.874   2.069   1.00 10.03 ? 148 LEU A CB  1 
ATOM   832  C  CG  . LEU A 1 96  ? 5.764   0.930   0.719   1.00 8.79  ? 148 LEU A CG  1 
ATOM   833  C  CD1 . LEU A 1 96  ? 5.127   -0.400  0.415   1.00 10.07 ? 148 LEU A CD1 1 
ATOM   834  C  CD2 . LEU A 1 96  ? 4.606   2.002   0.770   1.00 10.58 ? 148 LEU A CD2 1 
ATOM   835  N  N   . ARG A 1 97  ? 6.867   2.482   4.988   1.00 10.09 ? 149 ARG A N   1 
ATOM   836  C  CA  . ARG A 1 97  ? 7.276   2.238   6.413   1.00 10.84 ? 149 ARG A CA  1 
ATOM   837  C  C   . ARG A 1 97  ? 6.031   1.837   7.186   1.00 12.51 ? 149 ARG A C   1 
ATOM   838  O  O   . ARG A 1 97  ? 4.915   2.293   6.861   1.00 11.93 ? 149 ARG A O   1 
ATOM   839  C  CB  . ARG A 1 97  ? 7.978   3.472   7.052   1.00 11.71 ? 149 ARG A CB  1 
ATOM   840  C  CG  . ARG A 1 97  ? 7.096   4.711   6.880   1.00 12.78 ? 149 ARG A CG  1 
ATOM   841  C  CD  . ARG A 1 97  ? 7.733   5.924   7.630   1.00 15.03 ? 149 ARG A CD  1 
ATOM   842  N  NE  . ARG A 1 97  ? 7.801   5.722   9.076   1.00 15.61 ? 149 ARG A NE  1 
ATOM   843  C  CZ  . ARG A 1 97  ? 8.784   6.233   9.817   1.00 23.21 ? 149 ARG A CZ  1 
ATOM   844  N  NH1 . ARG A 1 97  ? 9.733   6.966   9.212   1.00 22.32 ? 149 ARG A NH1 1 
ATOM   845  N  NH2 . ARG A 1 97  ? 8.826   6.021   11.116  1.00 30.10 ? 149 ARG A NH2 1 
ATOM   846  N  N   . ASP A 1 98  ? 6.224   0.996   8.202   1.00 12.80 ? 150 ASP A N   1 
ATOM   847  C  CA  . ASP A 1 98  ? 5.037   0.543   8.902   1.00 13.46 ? 150 ASP A CA  1 
ATOM   848  C  C   . ASP A 1 98  ? 4.299   1.684   9.606   1.00 14.26 ? 150 ASP A C   1 
ATOM   849  O  O   . ASP A 1 98  ? 4.914   2.626   10.137  1.00 15.10 ? 150 ASP A O   1 
ATOM   850  C  CB  . ASP A 1 98  ? 5.450   -0.429  9.979   1.00 15.43 ? 150 ASP A CB  1 
ATOM   851  C  CG  . ASP A 1 98  ? 5.976   -1.758  9.440   1.00 21.08 ? 150 ASP A CG  1 
ATOM   852  O  OD1 . ASP A 1 98  ? 5.738   -2.035  8.259   1.00 19.75 ? 150 ASP A OD1 1 
ATOM   853  O  OD2 . ASP A 1 98  ? 6.547   -2.469  10.342  1.00 22.84 ? 150 ASP A OD2 1 
ATOM   854  N  N   . ILE A 1 99  ? 2.986   1.534   9.667   1.00 13.45 ? 151 ILE A N   1 
ATOM   855  C  CA  . ILE A 1 99  ? 2.163   2.484   10.462  1.00 14.04 ? 151 ILE A CA  1 
ATOM   856  C  C   . ILE A 1 99  ? 2.628   2.399   11.928  1.00 15.45 ? 151 ILE A C   1 
ATOM   857  O  O   . ILE A 1 99  ? 3.112   1.360   12.418  1.00 15.07 ? 151 ILE A O   1 
ATOM   858  C  CB  . ILE A 1 99  ? 0.703   2.142   10.420  1.00 15.24 ? 151 ILE A CB  1 
ATOM   859  C  CG1 . ILE A 1 99  ? 0.488   0.675   10.793  1.00 20.34 ? 151 ILE A CG1 1 
ATOM   860  C  CG2 . ILE A 1 99  ? 0.123   2.425   9.084   1.00 15.71 ? 151 ILE A CG2 1 
ATOM   861  C  CD1 . ILE A 1 99  ? -1.014  0.363   10.882  1.00 26.93 ? 151 ILE A CD1 1 
ATOM   862  N  N   . GLU A 1 100 ? 2.558   3.527   12.564  1.00 15.99 ? 152 GLU A N   1 
ATOM   863  C  CA  . GLU A 1 100 ? 2.675   3.597   14.027  1.00 19.69 ? 152 GLU A CA  1 
ATOM   864  C  C   . GLU A 1 100 ? 1.261   3.345   14.553  1.00 22.08 ? 152 GLU A C   1 
ATOM   865  O  O   . GLU A 1 100 ? 0.295   4.171   14.404  1.00 22.56 ? 152 GLU A O   1 
ATOM   866  C  CB  . GLU A 1 100 ? 3.226   4.954   14.408  1.00 22.74 ? 152 GLU A CB  1 
ATOM   867  C  CG  . GLU A 1 100 ? 4.532   5.339   13.608  1.00 30.05 ? 152 GLU A CG  1 
ATOM   868  C  CD  . GLU A 1 100 ? 5.823   4.565   13.948  1.00 41.42 ? 152 GLU A CD  1 
ATOM   869  O  OE1 . GLU A 1 100 ? 5.831   3.740   14.944  1.00 43.76 ? 152 GLU A OE1 1 
ATOM   870  O  OE2 . GLU A 1 100 ? 6.826   4.857   13.190  1.00 40.46 ? 152 GLU A OE2 1 
ATOM   871  N  N   . GLN A 1 101 ? 1.104   2.204   15.180  1.00 23.81 ? 153 GLN A N   1 
ATOM   872  C  CA  . GLN A 1 101 ? -0.257  1.768   15.641  1.00 28.49 ? 153 GLN A CA  1 
ATOM   873  C  C   . GLN A 1 101 ? -0.733  2.309   17.011  1.00 30.74 ? 153 GLN A C   1 
ATOM   874  O  O   . GLN A 1 101 ? 0.095   2.474   17.941  1.00 31.16 ? 153 GLN A O   1 
ATOM   875  C  CB  . GLN A 1 101 ? -0.293  0.236   15.785  1.00 28.06 ? 153 GLN A CB  1 
ATOM   876  C  CG  . GLN A 1 101 ? -0.249  -0.580  14.480  1.00 35.05 ? 153 GLN A CG  1 
ATOM   877  C  CD  . GLN A 1 101 ? -0.036  -2.139  14.773  1.00 43.57 ? 153 GLN A CD  1 
ATOM   878  O  OE1 . GLN A 1 101 ? 1.065   -2.677  14.564  1.00 45.95 ? 153 GLN A OE1 1 
ATOM   879  N  NE2 . GLN A 1 101 ? -1.078  -2.817  15.298  1.00 44.12 ? 153 GLN A NE2 1 
ATOM   880  N  N   . VAL A 1 102 ? -2.072  2.516   17.091  1.00 34.85 ? 154 VAL A N   1 
ATOM   881  C  CA  . VAL A 1 102 ? -2.808  2.800   18.324  1.00 37.62 ? 154 VAL A CA  1 
ATOM   882  C  C   . VAL A 1 102 ? -2.536  1.537   19.112  1.00 40.05 ? 154 VAL A C   1 
ATOM   883  O  O   . VAL A 1 102 ? -2.805  0.425   18.611  1.00 41.60 ? 154 VAL A O   1 
ATOM   884  C  CB  . VAL A 1 102 ? -4.379  3.018   18.044  1.00 38.21 ? 154 VAL A CB  1 
ATOM   885  C  CG1 . VAL A 1 102 ? -5.239  3.096   19.364  1.00 38.89 ? 154 VAL A CG1 1 
ATOM   886  C  CG2 . VAL A 1 102 ? -4.660  4.228   17.105  1.00 36.39 ? 154 VAL A CG2 1 
ATOM   887  N  N   . PRO A 1 103 ? -1.930  1.663   20.300  1.00 41.69 ? 155 PRO A N   1 
ATOM   888  C  CA  . PRO A 1 103 ? -1.584  0.447   21.068  1.00 43.62 ? 155 PRO A CA  1 
ATOM   889  C  C   . PRO A 1 103 ? -1.609  0.684   22.575  0.00 29.92 ? 155 PRO A C   1 
ATOM   890  O  O   . PRO A 1 103 ? -0.632  0.507   23.275  0.00 29.38 ? 155 PRO A O   1 
ATOM   891  C  CB  . PRO A 1 103 ? -0.092  0.655   21.352  1.00 44.83 ? 155 PRO A CB  1 
ATOM   892  C  CG  . PRO A 1 103 ? 0.008   2.204   21.637  1.00 42.93 ? 155 PRO A CG  1 
ATOM   893  C  CD  . PRO A 1 103 ? -1.269  2.843   20.882  1.00 42.02 ? 155 PRO A CD  1 
ATOM   894  N  N   . GLN A 1 104 ? -2.826  0.960   23.056  0.00 29.16 ? 156 GLN A N   1 
HETATM 895  C  C   . ACT B 2 1   ? -6.632  6.411   -8.258  1.00 16.68 ? 1   ACT B C   1 
HETATM 896  O  O   . ACT B 2 1   ? -6.462  6.329   -7.034  1.00 16.17 ? 1   ACT B O   1 
HETATM 897  C  CH3 . ACT B 2 1   ? -7.884  7.037   -8.805  1.00 18.46 ? 1   ACT B CH3 1 
HETATM 898  N  N   . PTR B 2 2   ? -5.788  5.999   -9.162  1.00 11.34 ? 2   PTR B N   1 
HETATM 899  C  CA  . PTR B 2 2   ? -4.538  5.291   -8.708  1.00 11.29 ? 2   PTR B CA  1 
HETATM 900  C  C   . PTR B 2 2   ? -3.301  5.894   -9.405  1.00 13.15 ? 2   PTR B C   1 
HETATM 901  O  O   . PTR B 2 2   ? -3.326  6.219   -10.599 1.00 14.55 ? 2   PTR B O   1 
HETATM 902  C  CB  . PTR B 2 2   ? -4.547  3.810   -9.098  1.00 12.60 ? 2   PTR B CB  1 
HETATM 903  C  CG  . PTR B 2 2   ? -5.802  3.172   -8.436  1.00 10.81 ? 2   PTR B CG  1 
HETATM 904  C  CD1 . PTR B 2 2   ? -6.991  3.181   -9.139  1.00 13.58 ? 2   PTR B CD1 1 
HETATM 905  C  CD2 . PTR B 2 2   ? -5.763  2.673   -7.131  1.00 9.90  ? 2   PTR B CD2 1 
HETATM 906  C  CE1 . PTR B 2 2   ? -8.150  2.678   -8.601  1.00 12.62 ? 2   PTR B CE1 1 
HETATM 907  C  CE2 . PTR B 2 2   ? -6.976  2.214   -6.584  1.00 11.04 ? 2   PTR B CE2 1 
HETATM 908  C  CZ  . PTR B 2 2   ? -8.182  2.211   -7.289  1.00 11.14 ? 2   PTR B CZ  1 
HETATM 909  O  OH  . PTR B 2 2   ? -9.413  1.777   -6.783  1.00 12.26 ? 2   PTR B OH  1 
HETATM 910  P  P   . PTR B 2 2   ? -9.680  1.373   -5.222  1.00 11.81 ? 2   PTR B P   1 
HETATM 911  O  O1P . PTR B 2 2   ? -11.237 1.373   -5.220  1.00 13.00 ? 2   PTR B O1P 1 
HETATM 912  O  O2P . PTR B 2 2   ? -9.141  -0.006  -5.042  1.00 11.71 ? 2   PTR B O2P 1 
HETATM 913  O  O3P . PTR B 2 2   ? -9.204  2.473   -4.419  1.00 11.18 ? 2   PTR B O3P 1 
HETATM 914  C  CB  . 1AC B 2 3   ? -0.970  8.118   -9.194  1.00 13.54 ? 3   1AC B CB  1 
HETATM 915  C  CG  . 1AC B 2 3   ? -0.052  7.301   -8.320  1.00 13.47 ? 3   1AC B CG  1 
HETATM 916  C  CA  . 1AC B 2 3   ? -1.061  6.631   -9.238  1.00 11.29 ? 3   1AC B CA  1 
HETATM 917  C  C   . 1AC B 2 3   ? -0.392  5.838   -10.342 1.00 14.83 ? 3   1AC B C   1 
HETATM 918  O  O   . 1AC B 2 3   ? 0.350   6.414   -11.169 1.00 15.64 ? 3   1AC B O   1 
HETATM 919  N  N   . 1AC B 2 3   ? -2.194  6.012   -8.625  1.00 12.32 ? 3   1AC B N   1 
ATOM   920  N  N   . ASN B 2 4   ? -0.638  4.520   -10.404 1.00 10.73 ? 4   ASN B N   1 
ATOM   921  C  CA  . ASN B 2 4   ? -0.124  3.685   -11.461 1.00 12.84 ? 4   ASN B CA  1 
ATOM   922  C  C   . ASN B 2 4   ? -1.287  3.254   -12.393 1.00 13.29 ? 4   ASN B C   1 
ATOM   923  O  O   . ASN B 2 4   ? -1.135  2.275   -13.151 1.00 16.29 ? 4   ASN B O   1 
ATOM   924  C  CB  . ASN B 2 4   ? 0.631   2.480   -10.863 1.00 11.75 ? 4   ASN B CB  1 
ATOM   925  C  CG  . ASN B 2 4   ? -0.263  1.585   -10.003 1.00 11.34 ? 4   ASN B CG  1 
ATOM   926  O  OD1 . ASN B 2 4   ? -1.328  2.025   -9.586  1.00 10.93 ? 4   ASN B OD1 1 
ATOM   927  N  ND2 . ASN B 2 4   ? 0.191   0.334   -9.774  1.00 10.94 ? 4   ASN B ND2 1 
HETATM 928  N  N   . NH2 B 2 5   ? -2.414  3.982   -12.397 1.00 14.09 ? 5   NH2 B N   1 
HETATM 929  C  C1  . GOL C 3 .   ? -4.133  -6.841  -12.319 1.00 21.91 ? 174 GOL A C1  1 
HETATM 930  O  O1  . GOL C 3 .   ? -3.213  -7.257  -13.224 1.00 40.42 ? 174 GOL A O1  1 
HETATM 931  C  C2  . GOL C 3 .   ? -5.181  -6.004  -13.027 1.00 30.85 ? 174 GOL A C2  1 
HETATM 932  O  O2  . GOL C 3 .   ? -5.508  -6.338  -14.446 1.00 41.02 ? 174 GOL A O2  1 
HETATM 933  C  C3  . GOL C 3 .   ? -6.089  -6.910  -12.359 1.00 35.81 ? 174 GOL A C3  1 
HETATM 934  O  O3  . GOL C 3 .   ? -7.177  -6.281  -12.536 1.00 24.31 ? 174 GOL A O3  1 
HETATM 935  C  C1  . GOL D 3 .   ? 9.035   2.214   -9.692  1.00 44.72 ? 6   GOL A C1  1 
HETATM 936  O  O1  . GOL D 3 .   ? 9.220   1.840   -8.308  1.00 36.92 ? 6   GOL A O1  1 
HETATM 937  C  C2  . GOL D 3 .   ? 9.893   3.416   -9.996  1.00 43.37 ? 6   GOL A C2  1 
HETATM 938  O  O2  . GOL D 3 .   ? 9.444   4.045   -11.212 1.00 44.24 ? 6   GOL A O2  1 
HETATM 939  C  C3  . GOL D 3 .   ? 9.786   4.375   -8.802  1.00 40.37 ? 6   GOL A C3  1 
HETATM 940  O  O3  . GOL D 3 .   ? 10.715  5.444   -8.964  1.00 33.98 ? 6   GOL A O3  1 
HETATM 941  C  C   . FMT E 4 .   ? 2.681   8.326   14.170  1.00 17.09 ? 7   FMT A C   1 
HETATM 942  O  O1  . FMT E 4 .   ? 3.771   8.293   13.650  1.00 20.91 ? 7   FMT A O1  1 
HETATM 943  O  O2  . FMT E 4 .   ? 1.748   8.690   13.461  1.00 16.20 ? 7   FMT A O2  1 
HETATM 944  NA NA  . NA  F 5 .   ? -4.085  -7.412  -6.814  1.00 20.41 ? 8   NA  A NA  1 
HETATM 945  O  O   . HOH G 6 .   ? 3.540   7.881   -9.047  1.00 15.14 ? 9   HOH A O   1 
HETATM 946  O  O   . HOH G 6 .   ? -13.647 1.416   -1.209  1.00 15.29 ? 10  HOH A O   1 
HETATM 947  O  O   . HOH G 6 .   ? -4.242  8.051   -5.664  1.00 23.86 ? 11  HOH A O   1 
HETATM 948  O  O   . HOH G 6 .   ? 6.652   -2.974  -8.641  1.00 15.31 ? 12  HOH A O   1 
HETATM 949  O  O   . HOH G 6 .   ? -8.656  -9.295  -2.434  1.00 14.17 ? 13  HOH A O   1 
HETATM 950  O  O   . HOH G 6 .   ? 0.799   15.009  15.566  1.00 14.55 ? 14  HOH A O   1 
HETATM 951  O  O   . HOH G 6 .   ? -10.808 -0.061  -9.419  1.00 13.53 ? 15  HOH A O   1 
HETATM 952  O  O   . HOH G 6 .   ? -3.588  6.347   12.046  1.00 17.53 ? 16  HOH A O   1 
HETATM 953  O  O   . HOH G 6 .   ? 6.691   -6.529  5.734   1.00 17.15 ? 17  HOH A O   1 
HETATM 954  O  O   . HOH G 6 .   ? 14.228  -1.979  -2.937  1.00 14.77 ? 18  HOH A O   1 
HETATM 955  O  O   . HOH G 6 .   ? 3.502   7.474   10.889  1.00 13.48 ? 19  HOH A O   1 
HETATM 956  O  O   . HOH G 6 .   ? 7.168   12.692  6.845   1.00 21.16 ? 20  HOH A O   1 
HETATM 957  O  O   . HOH G 6 .   ? -13.757 7.128   6.378   1.00 14.51 ? 21  HOH A O   1 
HETATM 958  O  O   . HOH G 6 .   ? -13.734 -6.737  -2.297  1.00 18.80 ? 22  HOH A O   1 
HETATM 959  O  O   . HOH G 6 .   ? 6.897   15.459  -9.297  1.00 23.20 ? 24  HOH A O   1 
HETATM 960  O  O   . HOH G 6 .   ? 9.427   -12.636 -5.597  1.00 21.88 ? 25  HOH A O   1 
HETATM 961  O  O   . HOH G 6 .   ? 5.325   5.340   10.421  1.00 18.87 ? 26  HOH A O   1 
HETATM 962  O  O   . HOH G 6 .   ? -10.535 -7.248  -3.354  1.00 17.75 ? 27  HOH A O   1 
HETATM 963  O  O   . HOH G 6 .   ? -14.494 4.361   0.085   1.00 20.34 ? 28  HOH A O   1 
HETATM 964  O  O   . HOH G 6 .   ? 9.297   8.059   2.350   1.00 17.06 ? 29  HOH A O   1 
HETATM 965  O  O   . HOH G 6 .   ? 5.599   15.724  3.198   1.00 32.68 ? 30  HOH A O   1 
HETATM 966  O  O   . HOH G 6 .   ? 9.242   6.304   4.559   1.00 19.50 ? 31  HOH A O   1 
HETATM 967  O  O   . HOH G 6 .   ? 8.948   0.253   8.884   1.00 18.63 ? 32  HOH A O   1 
HETATM 968  O  O   . HOH G 6 .   ? 7.413   2.801   11.312  1.00 25.47 ? 33  HOH A O   1 
HETATM 969  O  O   . HOH G 6 .   ? 10.385  0.002   6.496   1.00 24.55 ? 34  HOH A O   1 
HETATM 970  O  O   . HOH G 6 .   ? 5.888   -14.590 -14.122 1.00 17.76 ? 35  HOH A O   1 
HETATM 971  O  O   . HOH G 6 .   ? 2.545   9.457   -6.935  1.00 23.21 ? 36  HOH A O   1 
HETATM 972  O  O   . HOH G 6 .   ? -6.959  11.959  1.403   0.50 26.33 ? 37  HOH A O   1 
HETATM 973  O  O   . HOH G 6 .   ? 8.350   10.456  1.287   1.00 19.35 ? 38  HOH A O   1 
HETATM 974  O  O   . HOH G 6 .   ? 4.452   16.701  -4.587  1.00 32.96 ? 39  HOH A O   1 
HETATM 975  O  O   . HOH G 6 .   ? -14.339 8.057   12.259  1.00 19.94 ? 40  HOH A O   1 
HETATM 976  O  O   . HOH G 6 .   ? -9.931  -9.586  -9.537  1.00 27.32 ? 41  HOH A O   1 
HETATM 977  O  O   . HOH G 6 .   ? -18.483 -7.709  -0.513  1.00 28.94 ? 43  HOH A O   1 
HETATM 978  O  O   . HOH G 6 .   ? 8.465   -9.264  5.848   1.00 21.82 ? 44  HOH A O   1 
HETATM 979  O  O   . HOH G 6 .   ? 5.290   -8.881  11.014  0.50 21.84 ? 45  HOH A O   1 
HETATM 980  O  O   . HOH G 6 .   ? 0.395   13.432  -3.355  1.00 24.57 ? 46  HOH A O   1 
HETATM 981  O  O   . HOH G 6 .   ? -2.403  12.777  4.702   1.00 31.23 ? 47  HOH A O   1 
HETATM 982  O  O   . HOH G 6 .   ? 2.314   4.935   18.241  1.00 22.58 ? 48  HOH A O   1 
HETATM 983  O  O   . HOH G 6 .   ? -2.891  1.301   -15.198 1.00 26.70 ? 49  HOH A O   1 
HETATM 984  O  O   . HOH G 6 .   ? 9.055   8.956   6.672   1.00 23.60 ? 50  HOH A O   1 
HETATM 985  O  O   . HOH G 6 .   ? -9.061  -3.396  9.053   1.00 30.69 ? 51  HOH A O   1 
HETATM 986  O  O   . HOH G 6 .   ? 16.060  -3.695  -3.977  1.00 32.43 ? 52  HOH A O   1 
HETATM 987  O  O   . HOH G 6 .   ? -16.621 -5.839  -2.399  0.50 27.46 ? 170 HOH A O   1 
HETATM 988  O  O   . HOH G 6 .   ? -10.225 9.250   12.554  1.00 27.96 ? 171 HOH A O   1 
HETATM 989  O  O   . HOH G 6 .   ? -10.647 -1.361  -0.178  1.00 12.96 ? 177 HOH A O   1 
HETATM 990  O  O   . HOH G 6 .   ? 1.685   -0.546  8.096   1.00 18.14 ? 178 HOH A O   1 
HETATM 991  O  O   . HOH G 6 .   ? 4.588   6.368   -15.481 1.00 34.81 ? 179 HOH A O   1 
HETATM 992  O  O   . HOH G 6 .   ? 5.850   -7.249  9.675   0.50 22.67 ? 180 HOH A O   1 
HETATM 993  O  O   . HOH G 6 .   ? 3.458   13.028  6.853   0.50 24.44 ? 181 HOH A O   1 
HETATM 994  O  O   . HOH G 6 .   ? 4.868   -2.941  -16.478 1.00 21.46 ? 182 HOH A O   1 
HETATM 995  O  O   . HOH G 6 .   ? -4.681  13.212  4.063   0.50 25.00 ? 183 HOH A O   1 
HETATM 996  O  O   . HOH G 6 .   ? 11.121  2.274   5.204   1.00 25.59 ? 184 HOH A O   1 
HETATM 997  O  O   . HOH G 6 .   ? 15.306  -3.159  -8.642  1.00 41.38 ? 185 HOH A O   1 
HETATM 998  O  O   . HOH G 6 .   ? 3.232   -1.159  13.376  1.00 34.95 ? 186 HOH A O   1 
HETATM 999  O  O   . HOH G 6 .   ? 11.936  10.488  0.640   1.00 24.37 ? 187 HOH A O   1 
HETATM 1000 O  O   . HOH G 6 .   ? 9.148   11.433  8.568   0.50 23.70 ? 188 HOH A O   1 
HETATM 1001 O  O   . HOH G 6 .   ? -6.496  7.931   16.296  1.00 32.85 ? 189 HOH A O   1 
HETATM 1002 O  O   . HOH G 6 .   ? -17.538 1.320   1.007   1.00 38.32 ? 190 HOH A O   1 
HETATM 1003 O  O   . HOH G 6 .   ? 2.302   -7.338  14.283  1.00 33.81 ? 191 HOH A O   1 
HETATM 1004 O  O   . HOH G 6 .   ? -5.792  -8.900  -10.817 1.00 29.54 ? 192 HOH A O   1 
HETATM 1005 O  O   . HOH G 6 .   ? 9.827   -12.365 -8.861  1.00 29.13 ? 193 HOH A O   1 
HETATM 1006 O  O   . HOH G 6 .   ? 6.183   -17.244 -13.074 1.00 33.61 ? 194 HOH A O   1 
HETATM 1007 O  O   . HOH G 6 .   ? 5.398   17.701  -1.891  1.00 45.66 ? 196 HOH A O   1 
HETATM 1008 O  O   . HOH G 6 .   ? 1.861   15.231  8.797   0.50 25.59 ? 197 HOH A O   1 
HETATM 1009 O  O   . HOH G 6 .   ? 1.828   11.901  -7.374  0.50 21.18 ? 198 HOH A O   1 
HETATM 1010 O  O   . HOH G 6 .   ? -11.997 8.271   -1.608  1.00 40.41 ? 199 HOH A O   1 
HETATM 1011 O  O   . HOH G 6 .   ? -10.018 9.102   -2.867  1.00 29.98 ? 200 HOH A O   1 
HETATM 1012 O  O   . HOH G 6 .   ? -4.799  14.078  11.086  1.00 22.85 ? 201 HOH A O   1 
HETATM 1013 O  O   . HOH G 6 .   ? 8.868   12.727  2.711   1.00 21.70 ? 202 HOH A O   1 
HETATM 1014 O  O   . HOH G 6 .   ? -5.424  -9.698  -7.934  1.00 18.59 ? 203 HOH A O   1 
HETATM 1015 O  O   . HOH G 6 .   ? 3.025   -13.248 -17.512 1.00 31.33 ? 204 HOH A O   1 
HETATM 1016 O  O   . HOH G 6 .   ? 13.528  4.558   -5.606  1.00 20.60 ? 205 HOH A O   1 
HETATM 1017 O  O   . HOH G 6 .   ? -8.486  11.433  9.342   1.00 24.49 ? 206 HOH A O   1 
HETATM 1018 O  O   . HOH G 6 .   ? -8.461  5.229   12.411  1.00 37.78 ? 207 HOH A O   1 
HETATM 1019 O  O   . HOH G 6 .   ? 5.811   8.034   15.492  1.00 20.66 ? 208 HOH A O   1 
HETATM 1020 O  O   . HOH G 6 .   ? 4.996   6.061   17.135  1.00 35.05 ? 209 HOH A O   1 
HETATM 1021 O  O   . HOH G 6 .   ? 15.637  9.046   -1.984  1.00 21.72 ? 210 HOH A O   1 
HETATM 1022 O  O   . HOH G 6 .   ? 17.716  7.440   -3.944  1.00 23.32 ? 211 HOH A O   1 
HETATM 1023 O  O   . HOH G 6 .   ? 16.605  3.938   -2.066  1.00 27.81 ? 212 HOH A O   1 
HETATM 1024 O  O   . HOH G 6 .   ? 13.714  -3.194  0.859   1.00 31.08 ? 213 HOH A O   1 
HETATM 1025 O  O   . HOH G 6 .   ? 9.719   -10.240 1.808   1.00 23.53 ? 214 HOH A O   1 
HETATM 1026 O  O   . HOH G 6 .   ? 11.902  -9.653  0.426   1.00 32.13 ? 215 HOH A O   1 
HETATM 1027 O  O   . HOH G 6 .   ? 11.399  -8.269  -1.704  1.00 23.19 ? 216 HOH A O   1 
HETATM 1028 O  O   . HOH G 6 .   ? 8.813   -12.616 2.610   1.00 38.82 ? 217 HOH A O   1 
HETATM 1029 O  O   . HOH G 6 .   ? 6.601   -18.619 13.140  1.00 42.58 ? 218 HOH A O   1 
HETATM 1030 O  O   . HOH G 6 .   ? -5.414  9.827   -4.008  1.00 39.79 ? 219 HOH A O   1 
HETATM 1031 O  O   . HOH G 6 .   ? -1.717  9.849   -6.169  0.50 28.88 ? 220 HOH A O   1 
HETATM 1032 O  O   . HOH G 6 .   ? -5.946  -11.702 -5.558  0.50 18.79 ? 222 HOH A O   1 
HETATM 1033 O  O   . HOH G 6 .   ? -5.614  12.722  -0.314  1.00 36.59 ? 223 HOH A O   1 
HETATM 1034 O  O   . HOH G 6 .   ? -0.419  15.653  7.174   0.50 27.29 ? 224 HOH A O   1 
HETATM 1035 O  O   . HOH G 6 .   ? 1.671   -15.401 -18.642 1.00 38.52 ? 225 HOH A O   1 
HETATM 1036 O  O   . HOH G 6 .   ? 1.019   17.607  0.806   1.00 40.87 ? 226 HOH A O   1 
HETATM 1037 O  O   . HOH G 6 .   ? 8.233   7.176   14.701  0.50 27.93 ? 227 HOH A O   1 
HETATM 1038 O  O   . HOH G 6 .   ? -2.105  -8.344  9.232   0.50 41.52 ? 228 HOH A O   1 
HETATM 1039 O  O   . HOH G 6 .   ? 5.882   -2.297  12.932  1.00 34.05 ? 229 HOH A O   1 
HETATM 1040 O  O   . HOH G 6 .   ? 3.518   0.070   -15.392 1.00 28.87 ? 230 HOH A O   1 
HETATM 1041 O  O   . HOH G 6 .   ? 2.369   -0.427  -13.868 1.00 32.67 ? 231 HOH A O   1 
HETATM 1042 O  O   . HOH G 6 .   ? -17.553 -4.524  -3.807  0.50 25.61 ? 232 HOH A O   1 
HETATM 1043 O  O   . HOH G 6 .   ? 10.642  -0.615  -9.337  1.00 28.10 ? 233 HOH A O   1 
HETATM 1044 O  O   . HOH G 6 .   ? 8.706   -1.600  -10.386 1.00 25.54 ? 234 HOH A O   1 
HETATM 1045 O  O   . HOH G 6 .   ? 7.118   -4.969  9.860   0.50 21.90 ? 235 HOH A O   1 
HETATM 1046 O  O   . HOH G 6 .   ? 3.238   0.468   15.904  1.00 36.49 ? 236 HOH A O   1 
HETATM 1047 O  O   . HOH H 6 .   ? -11.964 0.066   -2.978  1.00 13.88 ? 23  HOH B O   1 
HETATM 1048 O  O   . HOH H 6 .   ? 3.753   8.398   -13.684 1.00 27.94 ? 42  HOH B O   1 
HETATM 1049 O  O   . HOH H 6 .   ? -12.858 3.389   -5.295  1.00 28.23 ? 175 HOH B O   1 
HETATM 1050 O  O   . HOH H 6 .   ? 2.180   8.446   -11.390 1.00 15.90 ? 176 HOH B O   1 
HETATM 1051 O  O   . HOH H 6 .   ? -11.873 4.889   -6.754  1.00 45.20 ? 195 HOH B O   1 
HETATM 1052 O  O   . HOH H 6 .   ? -5.323  3.641   -13.099 1.00 22.50 ? 221 HOH B O   1 
# 
loop_
_pdbx_poly_seq_scheme.asym_id 
_pdbx_poly_seq_scheme.entity_id 
_pdbx_poly_seq_scheme.seq_id 
_pdbx_poly_seq_scheme.mon_id 
_pdbx_poly_seq_scheme.ndb_seq_num 
_pdbx_poly_seq_scheme.pdb_seq_num 
_pdbx_poly_seq_scheme.auth_seq_num 
_pdbx_poly_seq_scheme.pdb_mon_id 
_pdbx_poly_seq_scheme.auth_mon_id 
_pdbx_poly_seq_scheme.pdb_strand_id 
_pdbx_poly_seq_scheme.pdb_ins_code 
_pdbx_poly_seq_scheme.hetero 
A 1 1   ILE 1   53  ?   ?   ?   A . n 
A 1 2   GLU 2   54  ?   ?   ?   A . n 
A 1 3   MET 3   55  55  MET MET A . n 
A 1 4   LYS 4   56  56  LYS LYS A . n 
A 1 5   PRO 5   57  57  PRO PRO A . n 
A 1 6   HIS 6   58  58  HIS HIS A . n 
A 1 7   PRO 7   59  59  PRO PRO A . n 
A 1 8   TRP 8   60  60  TRP TRP A . n 
A 1 9   PHE 9   61  61  PHE PHE A . n 
A 1 10  PHE 10  62  62  PHE PHE A . n 
A 1 11  GLY 11  63  63  GLY GLY A . n 
A 1 12  LYS 12  64  64  LYS LYS A . n 
A 1 13  ILE 13  65  65  ILE ILE A . n 
A 1 14  PRO 14  66  66  PRO PRO A . n 
A 1 15  ARG 15  67  67  ARG ARG A . n 
A 1 16  ALA 16  68  68  ALA ALA A . n 
A 1 17  LYS 17  69  69  LYS LYS A . n 
A 1 18  ALA 18  70  70  ALA ALA A . n 
A 1 19  GLU 19  71  71  GLU GLU A . n 
A 1 20  GLU 20  72  72  GLU GLU A . n 
A 1 21  MET 21  73  73  MET MET A . n 
A 1 22  LEU 22  74  74  LEU LEU A . n 
A 1 23  SER 23  75  75  SER SER A . n 
A 1 24  LYS 24  76  76  LYS LYS A . n 
A 1 25  GLN 25  77  77  GLN GLN A . n 
A 1 26  ARG 26  78  78  ARG ARG A . n 
A 1 27  HIS 27  79  79  HIS HIS A . n 
A 1 28  ASP 28  80  80  ASP ASP A . n 
A 1 29  GLY 29  81  81  GLY GLY A . n 
A 1 30  ALA 30  82  82  ALA ALA A . n 
A 1 31  PHE 31  83  83  PHE PHE A . n 
A 1 32  LEU 32  84  84  LEU LEU A . n 
A 1 33  ILE 33  85  85  ILE ILE A . n 
A 1 34  ARG 34  86  86  ARG ARG A . n 
A 1 35  GLU 35  87  87  GLU GLU A . n 
A 1 36  SER 36  88  88  SER SER A . n 
A 1 37  GLU 37  89  89  GLU GLU A . n 
A 1 38  SER 38  90  90  SER SER A . n 
A 1 39  ALA 39  91  91  ALA ALA A . n 
A 1 40  PRO 40  92  92  PRO PRO A . n 
A 1 41  GLY 41  93  93  GLY GLY A . n 
A 1 42  ASP 42  94  94  ASP ASP A . n 
A 1 43  PHE 43  95  95  PHE PHE A . n 
A 1 44  SER 44  96  96  SER SER A . n 
A 1 45  LEU 45  97  97  LEU LEU A . n 
A 1 46  SER 46  98  98  SER SER A . n 
A 1 47  VAL 47  99  99  VAL VAL A . n 
A 1 48  LYS 48  100 100 LYS LYS A . n 
A 1 49  PHE 49  101 101 PHE PHE A . n 
A 1 50  GLY 50  102 102 GLY GLY A . n 
A 1 51  ASN 51  103 103 ASN ASN A . n 
A 1 52  ASP 52  104 104 ASP ASP A . n 
A 1 53  VAL 53  105 105 VAL VAL A . n 
A 1 54  GLN 54  106 106 GLN GLN A . n 
A 1 55  HIS 55  107 107 HIS HIS A . n 
A 1 56  PHE 56  108 108 PHE PHE A . n 
A 1 57  LYS 57  109 109 LYS LYS A . n 
A 1 58  VAL 58  110 110 VAL VAL A . n 
A 1 59  LEU 59  111 111 LEU LEU A . n 
A 1 60  ARG 60  112 112 ARG ARG A . n 
A 1 61  ASP 61  113 113 ASP ASP A . n 
A 1 62  GLY 62  114 114 GLY GLY A . n 
A 1 63  ALA 63  115 115 ALA ALA A . n 
A 1 64  GLY 64  116 116 GLY GLY A . n 
A 1 65  LYS 65  117 117 LYS LYS A . n 
A 1 66  TYR 66  118 118 TYR TYR A . n 
A 1 67  PHE 67  119 119 PHE PHE A . n 
A 1 68  LEU 68  120 120 LEU LEU A . n 
A 1 69  TRP 69  121 121 TRP TRP A . n 
A 1 70  VAL 70  122 122 VAL VAL A . n 
A 1 71  VAL 71  123 123 VAL VAL A . n 
A 1 72  LYS 72  124 124 LYS LYS A . n 
A 1 73  PHE 73  125 125 PHE PHE A . n 
A 1 74  ASN 74  126 126 ASN ASN A . n 
A 1 75  SER 75  127 127 SER SER A . n 
A 1 76  LEU 76  128 128 LEU LEU A . n 
A 1 77  ASN 77  129 129 ASN ASN A . n 
A 1 78  GLU 78  130 130 GLU GLU A . n 
A 1 79  LEU 79  131 131 LEU LEU A . n 
A 1 80  VAL 80  132 132 VAL VAL A . n 
A 1 81  ASP 81  133 133 ASP ASP A . n 
A 1 82  TYR 82  134 134 TYR TYR A . n 
A 1 83  HIS 83  135 135 HIS HIS A . n 
A 1 84  ARG 84  136 136 ARG ARG A . n 
A 1 85  SER 85  137 137 SER SER A . n 
A 1 86  THR 86  138 138 THR THR A . n 
A 1 87  SER 87  139 139 SER SER A . n 
A 1 88  VAL 88  140 140 VAL VAL A . n 
A 1 89  SER 89  141 141 SER SER A . n 
A 1 90  ARG 90  142 142 ARG ARG A . n 
A 1 91  ASN 91  143 143 ASN ASN A . n 
A 1 92  GLN 92  144 144 GLN GLN A . n 
A 1 93  GLN 93  145 145 GLN GLN A . n 
A 1 94  ILE 94  146 146 ILE ILE A . n 
A 1 95  PHE 95  147 147 PHE PHE A . n 
A 1 96  LEU 96  148 148 LEU LEU A . n 
A 1 97  ARG 97  149 149 ARG ARG A . n 
A 1 98  ASP 98  150 150 ASP ASP A . n 
A 1 99  ILE 99  151 151 ILE ILE A . n 
A 1 100 GLU 100 152 152 GLU GLU A . n 
A 1 101 GLN 101 153 153 GLN GLN A . n 
A 1 102 VAL 102 154 154 VAL VAL A . n 
A 1 103 PRO 103 155 155 PRO PRO A . n 
A 1 104 GLN 104 156 156 GLN GLN A . n 
A 1 105 GLN 105 157 ?   ?   ?   A . n 
A 1 106 PRO 106 158 ?   ?   ?   A . n 
A 1 107 THR 107 159 ?   ?   ?   A . n 
A 1 108 TYR 108 160 ?   ?   ?   A . n 
A 1 109 VAL 109 161 ?   ?   ?   A . n 
A 1 110 GLN 110 162 ?   ?   ?   A . n 
A 1 111 ALA 111 163 ?   ?   ?   A . n 
A 1 112 HIS 112 164 ?   ?   ?   A . n 
A 1 113 HIS 113 165 ?   ?   ?   A . n 
A 1 114 HIS 114 166 ?   ?   ?   A . n 
A 1 115 HIS 115 167 ?   ?   ?   A . n 
A 1 116 HIS 116 168 ?   ?   ?   A . n 
A 1 117 HIS 117 169 ?   ?   ?   A . n 
B 2 1   ACT 1   1   1   ACT ACT B . n 
B 2 2   PTR 2   2   2   PTR PTR B . n 
B 2 3   1AC 3   3   3   1AC 1AC B . n 
B 2 4   ASN 4   4   4   ASN ASN B . n 
B 2 5   NH2 5   5   5   NH2 NH2 B . n 
# 
loop_
_pdbx_nonpoly_scheme.asym_id 
_pdbx_nonpoly_scheme.entity_id 
_pdbx_nonpoly_scheme.mon_id 
_pdbx_nonpoly_scheme.ndb_seq_num 
_pdbx_nonpoly_scheme.pdb_seq_num 
_pdbx_nonpoly_scheme.auth_seq_num 
_pdbx_nonpoly_scheme.pdb_mon_id 
_pdbx_nonpoly_scheme.auth_mon_id 
_pdbx_nonpoly_scheme.pdb_strand_id 
_pdbx_nonpoly_scheme.pdb_ins_code 
C 3 GOL 1   174 174 GOL GOL A . 
D 3 GOL 1   6   6   GOL GOL A . 
E 4 FMT 1   7   7   FMT FMT A . 
F 5 NA  1   8   8   NA  NA  A . 
G 6 HOH 1   9   9   HOH HOH A . 
G 6 HOH 2   10  10  HOH HOH A . 
G 6 HOH 3   11  11  HOH HOH A . 
G 6 HOH 4   12  12  HOH HOH A . 
G 6 HOH 5   13  13  HOH HOH A . 
G 6 HOH 6   14  14  HOH HOH A . 
G 6 HOH 7   15  15  HOH HOH A . 
G 6 HOH 8   16  16  HOH HOH A . 
G 6 HOH 9   17  17  HOH HOH A . 
G 6 HOH 10  18  18  HOH HOH A . 
G 6 HOH 11  19  19  HOH HOH A . 
G 6 HOH 12  20  20  HOH HOH A . 
G 6 HOH 13  21  21  HOH HOH A . 
G 6 HOH 14  22  22  HOH HOH A . 
G 6 HOH 15  24  24  HOH HOH A . 
G 6 HOH 16  25  25  HOH HOH A . 
G 6 HOH 17  26  26  HOH HOH A . 
G 6 HOH 18  27  27  HOH HOH A . 
G 6 HOH 19  28  28  HOH HOH A . 
G 6 HOH 20  29  29  HOH HOH A . 
G 6 HOH 21  30  30  HOH HOH A . 
G 6 HOH 22  31  31  HOH HOH A . 
G 6 HOH 23  32  32  HOH HOH A . 
G 6 HOH 24  33  33  HOH HOH A . 
G 6 HOH 25  34  34  HOH HOH A . 
G 6 HOH 26  35  35  HOH HOH A . 
G 6 HOH 27  36  36  HOH HOH A . 
G 6 HOH 28  37  37  HOH HOH A . 
G 6 HOH 29  38  38  HOH HOH A . 
G 6 HOH 30  39  39  HOH HOH A . 
G 6 HOH 31  40  40  HOH HOH A . 
G 6 HOH 32  41  41  HOH HOH A . 
G 6 HOH 33  43  43  HOH HOH A . 
G 6 HOH 34  44  44  HOH HOH A . 
G 6 HOH 35  45  45  HOH HOH A . 
G 6 HOH 36  46  46  HOH HOH A . 
G 6 HOH 37  47  47  HOH HOH A . 
G 6 HOH 38  48  48  HOH HOH A . 
G 6 HOH 39  49  49  HOH HOH A . 
G 6 HOH 40  50  50  HOH HOH A . 
G 6 HOH 41  51  51  HOH HOH A . 
G 6 HOH 42  52  52  HOH HOH A . 
G 6 HOH 43  170 53  HOH HOH A . 
G 6 HOH 44  171 54  HOH HOH A . 
G 6 HOH 45  177 177 HOH HOH A . 
G 6 HOH 46  178 178 HOH HOH A . 
G 6 HOH 47  179 179 HOH HOH A . 
G 6 HOH 48  180 180 HOH HOH A . 
G 6 HOH 49  181 181 HOH HOH A . 
G 6 HOH 50  182 182 HOH HOH A . 
G 6 HOH 51  183 183 HOH HOH A . 
G 6 HOH 52  184 184 HOH HOH A . 
G 6 HOH 53  185 185 HOH HOH A . 
G 6 HOH 54  186 186 HOH HOH A . 
G 6 HOH 55  187 187 HOH HOH A . 
G 6 HOH 56  188 188 HOH HOH A . 
G 6 HOH 57  189 189 HOH HOH A . 
G 6 HOH 58  190 190 HOH HOH A . 
G 6 HOH 59  191 191 HOH HOH A . 
G 6 HOH 60  192 192 HOH HOH A . 
G 6 HOH 61  193 193 HOH HOH A . 
G 6 HOH 62  194 194 HOH HOH A . 
G 6 HOH 63  196 196 HOH HOH A . 
G 6 HOH 64  197 197 HOH HOH A . 
G 6 HOH 65  198 198 HOH HOH A . 
G 6 HOH 66  199 199 HOH HOH A . 
G 6 HOH 67  200 200 HOH HOH A . 
G 6 HOH 68  201 201 HOH HOH A . 
G 6 HOH 69  202 202 HOH HOH A . 
G 6 HOH 70  203 203 HOH HOH A . 
G 6 HOH 71  204 204 HOH HOH A . 
G 6 HOH 72  205 205 HOH HOH A . 
G 6 HOH 73  206 206 HOH HOH A . 
G 6 HOH 74  207 207 HOH HOH A . 
G 6 HOH 75  208 208 HOH HOH A . 
G 6 HOH 76  209 209 HOH HOH A . 
G 6 HOH 77  210 210 HOH HOH A . 
G 6 HOH 78  211 211 HOH HOH A . 
G 6 HOH 79  212 212 HOH HOH A . 
G 6 HOH 80  213 213 HOH HOH A . 
G 6 HOH 81  214 214 HOH HOH A . 
G 6 HOH 82  215 215 HOH HOH A . 
G 6 HOH 83  216 216 HOH HOH A . 
G 6 HOH 84  217 217 HOH HOH A . 
G 6 HOH 85  218 218 HOH HOH A . 
G 6 HOH 86  219 219 HOH HOH A . 
G 6 HOH 87  220 220 HOH HOH A . 
G 6 HOH 88  222 222 HOH HOH A . 
G 6 HOH 89  223 223 HOH HOH A . 
G 6 HOH 90  224 224 HOH HOH A . 
G 6 HOH 91  225 225 HOH HOH A . 
G 6 HOH 92  226 226 HOH HOH A . 
G 6 HOH 93  227 227 HOH HOH A . 
G 6 HOH 94  228 228 HOH HOH A . 
G 6 HOH 95  229 229 HOH HOH A . 
G 6 HOH 96  230 230 HOH HOH A . 
G 6 HOH 97  231 231 HOH HOH A . 
G 6 HOH 98  232 232 HOH HOH A . 
G 6 HOH 99  233 233 HOH HOH A . 
G 6 HOH 100 234 234 HOH HOH A . 
G 6 HOH 101 235 235 HOH HOH A . 
G 6 HOH 102 236 236 HOH HOH A . 
H 6 HOH 1   23  23  HOH HOH B . 
H 6 HOH 2   42  42  HOH HOH B . 
H 6 HOH 3   175 175 HOH HOH B . 
H 6 HOH 4   176 176 HOH HOH B . 
H 6 HOH 5   195 195 HOH HOH B . 
H 6 HOH 6   221 221 HOH HOH B . 
# 
loop_
_pdbx_struct_mod_residue.id 
_pdbx_struct_mod_residue.label_asym_id 
_pdbx_struct_mod_residue.label_comp_id 
_pdbx_struct_mod_residue.label_seq_id 
_pdbx_struct_mod_residue.auth_asym_id 
_pdbx_struct_mod_residue.auth_comp_id 
_pdbx_struct_mod_residue.auth_seq_id 
_pdbx_struct_mod_residue.PDB_ins_code 
_pdbx_struct_mod_residue.parent_comp_id 
_pdbx_struct_mod_residue.details 
1 B PTR 2 B PTR 2 ? TYR O-PHOSPHOTYROSINE                    
2 B 1AC 3 B 1AC 3 ? ALA '1-AMINOCYCLOPROPANECARBOXYLIC ACID' 
# 
loop_
_pdbx_struct_assembly.id 
_pdbx_struct_assembly.details 
_pdbx_struct_assembly.method_details 
_pdbx_struct_assembly.oligomeric_details 
_pdbx_struct_assembly.oligomeric_count 
1 author_and_software_defined_assembly PISA dimeric    2 
2 software_defined_assembly            PISA tetrameric 4 
# 
loop_
_pdbx_struct_assembly_gen.assembly_id 
_pdbx_struct_assembly_gen.oper_expression 
_pdbx_struct_assembly_gen.asym_id_list 
1 1   A,B,C,D,E,F,G,H 
2 1,2 A,B,C,D,E,F,G,H 
# 
loop_
_pdbx_struct_assembly_prop.biol_id 
_pdbx_struct_assembly_prop.type 
_pdbx_struct_assembly_prop.value 
_pdbx_struct_assembly_prop.details 
1 'ABSA (A^2)' 1890  ? 
1 MORE         -19   ? 
1 'SSA (A^2)'  6280  ? 
2 'ABSA (A^2)' 5930  ? 
2 MORE         -53   ? 
2 'SSA (A^2)'  10420 ? 
# 
loop_
_pdbx_struct_oper_list.id 
_pdbx_struct_oper_list.type 
_pdbx_struct_oper_list.name 
_pdbx_struct_oper_list.symmetry_operation 
_pdbx_struct_oper_list.matrix[1][1] 
_pdbx_struct_oper_list.matrix[1][2] 
_pdbx_struct_oper_list.matrix[1][3] 
_pdbx_struct_oper_list.vector[1] 
_pdbx_struct_oper_list.matrix[2][1] 
_pdbx_struct_oper_list.matrix[2][2] 
_pdbx_struct_oper_list.matrix[2][3] 
_pdbx_struct_oper_list.vector[2] 
_pdbx_struct_oper_list.matrix[3][1] 
_pdbx_struct_oper_list.matrix[3][2] 
_pdbx_struct_oper_list.matrix[3][3] 
_pdbx_struct_oper_list.vector[3] 
1 'identity operation'         1_555 x,y,z  1.0000000000  0.0000000000 0.0000000000 0.0000000000  0.0000000000 1.0000000000  0.0000000000 0.0000000000   0.0000000000 0.0000000000 1.0000000000 0.0000000000 
2 'crystal symmetry operation' 7_555 y,x,-z -0.9337259284 0.1020856740 0.3431244758 -6.3833015932 0.1020856740 -0.8427517040 0.5285338973 -20.0298238252 0.3431244758 0.5285338973 0.7764776323 7.1921580258 
# 
_pdbx_struct_special_symmetry.id              1 
_pdbx_struct_special_symmetry.PDB_model_num   1 
_pdbx_struct_special_symmetry.auth_asym_id    A 
_pdbx_struct_special_symmetry.auth_comp_id    HOH 
_pdbx_struct_special_symmetry.auth_seq_id     228 
_pdbx_struct_special_symmetry.PDB_ins_code    ? 
_pdbx_struct_special_symmetry.label_asym_id   G 
_pdbx_struct_special_symmetry.label_comp_id   HOH 
_pdbx_struct_special_symmetry.label_seq_id    . 
# 
_pdbx_struct_conn_angle.id                    1 
_pdbx_struct_conn_angle.ptnr1_label_atom_id   O 
_pdbx_struct_conn_angle.ptnr1_label_alt_id    ? 
_pdbx_struct_conn_angle.ptnr1_label_asym_id   A 
_pdbx_struct_conn_angle.ptnr1_label_comp_id   VAL 
_pdbx_struct_conn_angle.ptnr1_label_seq_id    58 
_pdbx_struct_conn_angle.ptnr1_auth_atom_id    ? 
_pdbx_struct_conn_angle.ptnr1_auth_asym_id    A 
_pdbx_struct_conn_angle.ptnr1_auth_comp_id    VAL 
_pdbx_struct_conn_angle.ptnr1_auth_seq_id     110 
_pdbx_struct_conn_angle.ptnr1_PDB_ins_code    ? 
_pdbx_struct_conn_angle.ptnr1_symmetry        1_555 
_pdbx_struct_conn_angle.ptnr2_label_atom_id   NA 
_pdbx_struct_conn_angle.ptnr2_label_alt_id    ? 
_pdbx_struct_conn_angle.ptnr2_label_asym_id   F 
_pdbx_struct_conn_angle.ptnr2_label_comp_id   NA 
_pdbx_struct_conn_angle.ptnr2_label_seq_id    . 
_pdbx_struct_conn_angle.ptnr2_auth_atom_id    ? 
_pdbx_struct_conn_angle.ptnr2_auth_asym_id    A 
_pdbx_struct_conn_angle.ptnr2_auth_comp_id    NA 
_pdbx_struct_conn_angle.ptnr2_auth_seq_id     8 
_pdbx_struct_conn_angle.ptnr2_PDB_ins_code    ? 
_pdbx_struct_conn_angle.ptnr2_symmetry        1_555 
_pdbx_struct_conn_angle.ptnr3_label_atom_id   O 
_pdbx_struct_conn_angle.ptnr3_label_alt_id    ? 
_pdbx_struct_conn_angle.ptnr3_label_asym_id   G 
_pdbx_struct_conn_angle.ptnr3_label_comp_id   HOH 
_pdbx_struct_conn_angle.ptnr3_label_seq_id    . 
_pdbx_struct_conn_angle.ptnr3_auth_atom_id    ? 
_pdbx_struct_conn_angle.ptnr3_auth_asym_id    A 
_pdbx_struct_conn_angle.ptnr3_auth_comp_id    HOH 
_pdbx_struct_conn_angle.ptnr3_auth_seq_id     203 
_pdbx_struct_conn_angle.ptnr3_PDB_ins_code    ? 
_pdbx_struct_conn_angle.ptnr3_symmetry        1_555 
_pdbx_struct_conn_angle.value                 122.4 
_pdbx_struct_conn_angle.value_esd             ? 
# 
loop_
_pdbx_audit_revision_history.ordinal 
_pdbx_audit_revision_history.data_content_type 
_pdbx_audit_revision_history.major_revision 
_pdbx_audit_revision_history.minor_revision 
_pdbx_audit_revision_history.revision_date 
1 'Structure model' 1 0 2011-11-02 
2 'Structure model' 1 1 2011-12-07 
3 'Structure model' 1 2 2023-09-06 
4 'Structure model' 1 3 2023-12-06 
# 
_pdbx_audit_revision_details.ordinal             1 
_pdbx_audit_revision_details.revision_ordinal    1 
_pdbx_audit_revision_details.data_content_type   'Structure model' 
_pdbx_audit_revision_details.provider            repository 
_pdbx_audit_revision_details.type                'Initial release' 
_pdbx_audit_revision_details.description         ? 
_pdbx_audit_revision_details.details             ? 
# 
loop_
_pdbx_audit_revision_group.ordinal 
_pdbx_audit_revision_group.revision_ordinal 
_pdbx_audit_revision_group.data_content_type 
_pdbx_audit_revision_group.group 
1 2 'Structure model' 'Database references'    
2 3 'Structure model' 'Data collection'        
3 3 'Structure model' 'Database references'    
4 3 'Structure model' 'Derived calculations'   
5 3 'Structure model' 'Refinement description' 
6 4 'Structure model' 'Data collection'        
# 
loop_
_pdbx_audit_revision_category.ordinal 
_pdbx_audit_revision_category.revision_ordinal 
_pdbx_audit_revision_category.data_content_type 
_pdbx_audit_revision_category.category 
1 3 'Structure model' chem_comp_atom                
2 3 'Structure model' chem_comp_bond                
3 3 'Structure model' database_2                    
4 3 'Structure model' pdbx_initial_refinement_model 
5 3 'Structure model' struct_conn                   
6 3 'Structure model' struct_ref_seq_dif            
7 3 'Structure model' struct_site                   
8 4 'Structure model' chem_comp_atom                
9 4 'Structure model' chem_comp_bond                
# 
loop_
_pdbx_audit_revision_item.ordinal 
_pdbx_audit_revision_item.revision_ordinal 
_pdbx_audit_revision_item.data_content_type 
_pdbx_audit_revision_item.item 
1  3 'Structure model' '_database_2.pdbx_DOI'                
2  3 'Structure model' '_database_2.pdbx_database_accession' 
3  3 'Structure model' '_struct_conn.pdbx_leaving_atom_flag' 
4  3 'Structure model' '_struct_conn.ptnr1_auth_comp_id'     
5  3 'Structure model' '_struct_conn.ptnr1_auth_seq_id'      
6  3 'Structure model' '_struct_conn.ptnr1_label_asym_id'    
7  3 'Structure model' '_struct_conn.ptnr1_label_atom_id'    
8  3 'Structure model' '_struct_conn.ptnr1_label_comp_id'    
9  3 'Structure model' '_struct_conn.ptnr1_label_seq_id'     
10 3 'Structure model' '_struct_conn.ptnr2_auth_comp_id'     
11 3 'Structure model' '_struct_conn.ptnr2_auth_seq_id'      
12 3 'Structure model' '_struct_conn.ptnr2_label_asym_id'    
13 3 'Structure model' '_struct_conn.ptnr2_label_atom_id'    
14 3 'Structure model' '_struct_conn.ptnr2_label_comp_id'    
15 3 'Structure model' '_struct_conn.ptnr2_label_seq_id'     
16 3 'Structure model' '_struct_ref_seq_dif.details'         
17 3 'Structure model' '_struct_site.pdbx_auth_asym_id'      
18 3 'Structure model' '_struct_site.pdbx_auth_comp_id'      
19 3 'Structure model' '_struct_site.pdbx_auth_seq_id'       
20 4 'Structure model' '_chem_comp_atom.atom_id'             
21 4 'Structure model' '_chem_comp_bond.atom_id_2'           
# 
loop_
_software.name 
_software.classification 
_software.version 
_software.citation_id 
_software.pdbx_ordinal 
HKL-2000 'data collection' .        ? 1 
PHASER   phasing           .        ? 2 
REFMAC   refinement        5.5.0109 ? 3 
HKL-2000 'data reduction'  .        ? 4 
HKL-2000 'data scaling'    .        ? 5 
# 
loop_
_pdbx_validate_close_contact.id 
_pdbx_validate_close_contact.PDB_model_num 
_pdbx_validate_close_contact.auth_atom_id_1 
_pdbx_validate_close_contact.auth_asym_id_1 
_pdbx_validate_close_contact.auth_comp_id_1 
_pdbx_validate_close_contact.auth_seq_id_1 
_pdbx_validate_close_contact.PDB_ins_code_1 
_pdbx_validate_close_contact.label_alt_id_1 
_pdbx_validate_close_contact.auth_atom_id_2 
_pdbx_validate_close_contact.auth_asym_id_2 
_pdbx_validate_close_contact.auth_comp_id_2 
_pdbx_validate_close_contact.auth_seq_id_2 
_pdbx_validate_close_contact.PDB_ins_code_2 
_pdbx_validate_close_contact.label_alt_id_2 
_pdbx_validate_close_contact.dist 
1 1 O   A HOH 230 ? ? O A HOH 231 ? ? 1.97 
2 1 OD1 A ASP 104 ? B O A HOH 223 ? ? 1.98 
# 
loop_
_pdbx_validate_rmsd_angle.id 
_pdbx_validate_rmsd_angle.PDB_model_num 
_pdbx_validate_rmsd_angle.auth_atom_id_1 
_pdbx_validate_rmsd_angle.auth_asym_id_1 
_pdbx_validate_rmsd_angle.auth_comp_id_1 
_pdbx_validate_rmsd_angle.auth_seq_id_1 
_pdbx_validate_rmsd_angle.PDB_ins_code_1 
_pdbx_validate_rmsd_angle.label_alt_id_1 
_pdbx_validate_rmsd_angle.auth_atom_id_2 
_pdbx_validate_rmsd_angle.auth_asym_id_2 
_pdbx_validate_rmsd_angle.auth_comp_id_2 
_pdbx_validate_rmsd_angle.auth_seq_id_2 
_pdbx_validate_rmsd_angle.PDB_ins_code_2 
_pdbx_validate_rmsd_angle.label_alt_id_2 
_pdbx_validate_rmsd_angle.auth_atom_id_3 
_pdbx_validate_rmsd_angle.auth_asym_id_3 
_pdbx_validate_rmsd_angle.auth_comp_id_3 
_pdbx_validate_rmsd_angle.auth_seq_id_3 
_pdbx_validate_rmsd_angle.PDB_ins_code_3 
_pdbx_validate_rmsd_angle.label_alt_id_3 
_pdbx_validate_rmsd_angle.angle_value 
_pdbx_validate_rmsd_angle.angle_target_value 
_pdbx_validate_rmsd_angle.angle_deviation 
_pdbx_validate_rmsd_angle.angle_standard_deviation 
_pdbx_validate_rmsd_angle.linker_flag 
1 1 NE A ARG 112 ? ? CZ A ARG 112 ? ? NH1 A ARG 112 ? ? 117.05 120.30 -3.25  0.50 N 
2 1 CB A ASP 150 ? ? CG A ASP 150 ? ? OD2 A ASP 150 ? ? 112.81 118.30 -5.49  0.90 N 
3 1 CB A PRO 155 ? ? CA A PRO 155 ? ? C   A PRO 155 ? ? 79.18  111.70 -32.52 2.10 N 
# 
loop_
_pdbx_validate_torsion.id 
_pdbx_validate_torsion.PDB_model_num 
_pdbx_validate_torsion.auth_comp_id 
_pdbx_validate_torsion.auth_asym_id 
_pdbx_validate_torsion.auth_seq_id 
_pdbx_validate_torsion.PDB_ins_code 
_pdbx_validate_torsion.label_alt_id 
_pdbx_validate_torsion.phi 
_pdbx_validate_torsion.psi 
1 1 TRP A 121 ? ? -126.60 -70.91 
2 1 VAL A 122 ? ? -134.94 -39.54 
# 
loop_
_pdbx_unobs_or_zero_occ_atoms.id 
_pdbx_unobs_or_zero_occ_atoms.PDB_model_num 
_pdbx_unobs_or_zero_occ_atoms.polymer_flag 
_pdbx_unobs_or_zero_occ_atoms.occupancy_flag 
_pdbx_unobs_or_zero_occ_atoms.auth_asym_id 
_pdbx_unobs_or_zero_occ_atoms.auth_comp_id 
_pdbx_unobs_or_zero_occ_atoms.auth_seq_id 
_pdbx_unobs_or_zero_occ_atoms.PDB_ins_code 
_pdbx_unobs_or_zero_occ_atoms.auth_atom_id 
_pdbx_unobs_or_zero_occ_atoms.label_alt_id 
_pdbx_unobs_or_zero_occ_atoms.label_asym_id 
_pdbx_unobs_or_zero_occ_atoms.label_comp_id 
_pdbx_unobs_or_zero_occ_atoms.label_seq_id 
_pdbx_unobs_or_zero_occ_atoms.label_atom_id 
1  1 Y 0 A MET 55  ? CB  ? A MET 3   CB  
2  1 Y 0 A MET 55  ? CG  ? A MET 3   CG  
3  1 Y 0 A MET 55  ? SD  ? A MET 3   SD  
4  1 Y 0 A MET 55  ? CE  ? A MET 3   CE  
5  1 Y 0 A LYS 56  ? CD  ? A LYS 4   CD  
6  1 Y 0 A LYS 56  ? CE  ? A LYS 4   CE  
7  1 Y 0 A LYS 56  ? NZ  ? A LYS 4   NZ  
8  1 Y 0 A PRO 155 ? C   ? A PRO 103 C   
9  1 Y 0 A PRO 155 ? O   ? A PRO 103 O   
10 1 Y 1 A GLN 156 ? CA  ? A GLN 104 CA  
11 1 Y 1 A GLN 156 ? C   ? A GLN 104 C   
12 1 Y 1 A GLN 156 ? O   ? A GLN 104 O   
13 1 Y 1 A GLN 156 ? CB  ? A GLN 104 CB  
14 1 Y 1 A GLN 156 ? CG  ? A GLN 104 CG  
15 1 Y 1 A GLN 156 ? CD  ? A GLN 104 CD  
16 1 Y 1 A GLN 156 ? OE1 ? A GLN 104 OE1 
17 1 Y 1 A GLN 156 ? NE2 ? A GLN 104 NE2 
# 
loop_
_pdbx_unobs_or_zero_occ_residues.id 
_pdbx_unobs_or_zero_occ_residues.PDB_model_num 
_pdbx_unobs_or_zero_occ_residues.polymer_flag 
_pdbx_unobs_or_zero_occ_residues.occupancy_flag 
_pdbx_unobs_or_zero_occ_residues.auth_asym_id 
_pdbx_unobs_or_zero_occ_residues.auth_comp_id 
_pdbx_unobs_or_zero_occ_residues.auth_seq_id 
_pdbx_unobs_or_zero_occ_residues.PDB_ins_code 
_pdbx_unobs_or_zero_occ_residues.label_asym_id 
_pdbx_unobs_or_zero_occ_residues.label_comp_id 
_pdbx_unobs_or_zero_occ_residues.label_seq_id 
1  1 Y 1 A ILE 53  ? A ILE 1   
2  1 Y 1 A GLU 54  ? A GLU 2   
3  1 Y 0 A GLN 156 ? A GLN 104 
4  1 Y 1 A GLN 157 ? A GLN 105 
5  1 Y 1 A PRO 158 ? A PRO 106 
6  1 Y 1 A THR 159 ? A THR 107 
7  1 Y 1 A TYR 160 ? A TYR 108 
8  1 Y 1 A VAL 161 ? A VAL 109 
9  1 Y 1 A GLN 162 ? A GLN 110 
10 1 Y 1 A ALA 163 ? A ALA 111 
11 1 Y 1 A HIS 164 ? A HIS 112 
12 1 Y 1 A HIS 165 ? A HIS 113 
13 1 Y 1 A HIS 166 ? A HIS 114 
14 1 Y 1 A HIS 167 ? A HIS 115 
15 1 Y 1 A HIS 168 ? A HIS 116 
16 1 Y 1 A HIS 169 ? A HIS 117 
# 
loop_
_chem_comp_atom.comp_id 
_chem_comp_atom.atom_id 
_chem_comp_atom.type_symbol 
_chem_comp_atom.pdbx_aromatic_flag 
_chem_comp_atom.pdbx_stereo_config 
_chem_comp_atom.pdbx_ordinal 
1AC CB   C  N N 1   
1AC CG   C  N N 2   
1AC CA   C  N N 3   
1AC C    C  N N 4   
1AC OXT  O  N N 5   
1AC O    O  N N 6   
1AC N    N  N N 7   
1AC HB1  H  N N 8   
1AC HB2  H  N N 9   
1AC HG1  H  N N 10  
1AC HG2  H  N N 11  
1AC HXT  H  N N 12  
1AC H    H  N N 13  
1AC H2   H  N N 14  
ACT C    C  N N 15  
ACT O    O  N N 16  
ACT OXT  O  N N 17  
ACT CH3  C  N N 18  
ACT H1   H  N N 19  
ACT H2   H  N N 20  
ACT H3   H  N N 21  
ALA N    N  N N 22  
ALA CA   C  N S 23  
ALA C    C  N N 24  
ALA O    O  N N 25  
ALA CB   C  N N 26  
ALA OXT  O  N N 27  
ALA H    H  N N 28  
ALA H2   H  N N 29  
ALA HA   H  N N 30  
ALA HB1  H  N N 31  
ALA HB2  H  N N 32  
ALA HB3  H  N N 33  
ALA HXT  H  N N 34  
ARG N    N  N N 35  
ARG CA   C  N S 36  
ARG C    C  N N 37  
ARG O    O  N N 38  
ARG CB   C  N N 39  
ARG CG   C  N N 40  
ARG CD   C  N N 41  
ARG NE   N  N N 42  
ARG CZ   C  N N 43  
ARG NH1  N  N N 44  
ARG NH2  N  N N 45  
ARG OXT  O  N N 46  
ARG H    H  N N 47  
ARG H2   H  N N 48  
ARG HA   H  N N 49  
ARG HB2  H  N N 50  
ARG HB3  H  N N 51  
ARG HG2  H  N N 52  
ARG HG3  H  N N 53  
ARG HD2  H  N N 54  
ARG HD3  H  N N 55  
ARG HE   H  N N 56  
ARG HH11 H  N N 57  
ARG HH12 H  N N 58  
ARG HH21 H  N N 59  
ARG HH22 H  N N 60  
ARG HXT  H  N N 61  
ASN N    N  N N 62  
ASN CA   C  N S 63  
ASN C    C  N N 64  
ASN O    O  N N 65  
ASN CB   C  N N 66  
ASN CG   C  N N 67  
ASN OD1  O  N N 68  
ASN ND2  N  N N 69  
ASN OXT  O  N N 70  
ASN H    H  N N 71  
ASN H2   H  N N 72  
ASN HA   H  N N 73  
ASN HB2  H  N N 74  
ASN HB3  H  N N 75  
ASN HD21 H  N N 76  
ASN HD22 H  N N 77  
ASN HXT  H  N N 78  
ASP N    N  N N 79  
ASP CA   C  N S 80  
ASP C    C  N N 81  
ASP O    O  N N 82  
ASP CB   C  N N 83  
ASP CG   C  N N 84  
ASP OD1  O  N N 85  
ASP OD2  O  N N 86  
ASP OXT  O  N N 87  
ASP H    H  N N 88  
ASP H2   H  N N 89  
ASP HA   H  N N 90  
ASP HB2  H  N N 91  
ASP HB3  H  N N 92  
ASP HD2  H  N N 93  
ASP HXT  H  N N 94  
FMT C    C  N N 95  
FMT O1   O  N N 96  
FMT O2   O  N N 97  
FMT H    H  N N 98  
FMT HO2  H  N N 99  
GLN N    N  N N 100 
GLN CA   C  N S 101 
GLN C    C  N N 102 
GLN O    O  N N 103 
GLN CB   C  N N 104 
GLN CG   C  N N 105 
GLN CD   C  N N 106 
GLN OE1  O  N N 107 
GLN NE2  N  N N 108 
GLN OXT  O  N N 109 
GLN H    H  N N 110 
GLN H2   H  N N 111 
GLN HA   H  N N 112 
GLN HB2  H  N N 113 
GLN HB3  H  N N 114 
GLN HG2  H  N N 115 
GLN HG3  H  N N 116 
GLN HE21 H  N N 117 
GLN HE22 H  N N 118 
GLN HXT  H  N N 119 
GLU N    N  N N 120 
GLU CA   C  N S 121 
GLU C    C  N N 122 
GLU O    O  N N 123 
GLU CB   C  N N 124 
GLU CG   C  N N 125 
GLU CD   C  N N 126 
GLU OE1  O  N N 127 
GLU OE2  O  N N 128 
GLU OXT  O  N N 129 
GLU H    H  N N 130 
GLU H2   H  N N 131 
GLU HA   H  N N 132 
GLU HB2  H  N N 133 
GLU HB3  H  N N 134 
GLU HG2  H  N N 135 
GLU HG3  H  N N 136 
GLU HE2  H  N N 137 
GLU HXT  H  N N 138 
GLY N    N  N N 139 
GLY CA   C  N N 140 
GLY C    C  N N 141 
GLY O    O  N N 142 
GLY OXT  O  N N 143 
GLY H    H  N N 144 
GLY H2   H  N N 145 
GLY HA2  H  N N 146 
GLY HA3  H  N N 147 
GLY HXT  H  N N 148 
GOL C1   C  N N 149 
GOL O1   O  N N 150 
GOL C2   C  N N 151 
GOL O2   O  N N 152 
GOL C3   C  N N 153 
GOL O3   O  N N 154 
GOL H11  H  N N 155 
GOL H12  H  N N 156 
GOL HO1  H  N N 157 
GOL H2   H  N N 158 
GOL HO2  H  N N 159 
GOL H31  H  N N 160 
GOL H32  H  N N 161 
GOL HO3  H  N N 162 
HIS N    N  N N 163 
HIS CA   C  N S 164 
HIS C    C  N N 165 
HIS O    O  N N 166 
HIS CB   C  N N 167 
HIS CG   C  Y N 168 
HIS ND1  N  Y N 169 
HIS CD2  C  Y N 170 
HIS CE1  C  Y N 171 
HIS NE2  N  Y N 172 
HIS OXT  O  N N 173 
HIS H    H  N N 174 
HIS H2   H  N N 175 
HIS HA   H  N N 176 
HIS HB2  H  N N 177 
HIS HB3  H  N N 178 
HIS HD1  H  N N 179 
HIS HD2  H  N N 180 
HIS HE1  H  N N 181 
HIS HE2  H  N N 182 
HIS HXT  H  N N 183 
HOH O    O  N N 184 
HOH H1   H  N N 185 
HOH H2   H  N N 186 
ILE N    N  N N 187 
ILE CA   C  N S 188 
ILE C    C  N N 189 
ILE O    O  N N 190 
ILE CB   C  N S 191 
ILE CG1  C  N N 192 
ILE CG2  C  N N 193 
ILE CD1  C  N N 194 
ILE OXT  O  N N 195 
ILE H    H  N N 196 
ILE H2   H  N N 197 
ILE HA   H  N N 198 
ILE HB   H  N N 199 
ILE HG12 H  N N 200 
ILE HG13 H  N N 201 
ILE HG21 H  N N 202 
ILE HG22 H  N N 203 
ILE HG23 H  N N 204 
ILE HD11 H  N N 205 
ILE HD12 H  N N 206 
ILE HD13 H  N N 207 
ILE HXT  H  N N 208 
LEU N    N  N N 209 
LEU CA   C  N S 210 
LEU C    C  N N 211 
LEU O    O  N N 212 
LEU CB   C  N N 213 
LEU CG   C  N N 214 
LEU CD1  C  N N 215 
LEU CD2  C  N N 216 
LEU OXT  O  N N 217 
LEU H    H  N N 218 
LEU H2   H  N N 219 
LEU HA   H  N N 220 
LEU HB2  H  N N 221 
LEU HB3  H  N N 222 
LEU HG   H  N N 223 
LEU HD11 H  N N 224 
LEU HD12 H  N N 225 
LEU HD13 H  N N 226 
LEU HD21 H  N N 227 
LEU HD22 H  N N 228 
LEU HD23 H  N N 229 
LEU HXT  H  N N 230 
LYS N    N  N N 231 
LYS CA   C  N S 232 
LYS C    C  N N 233 
LYS O    O  N N 234 
LYS CB   C  N N 235 
LYS CG   C  N N 236 
LYS CD   C  N N 237 
LYS CE   C  N N 238 
LYS NZ   N  N N 239 
LYS OXT  O  N N 240 
LYS H    H  N N 241 
LYS H2   H  N N 242 
LYS HA   H  N N 243 
LYS HB2  H  N N 244 
LYS HB3  H  N N 245 
LYS HG2  H  N N 246 
LYS HG3  H  N N 247 
LYS HD2  H  N N 248 
LYS HD3  H  N N 249 
LYS HE2  H  N N 250 
LYS HE3  H  N N 251 
LYS HZ1  H  N N 252 
LYS HZ2  H  N N 253 
LYS HZ3  H  N N 254 
LYS HXT  H  N N 255 
MET N    N  N N 256 
MET CA   C  N S 257 
MET C    C  N N 258 
MET O    O  N N 259 
MET CB   C  N N 260 
MET CG   C  N N 261 
MET SD   S  N N 262 
MET CE   C  N N 263 
MET OXT  O  N N 264 
MET H    H  N N 265 
MET H2   H  N N 266 
MET HA   H  N N 267 
MET HB2  H  N N 268 
MET HB3  H  N N 269 
MET HG2  H  N N 270 
MET HG3  H  N N 271 
MET HE1  H  N N 272 
MET HE2  H  N N 273 
MET HE3  H  N N 274 
MET HXT  H  N N 275 
NA  NA   NA N N 276 
NH2 N    N  N N 277 
NH2 HN1  H  N N 278 
NH2 HN2  H  N N 279 
PHE N    N  N N 280 
PHE CA   C  N S 281 
PHE C    C  N N 282 
PHE O    O  N N 283 
PHE CB   C  N N 284 
PHE CG   C  Y N 285 
PHE CD1  C  Y N 286 
PHE CD2  C  Y N 287 
PHE CE1  C  Y N 288 
PHE CE2  C  Y N 289 
PHE CZ   C  Y N 290 
PHE OXT  O  N N 291 
PHE H    H  N N 292 
PHE H2   H  N N 293 
PHE HA   H  N N 294 
PHE HB2  H  N N 295 
PHE HB3  H  N N 296 
PHE HD1  H  N N 297 
PHE HD2  H  N N 298 
PHE HE1  H  N N 299 
PHE HE2  H  N N 300 
PHE HZ   H  N N 301 
PHE HXT  H  N N 302 
PRO N    N  N N 303 
PRO CA   C  N S 304 
PRO C    C  N N 305 
PRO O    O  N N 306 
PRO CB   C  N N 307 
PRO CG   C  N N 308 
PRO CD   C  N N 309 
PRO OXT  O  N N 310 
PRO H    H  N N 311 
PRO HA   H  N N 312 
PRO HB2  H  N N 313 
PRO HB3  H  N N 314 
PRO HG2  H  N N 315 
PRO HG3  H  N N 316 
PRO HD2  H  N N 317 
PRO HD3  H  N N 318 
PRO HXT  H  N N 319 
PTR N    N  N N 320 
PTR CA   C  N S 321 
PTR C    C  N N 322 
PTR O    O  N N 323 
PTR OXT  O  N N 324 
PTR CB   C  N N 325 
PTR CG   C  Y N 326 
PTR CD1  C  Y N 327 
PTR CD2  C  Y N 328 
PTR CE1  C  Y N 329 
PTR CE2  C  Y N 330 
PTR CZ   C  Y N 331 
PTR OH   O  N N 332 
PTR P    P  N N 333 
PTR O1P  O  N N 334 
PTR O2P  O  N N 335 
PTR O3P  O  N N 336 
PTR H    H  N N 337 
PTR H2   H  N N 338 
PTR HA   H  N N 339 
PTR HXT  H  N N 340 
PTR HB2  H  N N 341 
PTR HB3  H  N N 342 
PTR HD1  H  N N 343 
PTR HD2  H  N N 344 
PTR HE1  H  N N 345 
PTR HE2  H  N N 346 
PTR HO2P H  N N 347 
PTR HO3P H  N N 348 
SER N    N  N N 349 
SER CA   C  N S 350 
SER C    C  N N 351 
SER O    O  N N 352 
SER CB   C  N N 353 
SER OG   O  N N 354 
SER OXT  O  N N 355 
SER H    H  N N 356 
SER H2   H  N N 357 
SER HA   H  N N 358 
SER HB2  H  N N 359 
SER HB3  H  N N 360 
SER HG   H  N N 361 
SER HXT  H  N N 362 
THR N    N  N N 363 
THR CA   C  N S 364 
THR C    C  N N 365 
THR O    O  N N 366 
THR CB   C  N R 367 
THR OG1  O  N N 368 
THR CG2  C  N N 369 
THR OXT  O  N N 370 
THR H    H  N N 371 
THR H2   H  N N 372 
THR HA   H  N N 373 
THR HB   H  N N 374 
THR HG1  H  N N 375 
THR HG21 H  N N 376 
THR HG22 H  N N 377 
THR HG23 H  N N 378 
THR HXT  H  N N 379 
TRP N    N  N N 380 
TRP CA   C  N S 381 
TRP C    C  N N 382 
TRP O    O  N N 383 
TRP CB   C  N N 384 
TRP CG   C  Y N 385 
TRP CD1  C  Y N 386 
TRP CD2  C  Y N 387 
TRP NE1  N  Y N 388 
TRP CE2  C  Y N 389 
TRP CE3  C  Y N 390 
TRP CZ2  C  Y N 391 
TRP CZ3  C  Y N 392 
TRP CH2  C  Y N 393 
TRP OXT  O  N N 394 
TRP H    H  N N 395 
TRP H2   H  N N 396 
TRP HA   H  N N 397 
TRP HB2  H  N N 398 
TRP HB3  H  N N 399 
TRP HD1  H  N N 400 
TRP HE1  H  N N 401 
TRP HE3  H  N N 402 
TRP HZ2  H  N N 403 
TRP HZ3  H  N N 404 
TRP HH2  H  N N 405 
TRP HXT  H  N N 406 
TYR N    N  N N 407 
TYR CA   C  N S 408 
TYR C    C  N N 409 
TYR O    O  N N 410 
TYR CB   C  N N 411 
TYR CG   C  Y N 412 
TYR CD1  C  Y N 413 
TYR CD2  C  Y N 414 
TYR CE1  C  Y N 415 
TYR CE2  C  Y N 416 
TYR CZ   C  Y N 417 
TYR OH   O  N N 418 
TYR OXT  O  N N 419 
TYR H    H  N N 420 
TYR H2   H  N N 421 
TYR HA   H  N N 422 
TYR HB2  H  N N 423 
TYR HB3  H  N N 424 
TYR HD1  H  N N 425 
TYR HD2  H  N N 426 
TYR HE1  H  N N 427 
TYR HE2  H  N N 428 
TYR HH   H  N N 429 
TYR HXT  H  N N 430 
VAL N    N  N N 431 
VAL CA   C  N S 432 
VAL C    C  N N 433 
VAL O    O  N N 434 
VAL CB   C  N N 435 
VAL CG1  C  N N 436 
VAL CG2  C  N N 437 
VAL OXT  O  N N 438 
VAL H    H  N N 439 
VAL H2   H  N N 440 
VAL HA   H  N N 441 
VAL HB   H  N N 442 
VAL HG11 H  N N 443 
VAL HG12 H  N N 444 
VAL HG13 H  N N 445 
VAL HG21 H  N N 446 
VAL HG22 H  N N 447 
VAL HG23 H  N N 448 
VAL HXT  H  N N 449 
# 
loop_
_chem_comp_bond.comp_id 
_chem_comp_bond.atom_id_1 
_chem_comp_bond.atom_id_2 
_chem_comp_bond.value_order 
_chem_comp_bond.pdbx_aromatic_flag 
_chem_comp_bond.pdbx_stereo_config 
_chem_comp_bond.pdbx_ordinal 
1AC CB  CG   sing N N 1   
1AC CB  CA   sing N N 2   
1AC CB  HB1  sing N N 3   
1AC CB  HB2  sing N N 4   
1AC CG  CA   sing N N 5   
1AC CG  HG1  sing N N 6   
1AC CG  HG2  sing N N 7   
1AC CA  C    sing N N 8   
1AC CA  N    sing N N 9   
1AC C   OXT  sing N N 10  
1AC C   O    doub N N 11  
1AC OXT HXT  sing N N 12  
1AC N   H    sing N N 13  
1AC N   H2   sing N N 14  
ACT C   O    doub N N 15  
ACT C   OXT  sing N N 16  
ACT C   CH3  sing N N 17  
ACT CH3 H1   sing N N 18  
ACT CH3 H2   sing N N 19  
ACT CH3 H3   sing N N 20  
ALA N   CA   sing N N 21  
ALA N   H    sing N N 22  
ALA N   H2   sing N N 23  
ALA CA  C    sing N N 24  
ALA CA  CB   sing N N 25  
ALA CA  HA   sing N N 26  
ALA C   O    doub N N 27  
ALA C   OXT  sing N N 28  
ALA CB  HB1  sing N N 29  
ALA CB  HB2  sing N N 30  
ALA CB  HB3  sing N N 31  
ALA OXT HXT  sing N N 32  
ARG N   CA   sing N N 33  
ARG N   H    sing N N 34  
ARG N   H2   sing N N 35  
ARG CA  C    sing N N 36  
ARG CA  CB   sing N N 37  
ARG CA  HA   sing N N 38  
ARG C   O    doub N N 39  
ARG C   OXT  sing N N 40  
ARG CB  CG   sing N N 41  
ARG CB  HB2  sing N N 42  
ARG CB  HB3  sing N N 43  
ARG CG  CD   sing N N 44  
ARG CG  HG2  sing N N 45  
ARG CG  HG3  sing N N 46  
ARG CD  NE   sing N N 47  
ARG CD  HD2  sing N N 48  
ARG CD  HD3  sing N N 49  
ARG NE  CZ   sing N N 50  
ARG NE  HE   sing N N 51  
ARG CZ  NH1  sing N N 52  
ARG CZ  NH2  doub N N 53  
ARG NH1 HH11 sing N N 54  
ARG NH1 HH12 sing N N 55  
ARG NH2 HH21 sing N N 56  
ARG NH2 HH22 sing N N 57  
ARG OXT HXT  sing N N 58  
ASN N   CA   sing N N 59  
ASN N   H    sing N N 60  
ASN N   H2   sing N N 61  
ASN CA  C    sing N N 62  
ASN CA  CB   sing N N 63  
ASN CA  HA   sing N N 64  
ASN C   O    doub N N 65  
ASN C   OXT  sing N N 66  
ASN CB  CG   sing N N 67  
ASN CB  HB2  sing N N 68  
ASN CB  HB3  sing N N 69  
ASN CG  OD1  doub N N 70  
ASN CG  ND2  sing N N 71  
ASN ND2 HD21 sing N N 72  
ASN ND2 HD22 sing N N 73  
ASN OXT HXT  sing N N 74  
ASP N   CA   sing N N 75  
ASP N   H    sing N N 76  
ASP N   H2   sing N N 77  
ASP CA  C    sing N N 78  
ASP CA  CB   sing N N 79  
ASP CA  HA   sing N N 80  
ASP C   O    doub N N 81  
ASP C   OXT  sing N N 82  
ASP CB  CG   sing N N 83  
ASP CB  HB2  sing N N 84  
ASP CB  HB3  sing N N 85  
ASP CG  OD1  doub N N 86  
ASP CG  OD2  sing N N 87  
ASP OD2 HD2  sing N N 88  
ASP OXT HXT  sing N N 89  
FMT C   O1   doub N N 90  
FMT C   O2   sing N N 91  
FMT C   H    sing N N 92  
FMT O2  HO2  sing N N 93  
GLN N   CA   sing N N 94  
GLN N   H    sing N N 95  
GLN N   H2   sing N N 96  
GLN CA  C    sing N N 97  
GLN CA  CB   sing N N 98  
GLN CA  HA   sing N N 99  
GLN C   O    doub N N 100 
GLN C   OXT  sing N N 101 
GLN CB  CG   sing N N 102 
GLN CB  HB2  sing N N 103 
GLN CB  HB3  sing N N 104 
GLN CG  CD   sing N N 105 
GLN CG  HG2  sing N N 106 
GLN CG  HG3  sing N N 107 
GLN CD  OE1  doub N N 108 
GLN CD  NE2  sing N N 109 
GLN NE2 HE21 sing N N 110 
GLN NE2 HE22 sing N N 111 
GLN OXT HXT  sing N N 112 
GLU N   CA   sing N N 113 
GLU N   H    sing N N 114 
GLU N   H2   sing N N 115 
GLU CA  C    sing N N 116 
GLU CA  CB   sing N N 117 
GLU CA  HA   sing N N 118 
GLU C   O    doub N N 119 
GLU C   OXT  sing N N 120 
GLU CB  CG   sing N N 121 
GLU CB  HB2  sing N N 122 
GLU CB  HB3  sing N N 123 
GLU CG  CD   sing N N 124 
GLU CG  HG2  sing N N 125 
GLU CG  HG3  sing N N 126 
GLU CD  OE1  doub N N 127 
GLU CD  OE2  sing N N 128 
GLU OE2 HE2  sing N N 129 
GLU OXT HXT  sing N N 130 
GLY N   CA   sing N N 131 
GLY N   H    sing N N 132 
GLY N   H2   sing N N 133 
GLY CA  C    sing N N 134 
GLY CA  HA2  sing N N 135 
GLY CA  HA3  sing N N 136 
GLY C   O    doub N N 137 
GLY C   OXT  sing N N 138 
GLY OXT HXT  sing N N 139 
GOL C1  O1   sing N N 140 
GOL C1  C2   sing N N 141 
GOL C1  H11  sing N N 142 
GOL C1  H12  sing N N 143 
GOL O1  HO1  sing N N 144 
GOL C2  O2   sing N N 145 
GOL C2  C3   sing N N 146 
GOL C2  H2   sing N N 147 
GOL O2  HO2  sing N N 148 
GOL C3  O3   sing N N 149 
GOL C3  H31  sing N N 150 
GOL C3  H32  sing N N 151 
GOL O3  HO3  sing N N 152 
HIS N   CA   sing N N 153 
HIS N   H    sing N N 154 
HIS N   H2   sing N N 155 
HIS CA  C    sing N N 156 
HIS CA  CB   sing N N 157 
HIS CA  HA   sing N N 158 
HIS C   O    doub N N 159 
HIS C   OXT  sing N N 160 
HIS CB  CG   sing N N 161 
HIS CB  HB2  sing N N 162 
HIS CB  HB3  sing N N 163 
HIS CG  ND1  sing Y N 164 
HIS CG  CD2  doub Y N 165 
HIS ND1 CE1  doub Y N 166 
HIS ND1 HD1  sing N N 167 
HIS CD2 NE2  sing Y N 168 
HIS CD2 HD2  sing N N 169 
HIS CE1 NE2  sing Y N 170 
HIS CE1 HE1  sing N N 171 
HIS NE2 HE2  sing N N 172 
HIS OXT HXT  sing N N 173 
HOH O   H1   sing N N 174 
HOH O   H2   sing N N 175 
ILE N   CA   sing N N 176 
ILE N   H    sing N N 177 
ILE N   H2   sing N N 178 
ILE CA  C    sing N N 179 
ILE CA  CB   sing N N 180 
ILE CA  HA   sing N N 181 
ILE C   O    doub N N 182 
ILE C   OXT  sing N N 183 
ILE CB  CG1  sing N N 184 
ILE CB  CG2  sing N N 185 
ILE CB  HB   sing N N 186 
ILE CG1 CD1  sing N N 187 
ILE CG1 HG12 sing N N 188 
ILE CG1 HG13 sing N N 189 
ILE CG2 HG21 sing N N 190 
ILE CG2 HG22 sing N N 191 
ILE CG2 HG23 sing N N 192 
ILE CD1 HD11 sing N N 193 
ILE CD1 HD12 sing N N 194 
ILE CD1 HD13 sing N N 195 
ILE OXT HXT  sing N N 196 
LEU N   CA   sing N N 197 
LEU N   H    sing N N 198 
LEU N   H2   sing N N 199 
LEU CA  C    sing N N 200 
LEU CA  CB   sing N N 201 
LEU CA  HA   sing N N 202 
LEU C   O    doub N N 203 
LEU C   OXT  sing N N 204 
LEU CB  CG   sing N N 205 
LEU CB  HB2  sing N N 206 
LEU CB  HB3  sing N N 207 
LEU CG  CD1  sing N N 208 
LEU CG  CD2  sing N N 209 
LEU CG  HG   sing N N 210 
LEU CD1 HD11 sing N N 211 
LEU CD1 HD12 sing N N 212 
LEU CD1 HD13 sing N N 213 
LEU CD2 HD21 sing N N 214 
LEU CD2 HD22 sing N N 215 
LEU CD2 HD23 sing N N 216 
LEU OXT HXT  sing N N 217 
LYS N   CA   sing N N 218 
LYS N   H    sing N N 219 
LYS N   H2   sing N N 220 
LYS CA  C    sing N N 221 
LYS CA  CB   sing N N 222 
LYS CA  HA   sing N N 223 
LYS C   O    doub N N 224 
LYS C   OXT  sing N N 225 
LYS CB  CG   sing N N 226 
LYS CB  HB2  sing N N 227 
LYS CB  HB3  sing N N 228 
LYS CG  CD   sing N N 229 
LYS CG  HG2  sing N N 230 
LYS CG  HG3  sing N N 231 
LYS CD  CE   sing N N 232 
LYS CD  HD2  sing N N 233 
LYS CD  HD3  sing N N 234 
LYS CE  NZ   sing N N 235 
LYS CE  HE2  sing N N 236 
LYS CE  HE3  sing N N 237 
LYS NZ  HZ1  sing N N 238 
LYS NZ  HZ2  sing N N 239 
LYS NZ  HZ3  sing N N 240 
LYS OXT HXT  sing N N 241 
MET N   CA   sing N N 242 
MET N   H    sing N N 243 
MET N   H2   sing N N 244 
MET CA  C    sing N N 245 
MET CA  CB   sing N N 246 
MET CA  HA   sing N N 247 
MET C   O    doub N N 248 
MET C   OXT  sing N N 249 
MET CB  CG   sing N N 250 
MET CB  HB2  sing N N 251 
MET CB  HB3  sing N N 252 
MET CG  SD   sing N N 253 
MET CG  HG2  sing N N 254 
MET CG  HG3  sing N N 255 
MET SD  CE   sing N N 256 
MET CE  HE1  sing N N 257 
MET CE  HE2  sing N N 258 
MET CE  HE3  sing N N 259 
MET OXT HXT  sing N N 260 
NH2 N   HN1  sing N N 261 
NH2 N   HN2  sing N N 262 
PHE N   CA   sing N N 263 
PHE N   H    sing N N 264 
PHE N   H2   sing N N 265 
PHE CA  C    sing N N 266 
PHE CA  CB   sing N N 267 
PHE CA  HA   sing N N 268 
PHE C   O    doub N N 269 
PHE C   OXT  sing N N 270 
PHE CB  CG   sing N N 271 
PHE CB  HB2  sing N N 272 
PHE CB  HB3  sing N N 273 
PHE CG  CD1  doub Y N 274 
PHE CG  CD2  sing Y N 275 
PHE CD1 CE1  sing Y N 276 
PHE CD1 HD1  sing N N 277 
PHE CD2 CE2  doub Y N 278 
PHE CD2 HD2  sing N N 279 
PHE CE1 CZ   doub Y N 280 
PHE CE1 HE1  sing N N 281 
PHE CE2 CZ   sing Y N 282 
PHE CE2 HE2  sing N N 283 
PHE CZ  HZ   sing N N 284 
PHE OXT HXT  sing N N 285 
PRO N   CA   sing N N 286 
PRO N   CD   sing N N 287 
PRO N   H    sing N N 288 
PRO CA  C    sing N N 289 
PRO CA  CB   sing N N 290 
PRO CA  HA   sing N N 291 
PRO C   O    doub N N 292 
PRO C   OXT  sing N N 293 
PRO CB  CG   sing N N 294 
PRO CB  HB2  sing N N 295 
PRO CB  HB3  sing N N 296 
PRO CG  CD   sing N N 297 
PRO CG  HG2  sing N N 298 
PRO CG  HG3  sing N N 299 
PRO CD  HD2  sing N N 300 
PRO CD  HD3  sing N N 301 
PRO OXT HXT  sing N N 302 
PTR N   CA   sing N N 303 
PTR N   H    sing N N 304 
PTR N   H2   sing N N 305 
PTR CA  C    sing N N 306 
PTR CA  CB   sing N N 307 
PTR CA  HA   sing N N 308 
PTR C   O    doub N N 309 
PTR C   OXT  sing N N 310 
PTR OXT HXT  sing N N 311 
PTR CB  CG   sing N N 312 
PTR CB  HB2  sing N N 313 
PTR CB  HB3  sing N N 314 
PTR CG  CD1  doub Y N 315 
PTR CG  CD2  sing Y N 316 
PTR CD1 CE1  sing Y N 317 
PTR CD1 HD1  sing N N 318 
PTR CD2 CE2  doub Y N 319 
PTR CD2 HD2  sing N N 320 
PTR CE1 CZ   doub Y N 321 
PTR CE1 HE1  sing N N 322 
PTR CE2 CZ   sing Y N 323 
PTR CE2 HE2  sing N N 324 
PTR CZ  OH   sing N N 325 
PTR OH  P    sing N N 326 
PTR P   O1P  doub N N 327 
PTR P   O2P  sing N N 328 
PTR P   O3P  sing N N 329 
PTR O2P HO2P sing N N 330 
PTR O3P HO3P sing N N 331 
SER N   CA   sing N N 332 
SER N   H    sing N N 333 
SER N   H2   sing N N 334 
SER CA  C    sing N N 335 
SER CA  CB   sing N N 336 
SER CA  HA   sing N N 337 
SER C   O    doub N N 338 
SER C   OXT  sing N N 339 
SER CB  OG   sing N N 340 
SER CB  HB2  sing N N 341 
SER CB  HB3  sing N N 342 
SER OG  HG   sing N N 343 
SER OXT HXT  sing N N 344 
THR N   CA   sing N N 345 
THR N   H    sing N N 346 
THR N   H2   sing N N 347 
THR CA  C    sing N N 348 
THR CA  CB   sing N N 349 
THR CA  HA   sing N N 350 
THR C   O    doub N N 351 
THR C   OXT  sing N N 352 
THR CB  OG1  sing N N 353 
THR CB  CG2  sing N N 354 
THR CB  HB   sing N N 355 
THR OG1 HG1  sing N N 356 
THR CG2 HG21 sing N N 357 
THR CG2 HG22 sing N N 358 
THR CG2 HG23 sing N N 359 
THR OXT HXT  sing N N 360 
TRP N   CA   sing N N 361 
TRP N   H    sing N N 362 
TRP N   H2   sing N N 363 
TRP CA  C    sing N N 364 
TRP CA  CB   sing N N 365 
TRP CA  HA   sing N N 366 
TRP C   O    doub N N 367 
TRP C   OXT  sing N N 368 
TRP CB  CG   sing N N 369 
TRP CB  HB2  sing N N 370 
TRP CB  HB3  sing N N 371 
TRP CG  CD1  doub Y N 372 
TRP CG  CD2  sing Y N 373 
TRP CD1 NE1  sing Y N 374 
TRP CD1 HD1  sing N N 375 
TRP CD2 CE2  doub Y N 376 
TRP CD2 CE3  sing Y N 377 
TRP NE1 CE2  sing Y N 378 
TRP NE1 HE1  sing N N 379 
TRP CE2 CZ2  sing Y N 380 
TRP CE3 CZ3  doub Y N 381 
TRP CE3 HE3  sing N N 382 
TRP CZ2 CH2  doub Y N 383 
TRP CZ2 HZ2  sing N N 384 
TRP CZ3 CH2  sing Y N 385 
TRP CZ3 HZ3  sing N N 386 
TRP CH2 HH2  sing N N 387 
TRP OXT HXT  sing N N 388 
TYR N   CA   sing N N 389 
TYR N   H    sing N N 390 
TYR N   H2   sing N N 391 
TYR CA  C    sing N N 392 
TYR CA  CB   sing N N 393 
TYR CA  HA   sing N N 394 
TYR C   O    doub N N 395 
TYR C   OXT  sing N N 396 
TYR CB  CG   sing N N 397 
TYR CB  HB2  sing N N 398 
TYR CB  HB3  sing N N 399 
TYR CG  CD1  doub Y N 400 
TYR CG  CD2  sing Y N 401 
TYR CD1 CE1  sing Y N 402 
TYR CD1 HD1  sing N N 403 
TYR CD2 CE2  doub Y N 404 
TYR CD2 HD2  sing N N 405 
TYR CE1 CZ   doub Y N 406 
TYR CE1 HE1  sing N N 407 
TYR CE2 CZ   sing Y N 408 
TYR CE2 HE2  sing N N 409 
TYR CZ  OH   sing N N 410 
TYR OH  HH   sing N N 411 
TYR OXT HXT  sing N N 412 
VAL N   CA   sing N N 413 
VAL N   H    sing N N 414 
VAL N   H2   sing N N 415 
VAL CA  C    sing N N 416 
VAL CA  CB   sing N N 417 
VAL CA  HA   sing N N 418 
VAL C   O    doub N N 419 
VAL C   OXT  sing N N 420 
VAL CB  CG1  sing N N 421 
VAL CB  CG2  sing N N 422 
VAL CB  HB   sing N N 423 
VAL CG1 HG11 sing N N 424 
VAL CG1 HG12 sing N N 425 
VAL CG1 HG13 sing N N 426 
VAL CG2 HG21 sing N N 427 
VAL CG2 HG22 sing N N 428 
VAL CG2 HG23 sing N N 429 
VAL OXT HXT  sing N N 430 
# 
loop_
_pdbx_entity_nonpoly.entity_id 
_pdbx_entity_nonpoly.name 
_pdbx_entity_nonpoly.comp_id 
3 GLYCEROL      GOL 
4 'FORMIC ACID' FMT 
5 'SODIUM ION'  NA  
6 water         HOH 
# 
_pdbx_initial_refinement_model.id               1 
_pdbx_initial_refinement_model.entity_id_list   ? 
_pdbx_initial_refinement_model.type             'experimental model' 
_pdbx_initial_refinement_model.source_name      PDB 
_pdbx_initial_refinement_model.accession_code   3C71 
_pdbx_initial_refinement_model.details          'PDB entry 3C71' 
# 
